data_2EAB
#
_entry.id   2EAB
#
_cell.length_a   90.183
_cell.length_b   112.035
_cell.length_c   98.317
_cell.angle_alpha   90.00
_cell.angle_beta   94.74
_cell.angle_gamma   90.00
#
_symmetry.space_group_name_H-M   'P 1 21 1'
#
loop_
_entity.id
_entity.type
_entity.pdbx_description
1 polymer Alpha-fucosidase
2 non-polymer 'CALCIUM ION'
3 non-polymer 1,2-ETHANEDIOL
4 non-polymer 2-AMINO-2-HYDROXYMETHYL-PROPANE-1,3-DIOL
5 water water
#
_entity_poly.entity_id   1
_entity_poly.type   'polypeptide(L)'
_entity_poly.pdbx_seq_one_letter_code
;MVIASVEDGGDGDTSKDDWLWYKQPASQTDATATAGGNYGNPDNNRWQQTTLPFGNGKIGGTVWGEVSRERVTFNEETLW
TGGPGSSTSYNGGNNETKGQNGATLRALNKQLANGAETVNPGNLTGGENAAEQGNYLNWGDIYLDYGFNDTTVTEYRRDL
NLSKGKADVTFKHDGVTYTREYFASNPDNVMVARLTASKAGKLNFNVSMPTNTNYSKTGETTTVKGDTLTVKGALGNNGL
LYNSQIKVVLDNGEGTLSEGSDGASLKVSDAKAVTLYIAAATDYKQKYPSYRTGETAAEVNTRVAKVVQDAANKGYTAVK
KAHIDDHSAIYDRVKIDLGQSGHSSDGAVATDALLKAYQRGSATTAQKRELETLVYKYGRYLTIGSSRENSQLPSNLQGI
WSVTAGDNAHGNTPWGSDFHMNVNLQMNYWPTYSANMGELAEPLIEYVEGLVKPGRVTAKVYAGAETTNPETTPIGEGEG
YMAHTENTAYGWTAPGQSFSWGWSPAAVPWILQNVYEAYEYSGDPALLDRVYALLKEESHFYVNYMLHKAGSSSGDRLTT
GVAYSPEQGPLGTDGNTYESSLVWQMLNDAIEAAKAKGDPDGLVGNTTDCSADNWAKNDSGNFTDANANRSWSCAKSLLK
PIEVGDSGQIKEWYFEGALGKKKDGSTISGYQADNQHRHMSHLLGLFPGDLITIDNSEYMDAAKTSLRYRCFKGNVLQSN
TGWAIGQRINSWARTGDGNTTYQLVELQLKNAMYANLFDYHAPFQIDGNFGNTSGVDEMLLQSNSTFTDTAGKKYVNYTN
ILPALPDAWAGGSVSGLVARGNFTVGTTWKNGKATEVRLTSNKGKQAAVKITAGGAQNYEVKNGDTAVNAKVVTNADGAS
LLVFDTTAGTTYTITKKAS
;
_entity_poly.pdbx_strand_id   A,B
#
# COMPACT_ATOMS: atom_id res chain seq x y z
N GLY A 10 -32.26 -35.07 37.00
CA GLY A 10 -33.19 -34.08 36.40
C GLY A 10 -32.68 -32.65 36.44
N ASP A 11 -33.26 -31.80 35.61
CA ASP A 11 -32.89 -30.39 35.54
C ASP A 11 -33.66 -29.53 36.54
N GLY A 12 -34.85 -29.99 36.91
CA GLY A 12 -35.74 -29.24 37.79
C GLY A 12 -36.31 -28.03 37.08
N ASP A 13 -36.49 -26.95 37.83
CA ASP A 13 -37.06 -25.72 37.31
C ASP A 13 -36.03 -24.91 36.51
N THR A 14 -36.16 -24.94 35.19
CA THR A 14 -35.26 -24.22 34.29
C THR A 14 -35.88 -22.94 33.72
N SER A 15 -37.07 -22.59 34.22
CA SER A 15 -37.83 -21.43 33.72
C SER A 15 -37.08 -20.10 33.83
N LYS A 16 -36.19 -20.00 34.81
CA LYS A 16 -35.45 -18.76 35.07
C LYS A 16 -34.04 -18.78 34.48
N ASP A 17 -33.69 -19.86 33.80
CA ASP A 17 -32.38 -20.00 33.17
C ASP A 17 -32.31 -19.22 31.86
N ASP A 18 -31.10 -18.82 31.49
CA ASP A 18 -30.86 -18.12 30.23
C ASP A 18 -30.58 -19.14 29.13
N TRP A 19 -31.39 -19.10 28.07
CA TRP A 19 -31.27 -20.04 26.95
C TRP A 19 -31.08 -19.34 25.62
N LEU A 20 -30.17 -19.89 24.82
CA LEU A 20 -30.28 -19.75 23.36
C LEU A 20 -31.04 -21.00 22.93
N TRP A 21 -32.05 -20.84 22.08
CA TRP A 21 -32.85 -22.00 21.69
C TRP A 21 -33.41 -21.91 20.27
N TYR A 22 -33.63 -23.07 19.66
CA TYR A 22 -33.95 -23.20 18.24
C TYR A 22 -34.93 -24.34 18.03
N LYS A 23 -35.83 -24.14 17.07
CA LYS A 23 -36.87 -25.11 16.77
C LYS A 23 -36.48 -26.09 15.66
N GLN A 24 -35.22 -26.07 15.25
CA GLN A 24 -34.73 -26.95 14.19
C GLN A 24 -33.23 -27.20 14.35
N PRO A 25 -32.72 -28.33 13.81
CA PRO A 25 -31.29 -28.63 13.83
C PRO A 25 -30.42 -27.57 13.17
N ALA A 26 -29.11 -27.62 13.45
CA ALA A 26 -28.15 -26.73 12.82
C ALA A 26 -28.28 -26.73 11.29
N SER A 27 -28.43 -27.92 10.70
CA SER A 27 -28.55 -28.07 9.24
C SER A 27 -29.72 -27.29 8.64
N GLN A 28 -30.72 -26.98 9.46
CA GLN A 28 -31.92 -26.28 9.01
C GLN A 28 -32.01 -24.85 9.54
N THR A 29 -30.93 -24.38 10.18
CA THR A 29 -30.88 -23.06 10.78
C THR A 29 -30.22 -22.08 9.80
N ASP A 30 -30.68 -20.84 9.79
CA ASP A 30 -30.19 -19.80 8.90
C ASP A 30 -28.68 -19.61 9.02
N ALA A 31 -27.98 -19.85 7.92
CA ALA A 31 -26.53 -19.64 7.84
C ALA A 31 -26.19 -18.73 6.66
N THR A 32 -27.05 -17.74 6.42
CA THR A 32 -26.97 -16.89 5.23
C THR A 32 -26.15 -15.62 5.42
N ALA A 33 -25.64 -15.37 6.62
CA ALA A 33 -24.76 -14.22 6.83
C ALA A 33 -23.42 -14.44 6.13
N THR A 34 -22.68 -13.35 5.93
CA THR A 34 -21.38 -13.41 5.27
C THR A 34 -20.50 -14.50 5.88
N ALA A 35 -19.98 -15.39 5.03
CA ALA A 35 -19.17 -16.52 5.46
C ALA A 35 -17.75 -16.11 5.85
N GLY A 36 -17.13 -15.29 5.02
CA GLY A 36 -15.76 -14.84 5.26
C GLY A 36 -14.72 -15.83 4.75
N GLY A 37 -13.46 -15.42 4.78
CA GLY A 37 -12.35 -16.24 4.33
C GLY A 37 -12.27 -17.57 5.06
N ASN A 38 -11.91 -18.61 4.30
CA ASN A 38 -11.76 -19.99 4.77
C ASN A 38 -13.07 -20.74 5.02
N TYR A 39 -14.20 -20.10 4.74
CA TYR A 39 -15.50 -20.75 4.94
C TYR A 39 -16.31 -20.91 3.66
N GLY A 40 -15.61 -21.15 2.56
CA GLY A 40 -16.25 -21.41 1.26
C GLY A 40 -16.96 -22.75 1.20
N ASN A 41 -16.53 -23.70 2.03
CA ASN A 41 -17.22 -24.98 2.18
C ASN A 41 -18.50 -24.74 2.99
N PRO A 42 -19.67 -24.98 2.39
CA PRO A 42 -20.95 -24.71 3.07
C PRO A 42 -21.10 -25.42 4.42
N ASP A 43 -20.50 -26.59 4.57
CA ASP A 43 -20.59 -27.32 5.84
C ASP A 43 -19.81 -26.62 6.97
N ASN A 44 -18.63 -26.10 6.63
CA ASN A 44 -17.85 -25.31 7.59
C ASN A 44 -18.55 -24.01 7.93
N ASN A 45 -19.14 -23.36 6.92
CA ASN A 45 -19.91 -22.16 7.18
C ASN A 45 -21.12 -22.44 8.07
N ARG A 46 -21.80 -23.56 7.81
CA ARG A 46 -22.93 -23.93 8.66
C ARG A 46 -22.47 -24.09 10.12
N TRP A 47 -21.33 -24.74 10.31
CA TRP A 47 -20.78 -24.92 11.65
C TRP A 47 -20.70 -23.59 12.41
N GLN A 48 -20.08 -22.58 11.79
CA GLN A 48 -19.77 -21.34 12.52
C GLN A 48 -21.00 -20.50 12.80
N GLN A 49 -22.06 -20.67 12.01
CA GLN A 49 -23.24 -19.83 12.13
C GLN A 49 -24.35 -20.42 13.00
N THR A 50 -24.31 -21.73 13.22
CA THR A 50 -25.49 -22.42 13.75
C THR A 50 -25.28 -23.35 14.95
N THR A 51 -24.05 -23.77 15.22
CA THR A 51 -23.82 -24.76 16.29
C THR A 51 -23.64 -24.09 17.65
N LEU A 52 -23.83 -24.86 18.71
CA LEU A 52 -23.86 -24.30 20.06
C LEU A 52 -22.68 -24.81 20.89
N PRO A 53 -21.84 -23.88 21.37
CA PRO A 53 -20.60 -24.23 22.05
C PRO A 53 -20.72 -24.49 23.54
N PHE A 54 -19.89 -25.39 24.02
CA PHE A 54 -19.70 -25.60 25.45
C PHE A 54 -18.26 -26.09 25.65
N GLY A 55 -17.75 -25.92 26.87
CA GLY A 55 -16.39 -26.35 27.15
C GLY A 55 -16.05 -26.26 28.62
N ASN A 56 -14.89 -26.80 28.98
CA ASN A 56 -14.39 -26.72 30.34
C ASN A 56 -13.07 -25.93 30.43
N GLY A 57 -12.82 -25.11 29.42
CA GLY A 57 -11.57 -24.36 29.31
C GLY A 57 -10.47 -25.12 28.59
N LYS A 58 -10.68 -26.43 28.38
CA LYS A 58 -9.66 -27.30 27.80
C LYS A 58 -10.20 -28.10 26.63
N ILE A 59 -11.24 -28.90 26.86
CA ILE A 59 -11.98 -29.52 25.77
C ILE A 59 -13.27 -28.76 25.51
N GLY A 60 -13.70 -28.78 24.25
CA GLY A 60 -14.90 -28.10 23.86
C GLY A 60 -15.69 -28.89 22.83
N GLY A 61 -16.99 -28.65 22.82
CA GLY A 61 -17.87 -29.19 21.80
C GLY A 61 -18.71 -28.09 21.18
N THR A 62 -19.14 -28.33 19.94
CA THR A 62 -20.13 -27.49 19.29
C THR A 62 -21.21 -28.41 18.73
N VAL A 63 -22.42 -28.28 19.27
CA VAL A 63 -23.51 -29.23 19.06
C VAL A 63 -24.35 -28.84 17.85
N TRP A 64 -24.57 -29.81 16.96
CA TRP A 64 -25.40 -29.58 15.79
C TRP A 64 -26.88 -29.88 16.05
N GLY A 65 -27.15 -30.92 16.84
CA GLY A 65 -28.52 -31.31 17.16
C GLY A 65 -29.25 -31.97 16.00
N GLU A 66 -28.52 -32.68 15.15
CA GLU A 66 -29.13 -33.39 14.03
C GLU A 66 -29.97 -34.56 14.51
N VAL A 67 -31.04 -34.85 13.78
CA VAL A 67 -31.99 -35.88 14.20
C VAL A 67 -31.37 -37.28 14.19
N SER A 68 -30.86 -37.70 13.03
CA SER A 68 -30.34 -39.06 12.89
C SER A 68 -28.83 -39.15 13.08
N ARG A 69 -28.06 -38.44 12.25
CA ARG A 69 -26.60 -38.47 12.39
C ARG A 69 -26.17 -37.24 13.19
N GLU A 70 -26.30 -37.37 14.51
CA GLU A 70 -25.92 -36.31 15.42
C GLU A 70 -24.41 -36.08 15.37
N ARG A 71 -24.03 -34.83 15.56
CA ARG A 71 -22.64 -34.39 15.43
C ARG A 71 -22.32 -33.39 16.54
N VAL A 72 -21.21 -33.64 17.22
CA VAL A 72 -20.62 -32.66 18.13
C VAL A 72 -19.18 -32.43 17.67
N THR A 73 -18.93 -31.26 17.11
CA THR A 73 -17.58 -30.90 16.66
C THR A 73 -16.70 -30.74 17.90
N PHE A 74 -15.50 -31.30 17.85
CA PHE A 74 -14.69 -31.49 19.05
C PHE A 74 -13.35 -30.76 18.98
N ASN A 75 -12.97 -30.17 20.11
CA ASN A 75 -11.70 -29.46 20.25
C ASN A 75 -11.00 -29.78 21.56
N GLU A 76 -9.67 -29.72 21.53
CA GLU A 76 -8.88 -29.61 22.74
C GLU A 76 -7.87 -28.47 22.53
N GLU A 77 -7.72 -27.63 23.55
CA GLU A 77 -7.03 -26.34 23.46
C GLU A 77 -5.57 -26.42 23.02
N THR A 78 -4.92 -27.57 23.25
CA THR A 78 -3.48 -27.68 22.97
C THR A 78 -3.15 -28.36 21.65
N LEU A 79 -4.16 -28.65 20.82
CA LEU A 79 -3.90 -29.32 19.54
C LEU A 79 -3.42 -28.29 18.53
N TRP A 80 -2.11 -28.05 18.59
CA TRP A 80 -1.44 -26.99 17.86
C TRP A 80 -0.28 -27.58 17.05
N THR A 81 -0.27 -27.33 15.74
CA THR A 81 0.92 -27.60 14.94
C THR A 81 1.94 -26.48 15.14
N GLY A 82 3.13 -26.66 14.57
CA GLY A 82 4.23 -25.71 14.72
C GLY A 82 5.14 -26.04 15.88
N GLY A 83 6.12 -25.18 16.13
CA GLY A 83 6.97 -25.30 17.30
C GLY A 83 8.10 -26.30 17.14
N PRO A 84 8.76 -26.65 18.26
CA PRO A 84 9.89 -27.56 18.16
C PRO A 84 9.45 -28.89 17.56
N GLY A 85 10.28 -29.44 16.67
CA GLY A 85 9.93 -30.66 15.97
C GLY A 85 9.31 -30.44 14.61
N SER A 86 8.88 -29.21 14.31
CA SER A 86 8.31 -28.90 13.00
C SER A 86 9.38 -28.63 11.93
N SER A 87 10.61 -28.44 12.38
CA SER A 87 11.80 -28.32 11.54
C SER A 87 12.98 -28.74 12.41
N THR A 88 14.16 -28.80 11.81
CA THR A 88 15.37 -29.14 12.57
C THR A 88 16.00 -27.91 13.22
N SER A 89 15.41 -26.74 13.01
CA SER A 89 16.03 -25.48 13.45
C SER A 89 15.07 -24.49 14.09
N TYR A 90 13.93 -24.96 14.57
CA TYR A 90 12.93 -24.07 15.16
C TYR A 90 13.53 -23.14 16.21
N ASN A 91 13.31 -21.84 16.01
CA ASN A 91 13.83 -20.80 16.88
C ASN A 91 12.83 -19.65 17.01
N GLY A 92 11.55 -20.01 17.13
CA GLY A 92 10.49 -19.03 17.35
C GLY A 92 10.26 -18.05 16.22
N GLY A 93 10.78 -18.38 15.03
CA GLY A 93 10.67 -17.54 13.86
C GLY A 93 11.75 -16.48 13.72
N ASN A 94 12.65 -16.38 14.71
CA ASN A 94 13.64 -15.30 14.70
C ASN A 94 14.62 -15.40 13.55
N ASN A 95 14.85 -14.28 12.88
CA ASN A 95 15.76 -14.23 11.76
C ASN A 95 16.97 -13.34 12.08
N GLU A 96 18.10 -13.98 12.36
CA GLU A 96 19.30 -13.26 12.73
C GLU A 96 19.84 -12.36 11.63
N THR A 97 19.65 -12.76 10.37
CA THR A 97 20.11 -11.95 9.25
C THR A 97 19.32 -10.63 9.15
N LYS A 98 18.05 -10.68 9.53
CA LYS A 98 17.20 -9.50 9.53
C LYS A 98 17.51 -8.60 10.73
N GLY A 99 17.56 -9.18 11.93
CA GLY A 99 17.71 -8.40 13.15
C GLY A 99 19.10 -7.84 13.38
N GLN A 100 20.12 -8.63 13.07
CA GLN A 100 21.52 -8.22 13.23
C GLN A 100 21.83 -7.74 14.65
N ASN A 101 21.31 -8.48 15.63
CA ASN A 101 21.49 -8.16 17.05
C ASN A 101 21.18 -6.69 17.38
N GLY A 102 20.09 -6.19 16.80
CA GLY A 102 19.63 -4.84 17.04
C GLY A 102 20.12 -3.77 16.09
N ALA A 103 21.10 -4.12 15.24
CA ALA A 103 21.73 -3.12 14.37
C ALA A 103 20.77 -2.55 13.32
N THR A 104 19.87 -3.38 12.82
CA THR A 104 18.91 -2.95 11.80
C THR A 104 17.99 -1.87 12.36
N LEU A 105 17.39 -2.17 13.52
CA LEU A 105 16.54 -1.25 14.23
C LEU A 105 17.29 0.04 14.60
N ARG A 106 18.49 -0.13 15.14
CA ARG A 106 19.33 1.00 15.56
C ARG A 106 19.58 1.98 14.42
N ALA A 107 19.91 1.45 13.25
CA ALA A 107 20.22 2.29 12.10
C ALA A 107 18.98 3.02 11.56
N LEU A 108 17.81 2.37 11.60
CA LEU A 108 16.57 3.01 11.18
C LEU A 108 16.23 4.16 12.12
N ASN A 109 16.39 3.92 13.42
CA ASN A 109 16.15 4.96 14.40
C ASN A 109 17.10 6.14 14.25
N LYS A 110 18.34 5.86 13.87
CA LYS A 110 19.33 6.91 13.61
C LYS A 110 18.88 7.78 12.42
N GLN A 111 18.39 7.15 11.37
CA GLN A 111 17.86 7.90 10.23
C GLN A 111 16.75 8.87 10.66
N LEU A 112 15.83 8.37 11.48
CA LEU A 112 14.76 9.20 12.02
C LEU A 112 15.29 10.31 12.95
N ALA A 113 16.21 9.96 13.83
CA ALA A 113 16.80 10.94 14.75
C ALA A 113 17.53 12.06 14.00
N ASN A 114 18.08 11.71 12.84
CA ASN A 114 18.78 12.68 11.99
C ASN A 114 17.84 13.55 11.14
N GLY A 115 16.54 13.32 11.25
CA GLY A 115 15.56 14.21 10.64
C GLY A 115 14.64 13.64 9.59
N ALA A 116 14.81 12.35 9.25
CA ALA A 116 13.89 11.70 8.32
C ALA A 116 12.48 11.65 8.91
N GLU A 117 11.48 11.95 8.07
CA GLU A 117 10.08 11.86 8.46
C GLU A 117 9.59 10.42 8.36
N THR A 118 10.16 9.68 7.42
CA THR A 118 9.84 8.28 7.22
C THR A 118 11.10 7.51 6.86
N VAL A 119 11.08 6.21 7.14
CA VAL A 119 12.14 5.30 6.73
C VAL A 119 11.50 4.02 6.18
N ASN A 120 12.31 3.14 5.61
CA ASN A 120 11.82 1.84 5.16
C ASN A 120 12.24 0.76 6.14
N PRO A 121 11.30 0.34 7.01
CA PRO A 121 11.62 -0.67 8.02
C PRO A 121 11.39 -2.10 7.53
N GLY A 122 11.32 -2.31 6.22
CA GLY A 122 10.97 -3.59 5.63
C GLY A 122 11.84 -4.79 5.99
N ASN A 123 13.08 -4.55 6.43
CA ASN A 123 13.97 -5.63 6.84
C ASN A 123 13.68 -6.17 8.24
N LEU A 124 12.79 -5.51 8.99
CA LEU A 124 12.47 -5.96 10.35
C LEU A 124 11.40 -7.03 10.33
N THR A 125 11.80 -8.23 9.91
CA THR A 125 10.88 -9.34 9.69
C THR A 125 11.44 -10.66 10.22
N GLY A 126 10.57 -11.66 10.26
CA GLY A 126 10.95 -13.02 10.63
C GLY A 126 9.79 -13.94 10.28
N GLY A 127 9.81 -15.14 10.84
CA GLY A 127 8.65 -16.01 10.81
C GLY A 127 8.22 -16.48 9.43
N GLU A 128 9.20 -16.87 8.61
CA GLU A 128 8.93 -17.20 7.21
C GLU A 128 8.36 -18.59 6.97
N ASN A 129 8.58 -19.51 7.91
CA ASN A 129 8.22 -20.91 7.72
C ASN A 129 6.86 -21.21 8.35
N ALA A 130 5.84 -21.35 7.51
CA ALA A 130 4.47 -21.56 7.97
C ALA A 130 4.28 -22.87 8.74
N ALA A 131 5.12 -23.86 8.46
CA ALA A 131 5.09 -25.13 9.20
C ALA A 131 5.64 -24.98 10.61
N GLU A 132 6.60 -24.07 10.78
CA GLU A 132 7.12 -23.74 12.12
C GLU A 132 6.12 -22.91 12.90
N GLN A 133 5.46 -21.97 12.23
CA GLN A 133 4.48 -21.15 12.91
C GLN A 133 3.33 -22.02 13.41
N GLY A 134 2.80 -22.85 12.50
CA GLY A 134 1.68 -23.71 12.84
C GLY A 134 0.41 -22.93 13.08
N ASN A 135 -0.56 -23.61 13.68
CA ASN A 135 -1.89 -23.06 13.95
C ASN A 135 -2.67 -23.99 14.86
N TYR A 136 -3.81 -23.52 15.33
CA TYR A 136 -4.74 -24.30 16.12
C TYR A 136 -5.57 -25.19 15.19
N LEU A 137 -5.73 -26.46 15.57
CA LEU A 137 -6.48 -27.43 14.78
C LEU A 137 -7.82 -27.79 15.41
N ASN A 138 -8.86 -27.86 14.58
CA ASN A 138 -10.02 -28.65 14.96
C ASN A 138 -9.53 -30.08 15.20
N TRP A 139 -9.91 -30.66 16.34
CA TRP A 139 -9.51 -32.03 16.66
C TRP A 139 -10.23 -33.00 15.74
N GLY A 140 -11.56 -32.91 15.71
CA GLY A 140 -12.39 -33.75 14.87
C GLY A 140 -13.83 -33.58 15.26
N ASP A 141 -14.57 -34.70 15.25
CA ASP A 141 -15.99 -34.71 15.60
C ASP A 141 -16.35 -35.97 16.35
N ILE A 142 -17.39 -35.86 17.18
CA ILE A 142 -18.09 -37.01 17.72
C ILE A 142 -19.37 -37.18 16.91
N TYR A 143 -19.56 -38.36 16.32
CA TYR A 143 -20.80 -38.68 15.61
C TYR A 143 -21.61 -39.72 16.38
N LEU A 144 -22.89 -39.43 16.54
CA LEU A 144 -23.84 -40.34 17.17
C LEU A 144 -24.92 -40.65 16.13
N ASP A 145 -24.76 -41.79 15.45
CA ASP A 145 -25.62 -42.12 14.32
C ASP A 145 -26.75 -43.05 14.75
N TYR A 146 -27.96 -42.50 14.77
CA TYR A 146 -29.16 -43.21 15.22
C TYR A 146 -29.75 -44.09 14.12
N GLY A 147 -29.34 -43.85 12.88
CA GLY A 147 -29.77 -44.65 11.73
C GLY A 147 -31.27 -44.66 11.46
N PHE A 148 -31.91 -43.51 11.66
CA PHE A 148 -33.34 -43.36 11.35
C PHE A 148 -33.54 -43.41 9.83
N ASN A 149 -34.62 -44.05 9.40
CA ASN A 149 -34.97 -44.12 7.99
C ASN A 149 -35.58 -42.82 7.48
N ASP A 150 -36.35 -42.16 8.35
CA ASP A 150 -36.99 -40.88 8.04
C ASP A 150 -36.65 -39.85 9.12
N THR A 151 -36.26 -38.66 8.69
CA THR A 151 -35.83 -37.58 9.58
C THR A 151 -37.00 -36.80 10.19
N THR A 152 -38.21 -37.16 9.79
CA THR A 152 -39.42 -36.44 10.21
C THR A 152 -39.65 -36.54 11.71
N VAL A 153 -39.77 -35.38 12.34
CA VAL A 153 -39.98 -35.30 13.79
C VAL A 153 -40.99 -34.21 14.16
N THR A 154 -41.46 -34.27 15.41
CA THR A 154 -42.24 -33.19 16.01
C THR A 154 -41.63 -32.87 17.37
N GLU A 155 -42.09 -31.77 17.97
CA GLU A 155 -41.64 -31.34 19.30
C GLU A 155 -40.13 -31.19 19.41
N TYR A 156 -39.52 -30.77 18.30
CA TYR A 156 -38.07 -30.56 18.26
C TYR A 156 -37.67 -29.28 18.95
N ARG A 157 -36.67 -29.37 19.82
CA ARG A 157 -35.98 -28.20 20.33
C ARG A 157 -34.52 -28.52 20.59
N ARG A 158 -33.63 -27.59 20.25
CA ARG A 158 -32.25 -27.62 20.74
C ARG A 158 -31.98 -26.31 21.46
N ASP A 159 -31.20 -26.40 22.53
CA ASP A 159 -30.89 -25.21 23.30
C ASP A 159 -29.50 -25.26 23.91
N LEU A 160 -29.05 -24.09 24.33
CA LEU A 160 -27.86 -23.94 25.13
C LEU A 160 -28.27 -23.21 26.39
N ASN A 161 -28.18 -23.90 27.51
CA ASN A 161 -28.52 -23.33 28.80
C ASN A 161 -27.27 -22.68 29.38
N LEU A 162 -27.21 -21.35 29.25
CA LEU A 162 -26.05 -20.59 29.69
C LEU A 162 -25.90 -20.64 31.20
N SER A 163 -27.03 -20.78 31.90
CA SER A 163 -27.03 -20.78 33.36
C SER A 163 -26.47 -22.06 33.97
N LYS A 164 -26.74 -23.19 33.31
CA LYS A 164 -26.29 -24.48 33.79
C LYS A 164 -25.08 -25.03 33.02
N GLY A 165 -24.68 -24.33 31.96
CA GLY A 165 -23.52 -24.72 31.17
C GLY A 165 -23.69 -26.06 30.47
N LYS A 166 -24.81 -26.23 29.80
CA LYS A 166 -25.05 -27.46 29.06
C LYS A 166 -25.91 -27.21 27.83
N ALA A 167 -25.74 -28.09 26.84
CA ALA A 167 -26.53 -28.05 25.62
C ALA A 167 -27.52 -29.22 25.63
N ASP A 168 -28.73 -28.96 25.14
CA ASP A 168 -29.80 -29.96 25.14
C ASP A 168 -30.38 -30.13 23.74
N VAL A 169 -30.84 -31.34 23.46
CA VAL A 169 -31.61 -31.64 22.24
C VAL A 169 -32.77 -32.56 22.62
N THR A 170 -33.94 -32.28 22.07
CA THR A 170 -35.11 -33.14 22.24
C THR A 170 -35.95 -33.16 20.97
N PHE A 171 -36.57 -34.31 20.69
CA PHE A 171 -37.52 -34.45 19.60
C PHE A 171 -38.31 -35.73 19.74
N LYS A 172 -39.46 -35.78 19.06
CA LYS A 172 -40.27 -36.99 19.01
C LYS A 172 -40.21 -37.57 17.60
N HIS A 173 -39.77 -38.82 17.49
CA HIS A 173 -39.66 -39.51 16.22
C HIS A 173 -40.42 -40.84 16.30
N ASP A 174 -41.41 -41.00 15.41
CA ASP A 174 -42.22 -42.21 15.34
C ASP A 174 -42.73 -42.66 16.71
N GLY A 175 -43.23 -41.72 17.49
CA GLY A 175 -43.83 -42.00 18.80
C GLY A 175 -42.90 -41.99 19.99
N VAL A 176 -41.59 -41.96 19.73
CA VAL A 176 -40.58 -42.02 20.79
C VAL A 176 -39.88 -40.67 20.96
N THR A 177 -39.78 -40.21 22.20
CA THR A 177 -39.02 -38.99 22.51
C THR A 177 -37.56 -39.33 22.79
N TYR A 178 -36.67 -38.69 22.05
CA TYR A 178 -35.23 -38.84 22.24
C TYR A 178 -34.66 -37.56 22.81
N THR A 179 -33.83 -37.68 23.84
CA THR A 179 -33.16 -36.52 24.41
C THR A 179 -31.65 -36.68 24.43
N ARG A 180 -30.96 -35.54 24.34
CA ARG A 180 -29.51 -35.49 24.44
C ARG A 180 -29.14 -34.29 25.31
N GLU A 181 -28.11 -34.51 26.13
CA GLU A 181 -27.57 -33.45 26.98
C GLU A 181 -26.05 -33.54 26.92
N TYR A 182 -25.42 -32.38 26.73
CA TYR A 182 -23.97 -32.32 26.63
C TYR A 182 -23.40 -31.26 27.56
N PHE A 183 -22.32 -31.60 28.27
CA PHE A 183 -21.57 -30.61 29.02
C PHE A 183 -20.12 -31.04 29.17
N ALA A 184 -19.26 -30.10 29.52
CA ALA A 184 -17.86 -30.39 29.79
C ALA A 184 -17.53 -29.87 31.16
N SER A 185 -17.25 -30.80 32.07
CA SER A 185 -16.97 -30.48 33.45
C SER A 185 -15.52 -30.06 33.65
N ASN A 186 -15.34 -28.93 34.34
CA ASN A 186 -14.00 -28.55 34.78
C ASN A 186 -13.53 -29.39 35.97
N PRO A 187 -14.35 -29.50 37.05
CA PRO A 187 -13.91 -30.32 38.20
C PRO A 187 -13.51 -31.75 37.87
N ASP A 188 -14.23 -32.40 36.96
CA ASP A 188 -13.94 -33.79 36.62
C ASP A 188 -13.25 -33.95 35.26
N ASN A 189 -12.94 -32.80 34.64
CA ASN A 189 -12.12 -32.75 33.43
C ASN A 189 -12.61 -33.67 32.32
N VAL A 190 -13.90 -33.65 32.07
CA VAL A 190 -14.53 -34.66 31.22
C VAL A 190 -15.75 -34.11 30.53
N MET A 191 -15.97 -34.56 29.29
CA MET A 191 -17.16 -34.23 28.54
C MET A 191 -18.18 -35.35 28.74
N VAL A 192 -19.43 -34.96 28.94
CA VAL A 192 -20.51 -35.91 29.18
C VAL A 192 -21.58 -35.74 28.13
N ALA A 193 -22.01 -36.86 27.55
CA ALA A 193 -23.20 -36.90 26.71
C ALA A 193 -24.20 -37.88 27.32
N ARG A 194 -25.34 -37.36 27.75
CA ARG A 194 -26.40 -38.15 28.35
C ARG A 194 -27.50 -38.32 27.30
N LEU A 195 -27.76 -39.57 26.92
CA LEU A 195 -28.67 -39.88 25.82
C LEU A 195 -29.78 -40.79 26.31
N THR A 196 -31.03 -40.44 25.98
CA THR A 196 -32.19 -41.24 26.38
C THR A 196 -33.19 -41.46 25.26
N ALA A 197 -33.95 -42.54 25.39
CA ALA A 197 -35.17 -42.76 24.61
C ALA A 197 -36.31 -42.98 25.61
N SER A 198 -37.52 -42.57 25.25
CA SER A 198 -38.67 -42.64 26.17
C SER A 198 -39.22 -44.06 26.33
N LYS A 199 -38.90 -44.93 25.37
CA LYS A 199 -39.36 -46.32 25.40
C LYS A 199 -38.16 -47.26 25.46
N ALA A 200 -38.24 -48.26 26.34
CA ALA A 200 -37.17 -49.24 26.51
C ALA A 200 -36.84 -49.94 25.19
N GLY A 201 -35.54 -50.17 24.96
CA GLY A 201 -35.07 -50.85 23.75
C GLY A 201 -34.93 -49.95 22.53
N LYS A 202 -35.33 -48.68 22.66
CA LYS A 202 -35.37 -47.77 21.51
C LYS A 202 -34.11 -46.92 21.34
N LEU A 203 -33.20 -46.96 22.31
CA LEU A 203 -31.94 -46.24 22.15
C LEU A 203 -30.94 -47.11 21.40
N ASN A 204 -30.75 -46.76 20.12
CA ASN A 204 -29.86 -47.48 19.22
C ASN A 204 -29.03 -46.48 18.44
N PHE A 205 -27.70 -46.58 18.57
CA PHE A 205 -26.81 -45.67 17.85
C PHE A 205 -25.39 -46.19 17.75
N ASN A 206 -24.66 -45.65 16.78
CA ASN A 206 -23.25 -45.90 16.60
C ASN A 206 -22.48 -44.65 17.01
N VAL A 207 -21.47 -44.82 17.86
CA VAL A 207 -20.62 -43.70 18.25
C VAL A 207 -19.22 -43.82 17.65
N SER A 208 -18.79 -42.75 17.00
CA SER A 208 -17.45 -42.68 16.44
C SER A 208 -16.83 -41.32 16.77
N MET A 209 -15.51 -41.22 16.66
CA MET A 209 -14.82 -39.96 16.94
C MET A 209 -13.68 -39.73 15.95
N PRO A 210 -14.02 -39.52 14.67
CA PRO A 210 -13.00 -39.31 13.65
C PRO A 210 -12.26 -37.99 13.86
N THR A 211 -10.95 -38.03 13.73
CA THR A 211 -10.13 -36.83 13.70
C THR A 211 -10.35 -36.10 12.37
N ASN A 212 -10.12 -34.80 12.38
CA ASN A 212 -10.22 -34.00 11.17
C ASN A 212 -9.27 -34.59 10.13
N THR A 213 -9.78 -34.76 8.91
CA THR A 213 -9.05 -35.49 7.87
C THR A 213 -8.04 -34.62 7.12
N ASN A 214 -7.83 -33.38 7.56
CA ASN A 214 -7.03 -32.43 6.79
C ASN A 214 -5.65 -32.10 7.33
N TYR A 215 -5.37 -32.48 8.57
CA TYR A 215 -4.02 -32.38 9.10
C TYR A 215 -3.26 -33.69 8.95
N SER A 216 -1.95 -33.61 8.76
CA SER A 216 -1.15 -34.82 8.61
C SER A 216 -0.98 -35.53 9.96
N LYS A 217 -0.82 -36.85 9.88
CA LYS A 217 -0.80 -37.69 11.05
C LYS A 217 0.25 -38.77 10.89
N THR A 218 0.78 -39.21 12.02
CA THR A 218 1.67 -40.38 12.04
C THR A 218 1.13 -41.39 13.04
N GLY A 219 1.01 -42.64 12.59
CA GLY A 219 0.65 -43.76 13.44
C GLY A 219 -0.67 -43.67 14.17
N GLU A 220 -1.67 -43.03 13.57
CA GLU A 220 -2.98 -42.98 14.20
C GLU A 220 -3.68 -44.32 14.17
N THR A 221 -4.27 -44.71 15.30
CA THR A 221 -5.12 -45.89 15.37
C THR A 221 -6.44 -45.55 16.06
N THR A 222 -7.49 -46.27 15.66
CA THR A 222 -8.78 -46.24 16.33
C THR A 222 -9.11 -47.66 16.74
N THR A 223 -9.26 -47.88 18.04
CA THR A 223 -9.47 -49.22 18.56
C THR A 223 -10.55 -49.23 19.64
N VAL A 224 -11.18 -50.40 19.76
CA VAL A 224 -12.20 -50.62 20.78
C VAL A 224 -11.73 -51.71 21.74
N LYS A 225 -11.86 -51.46 23.04
CA LYS A 225 -11.67 -52.48 24.06
C LYS A 225 -12.78 -52.32 25.09
N GLY A 226 -13.64 -53.33 25.17
CA GLY A 226 -14.78 -53.29 26.09
C GLY A 226 -15.67 -52.10 25.80
N ASP A 227 -15.87 -51.27 26.81
CA ASP A 227 -16.79 -50.13 26.71
C ASP A 227 -16.17 -48.84 26.17
N THR A 228 -14.92 -48.91 25.69
CA THR A 228 -14.17 -47.70 25.35
C THR A 228 -13.59 -47.68 23.95
N LEU A 229 -13.84 -46.57 23.25
CA LEU A 229 -13.27 -46.27 21.95
C LEU A 229 -12.09 -45.32 22.13
N THR A 230 -10.95 -45.66 21.54
CA THR A 230 -9.74 -44.84 21.64
C THR A 230 -9.23 -44.44 20.27
N VAL A 231 -9.01 -43.14 20.09
CA VAL A 231 -8.33 -42.63 18.90
C VAL A 231 -7.05 -41.97 19.38
N LYS A 232 -5.91 -42.41 18.85
CA LYS A 232 -4.63 -41.87 19.29
C LYS A 232 -3.63 -41.87 18.15
N GLY A 233 -2.70 -40.92 18.19
CA GLY A 233 -1.67 -40.82 17.17
C GLY A 233 -0.76 -39.66 17.48
N ALA A 234 -0.03 -39.21 16.48
CA ALA A 234 0.84 -38.04 16.61
C ALA A 234 0.61 -37.13 15.41
N LEU A 235 0.68 -35.82 15.64
CA LEU A 235 0.59 -34.88 14.53
C LEU A 235 1.78 -35.08 13.61
N GLY A 236 1.53 -35.11 12.31
CA GLY A 236 2.59 -35.25 11.32
C GLY A 236 3.53 -34.05 11.30
N ASN A 237 2.98 -32.86 11.55
CA ASN A 237 3.78 -31.65 11.45
C ASN A 237 4.87 -31.53 12.51
N ASN A 238 4.59 -31.98 13.74
CA ASN A 238 5.52 -31.73 14.85
C ASN A 238 5.66 -32.85 15.88
N GLY A 239 5.00 -33.99 15.64
CA GLY A 239 5.09 -35.13 16.55
C GLY A 239 4.31 -35.02 17.84
N LEU A 240 3.51 -33.95 18.00
CA LEU A 240 2.65 -33.82 19.18
C LEU A 240 1.75 -35.05 19.32
N LEU A 241 1.74 -35.66 20.50
CA LEU A 241 0.92 -36.83 20.76
C LEU A 241 -0.50 -36.42 21.10
N TYR A 242 -1.47 -37.16 20.59
CA TYR A 242 -2.87 -36.91 20.93
C TYR A 242 -3.61 -38.22 21.21
N ASN A 243 -4.60 -38.13 22.07
CA ASN A 243 -5.36 -39.29 22.53
C ASN A 243 -6.74 -38.82 22.97
N SER A 244 -7.77 -39.44 22.42
CA SER A 244 -9.13 -39.21 22.89
C SER A 244 -9.83 -40.54 23.14
N GLN A 245 -10.71 -40.56 24.13
CA GLN A 245 -11.42 -41.77 24.51
C GLN A 245 -12.88 -41.48 24.83
N ILE A 246 -13.75 -42.39 24.40
CA ILE A 246 -15.16 -42.35 24.73
C ILE A 246 -15.52 -43.64 25.45
N LYS A 247 -15.94 -43.50 26.70
CA LYS A 247 -16.40 -44.62 27.51
C LYS A 247 -17.92 -44.60 27.54
N VAL A 248 -18.52 -45.71 27.10
CA VAL A 248 -19.97 -45.81 26.98
C VAL A 248 -20.53 -46.63 28.15
N VAL A 249 -21.38 -45.98 28.96
CA VAL A 249 -21.94 -46.62 30.15
C VAL A 249 -23.46 -46.76 30.02
N LEU A 250 -23.91 -48.01 29.91
CA LEU A 250 -25.34 -48.32 29.82
C LEU A 250 -25.99 -48.24 31.19
N ASP A 251 -27.16 -47.61 31.26
CA ASP A 251 -27.96 -47.58 32.49
C ASP A 251 -28.36 -48.99 32.90
N ASN A 252 -28.13 -49.32 34.18
CA ASN A 252 -28.54 -50.60 34.77
C ASN A 252 -28.04 -51.84 34.01
N GLY A 253 -27.02 -51.64 33.17
CA GLY A 253 -26.52 -52.69 32.28
C GLY A 253 -27.55 -53.13 31.25
N GLU A 254 -28.56 -52.29 31.05
CA GLU A 254 -29.66 -52.59 30.12
C GLU A 254 -29.32 -52.15 28.71
N GLY A 255 -29.38 -53.10 27.78
CA GLY A 255 -28.95 -52.88 26.41
C GLY A 255 -27.69 -53.67 26.12
N THR A 256 -27.23 -53.61 24.87
CA THR A 256 -26.04 -54.33 24.44
C THR A 256 -25.02 -53.37 23.86
N LEU A 257 -23.77 -53.52 24.29
CA LEU A 257 -22.66 -52.77 23.75
C LEU A 257 -21.75 -53.69 22.96
N SER A 258 -21.53 -53.35 21.69
CA SER A 258 -20.69 -54.15 20.82
C SER A 258 -19.78 -53.28 19.95
N GLU A 259 -18.71 -53.87 19.44
CA GLU A 259 -17.80 -53.20 18.54
C GLU A 259 -18.49 -53.00 17.20
N GLY A 260 -18.41 -51.78 16.67
CA GLY A 260 -18.98 -51.45 15.37
C GLY A 260 -18.37 -52.28 14.26
N SER A 261 -19.16 -52.58 13.23
CA SER A 261 -18.73 -53.41 12.11
C SER A 261 -17.52 -52.85 11.36
N ASP A 262 -17.31 -51.54 11.45
CA ASP A 262 -16.17 -50.87 10.81
C ASP A 262 -14.88 -50.98 11.62
N GLY A 263 -14.99 -51.50 12.85
CA GLY A 263 -13.83 -51.64 13.74
C GLY A 263 -13.28 -50.32 14.24
N ALA A 264 -14.07 -49.26 14.11
CA ALA A 264 -13.62 -47.91 14.47
C ALA A 264 -14.75 -47.15 15.17
N SER A 265 -15.65 -47.89 15.80
CA SER A 265 -16.81 -47.33 16.46
C SER A 265 -17.40 -48.30 17.48
N LEU A 266 -18.31 -47.79 18.30
CA LEU A 266 -18.99 -48.60 19.29
C LEU A 266 -20.49 -48.55 19.00
N LYS A 267 -21.14 -49.70 19.11
CA LYS A 267 -22.56 -49.82 18.81
C LYS A 267 -23.37 -50.04 20.08
N VAL A 268 -24.36 -49.17 20.30
CA VAL A 268 -25.32 -49.32 21.39
C VAL A 268 -26.63 -49.81 20.78
N SER A 269 -27.12 -50.93 21.31
CA SER A 269 -28.38 -51.51 20.84
C SER A 269 -29.29 -51.88 21.99
N ASP A 270 -30.59 -51.70 21.77
CA ASP A 270 -31.64 -52.14 22.71
C ASP A 270 -31.55 -51.50 24.10
N ALA A 271 -31.04 -50.26 24.13
CA ALA A 271 -30.89 -49.54 25.39
C ALA A 271 -32.05 -48.56 25.60
N LYS A 272 -32.05 -47.91 26.76
CA LYS A 272 -33.03 -46.86 27.07
C LYS A 272 -32.32 -45.55 27.41
N ALA A 273 -31.24 -45.64 28.18
CA ALA A 273 -30.44 -44.47 28.56
C ALA A 273 -28.97 -44.85 28.69
N VAL A 274 -28.11 -43.95 28.22
CA VAL A 274 -26.66 -44.14 28.29
C VAL A 274 -25.95 -42.85 28.66
N THR A 275 -24.80 -42.97 29.31
CA THR A 275 -23.91 -41.85 29.55
C THR A 275 -22.58 -42.11 28.87
N LEU A 276 -22.15 -41.15 28.05
CA LEU A 276 -20.83 -41.18 27.43
C LEU A 276 -19.90 -40.27 28.20
N TYR A 277 -18.73 -40.78 28.54
CA TYR A 277 -17.67 -39.97 29.13
C TYR A 277 -16.56 -39.83 28.10
N ILE A 278 -16.24 -38.58 27.77
CA ILE A 278 -15.29 -38.28 26.71
C ILE A 278 -14.15 -37.45 27.28
N ALA A 279 -12.93 -37.90 27.06
CA ALA A 279 -11.75 -37.15 27.47
C ALA A 279 -10.73 -37.11 26.34
N ALA A 280 -9.86 -36.10 26.38
CA ALA A 280 -8.80 -35.97 25.38
C ALA A 280 -7.64 -35.21 25.97
N ALA A 281 -6.45 -35.48 25.44
CA ALA A 281 -5.23 -34.79 25.86
C ALA A 281 -4.15 -34.92 24.82
N THR A 282 -3.18 -34.02 24.90
CA THR A 282 -1.94 -34.13 24.17
C THR A 282 -0.80 -34.10 25.19
N ASP A 283 0.42 -34.29 24.68
CA ASP A 283 1.62 -34.11 25.50
C ASP A 283 2.21 -32.69 25.40
N TYR A 284 1.38 -31.72 24.97
CA TYR A 284 1.80 -30.31 25.00
C TYR A 284 2.17 -29.90 26.43
N LYS A 285 3.17 -29.03 26.57
CA LYS A 285 3.37 -28.30 27.81
C LYS A 285 3.89 -26.93 27.46
N GLN A 286 3.43 -25.90 28.18
CA GLN A 286 3.96 -24.57 28.00
C GLN A 286 5.26 -24.46 28.77
N LYS A 287 6.33 -24.95 28.14
CA LYS A 287 7.63 -25.11 28.76
C LYS A 287 8.69 -24.93 27.69
N TYR A 288 9.37 -23.79 27.73
CA TYR A 288 10.40 -23.47 26.74
C TYR A 288 11.67 -24.26 27.08
N PRO A 289 12.38 -24.80 26.07
CA PRO A 289 12.12 -24.77 24.63
C PRO A 289 11.39 -25.97 24.00
N SER A 290 11.18 -27.05 24.75
CA SER A 290 10.68 -28.30 24.15
C SER A 290 9.16 -28.37 23.98
N TYR A 291 8.45 -27.65 24.82
CA TYR A 291 6.98 -27.59 24.79
C TYR A 291 6.30 -28.97 24.82
N ARG A 292 6.86 -29.88 25.62
CA ARG A 292 6.29 -31.22 25.82
C ARG A 292 6.34 -31.64 27.27
N THR A 293 5.41 -32.51 27.67
CA THR A 293 5.41 -33.05 29.03
C THR A 293 6.54 -34.06 29.24
N GLY A 294 6.98 -34.70 28.17
CA GLY A 294 7.95 -35.80 28.27
C GLY A 294 7.29 -37.16 28.39
N GLU A 295 5.96 -37.19 28.41
CA GLU A 295 5.22 -38.46 28.43
C GLU A 295 5.39 -39.22 27.14
N THR A 296 5.32 -40.55 27.24
CA THR A 296 5.18 -41.41 26.09
C THR A 296 3.72 -41.49 25.69
N ALA A 297 3.44 -42.03 24.51
CA ALA A 297 2.07 -42.26 24.06
C ALA A 297 1.30 -43.14 25.05
N ALA A 298 1.98 -44.17 25.59
CA ALA A 298 1.37 -45.06 26.57
C ALA A 298 0.95 -44.31 27.83
N GLU A 299 1.81 -43.39 28.29
CA GLU A 299 1.50 -42.57 29.47
C GLU A 299 0.31 -41.63 29.25
N VAL A 300 0.27 -40.98 28.07
CA VAL A 300 -0.87 -40.14 27.73
C VAL A 300 -2.14 -40.99 27.70
N ASN A 301 -2.05 -42.17 27.11
CA ASN A 301 -3.17 -43.10 27.04
C ASN A 301 -3.71 -43.49 28.42
N THR A 302 -2.80 -43.82 29.32
CA THR A 302 -3.16 -44.18 30.71
C THR A 302 -3.85 -43.00 31.39
N ARG A 303 -3.30 -41.80 31.18
CA ARG A 303 -3.84 -40.58 31.78
C ARG A 303 -5.28 -40.30 31.33
N VAL A 304 -5.51 -40.36 30.02
CA VAL A 304 -6.85 -40.12 29.47
C VAL A 304 -7.83 -41.20 29.93
N ALA A 305 -7.37 -42.44 29.95
CA ALA A 305 -8.20 -43.56 30.42
C ALA A 305 -8.69 -43.36 31.85
N LYS A 306 -7.80 -42.85 32.70
CA LYS A 306 -8.14 -42.61 34.10
C LYS A 306 -9.16 -41.50 34.26
N VAL A 307 -9.12 -40.50 33.37
CA VAL A 307 -10.11 -39.42 33.40
C VAL A 307 -11.52 -39.98 33.21
N VAL A 308 -11.71 -40.79 32.17
CA VAL A 308 -13.05 -41.33 31.89
C VAL A 308 -13.47 -42.37 32.95
N GLN A 309 -12.52 -43.16 33.43
CA GLN A 309 -12.83 -44.15 34.47
C GLN A 309 -13.21 -43.48 35.79
N ASP A 310 -12.45 -42.47 36.21
CA ASP A 310 -12.75 -41.73 37.43
C ASP A 310 -14.13 -41.09 37.37
N ALA A 311 -14.48 -40.54 36.21
CA ALA A 311 -15.78 -39.91 36.00
C ALA A 311 -16.91 -40.93 36.09
N ALA A 312 -16.75 -42.05 35.38
CA ALA A 312 -17.73 -43.13 35.40
C ALA A 312 -17.95 -43.67 36.81
N ASN A 313 -16.85 -43.78 37.57
CA ASN A 313 -16.90 -44.25 38.95
C ASN A 313 -17.74 -43.33 39.84
N LYS A 314 -17.62 -42.02 39.62
CA LYS A 314 -18.43 -41.04 40.33
C LYS A 314 -19.91 -41.10 39.90
N GLY A 315 -20.13 -41.35 38.62
CA GLY A 315 -21.48 -41.50 38.09
C GLY A 315 -22.08 -40.20 37.58
N TYR A 316 -23.07 -40.34 36.69
CA TYR A 316 -23.67 -39.20 36.01
C TYR A 316 -24.23 -38.13 36.94
N THR A 317 -25.03 -38.54 37.93
CA THR A 317 -25.67 -37.59 38.84
C THR A 317 -24.65 -36.70 39.56
N ALA A 318 -23.61 -37.33 40.11
CA ALA A 318 -22.58 -36.61 40.85
C ALA A 318 -21.72 -35.72 39.94
N VAL A 319 -21.36 -36.23 38.76
CA VAL A 319 -20.57 -35.46 37.80
C VAL A 319 -21.36 -34.24 37.32
N LYS A 320 -22.63 -34.43 37.02
CA LYS A 320 -23.50 -33.32 36.60
C LYS A 320 -23.65 -32.28 37.70
N LYS A 321 -23.89 -32.72 38.93
CA LYS A 321 -24.05 -31.80 40.08
C LYS A 321 -22.80 -30.94 40.26
N ALA A 322 -21.64 -31.59 40.31
CA ALA A 322 -20.36 -30.89 40.47
C ALA A 322 -20.12 -29.90 39.34
N HIS A 323 -20.48 -30.32 38.12
CA HIS A 323 -20.34 -29.42 36.98
C HIS A 323 -21.20 -28.17 37.10
N ILE A 324 -22.50 -28.37 37.35
CA ILE A 324 -23.42 -27.24 37.40
C ILE A 324 -23.07 -26.30 38.55
N ASP A 325 -22.71 -26.87 39.70
CA ASP A 325 -22.26 -26.05 40.85
C ASP A 325 -21.07 -25.17 40.46
N ASP A 326 -20.09 -25.76 39.78
CA ASP A 326 -18.87 -25.07 39.36
C ASP A 326 -19.16 -23.97 38.33
N HIS A 327 -19.93 -24.32 37.30
CA HIS A 327 -20.26 -23.38 36.24
C HIS A 327 -21.10 -22.22 36.77
N SER A 328 -22.16 -22.56 37.49
CA SER A 328 -23.08 -21.54 38.00
C SER A 328 -22.46 -20.63 39.04
N ALA A 329 -21.49 -21.14 39.80
CA ALA A 329 -20.78 -20.32 40.79
C ALA A 329 -20.16 -19.08 40.13
N ILE A 330 -19.64 -19.24 38.92
CA ILE A 330 -19.09 -18.11 38.17
C ILE A 330 -20.19 -17.38 37.40
N TYR A 331 -21.02 -18.14 36.68
CA TYR A 331 -22.01 -17.52 35.81
C TYR A 331 -23.00 -16.65 36.56
N ASP A 332 -23.44 -17.10 37.73
CA ASP A 332 -24.49 -16.39 38.46
C ASP A 332 -24.01 -15.19 39.26
N ARG A 333 -22.71 -14.86 39.17
CA ARG A 333 -22.17 -13.71 39.89
C ARG A 333 -22.75 -12.38 39.40
N VAL A 334 -23.12 -12.33 38.12
CA VAL A 334 -23.65 -11.13 37.51
C VAL A 334 -25.10 -11.37 37.10
N LYS A 335 -25.96 -10.42 37.44
CA LYS A 335 -27.34 -10.43 36.96
C LYS A 335 -27.63 -9.08 36.34
N ILE A 336 -28.43 -9.07 35.28
CA ILE A 336 -28.77 -7.84 34.60
C ILE A 336 -30.24 -7.89 34.15
N ASP A 337 -30.98 -6.84 34.52
CA ASP A 337 -32.40 -6.74 34.17
C ASP A 337 -32.66 -5.42 33.47
N LEU A 338 -32.89 -5.52 32.17
CA LEU A 338 -33.24 -4.35 31.37
C LEU A 338 -34.68 -4.41 30.87
N GLY A 339 -35.45 -5.36 31.40
CA GLY A 339 -36.84 -5.56 31.00
C GLY A 339 -37.01 -6.60 29.92
N GLN A 340 -36.02 -7.48 29.79
CA GLN A 340 -36.02 -8.49 28.73
C GLN A 340 -37.07 -9.57 28.91
N SER A 341 -37.54 -10.08 27.78
CA SER A 341 -38.22 -11.36 27.71
C SER A 341 -37.18 -12.47 27.78
N GLY A 342 -37.64 -13.71 27.83
CA GLY A 342 -36.77 -14.89 27.88
C GLY A 342 -37.52 -16.09 27.36
N HIS A 343 -36.90 -17.27 27.45
CA HIS A 343 -37.48 -18.47 26.86
C HIS A 343 -38.79 -18.92 27.53
N SER A 344 -39.03 -18.46 28.75
CA SER A 344 -40.23 -18.81 29.51
C SER A 344 -41.37 -17.79 29.37
N SER A 345 -41.10 -16.69 28.66
CA SER A 345 -42.10 -15.64 28.44
C SER A 345 -43.27 -16.14 27.60
N ASP A 346 -44.44 -15.54 27.82
CA ASP A 346 -45.57 -15.75 26.93
C ASP A 346 -45.17 -15.27 25.55
N GLY A 347 -45.37 -16.12 24.55
CA GLY A 347 -44.97 -15.83 23.17
C GLY A 347 -43.46 -15.70 23.02
N ALA A 348 -42.71 -16.54 23.74
CA ALA A 348 -41.25 -16.58 23.63
C ALA A 348 -40.84 -16.97 22.23
N VAL A 349 -39.81 -16.30 21.72
CA VAL A 349 -39.33 -16.53 20.36
C VAL A 349 -37.95 -17.20 20.40
N ALA A 350 -37.72 -18.10 19.46
CA ALA A 350 -36.42 -18.75 19.30
C ALA A 350 -35.33 -17.73 18.99
N THR A 351 -34.10 -18.07 19.33
CA THR A 351 -32.99 -17.13 19.26
C THR A 351 -32.69 -16.68 17.83
N ASP A 352 -32.81 -17.59 16.87
CA ASP A 352 -32.66 -17.22 15.47
C ASP A 352 -33.79 -16.29 14.99
N ALA A 353 -35.02 -16.59 15.40
CA ALA A 353 -36.16 -15.74 15.10
C ALA A 353 -36.02 -14.36 15.75
N LEU A 354 -35.49 -14.36 16.98
CA LEU A 354 -35.24 -13.13 17.72
C LEU A 354 -34.21 -12.25 17.00
N LEU A 355 -33.12 -12.85 16.56
CA LEU A 355 -32.10 -12.13 15.81
C LEU A 355 -32.68 -11.53 14.52
N LYS A 356 -33.47 -12.33 13.80
CA LYS A 356 -34.09 -11.88 12.55
C LYS A 356 -35.01 -10.69 12.78
N ALA A 357 -35.82 -10.75 13.84
CA ALA A 357 -36.73 -9.65 14.18
C ALA A 357 -35.95 -8.39 14.55
N TYR A 358 -34.87 -8.56 15.30
CA TYR A 358 -34.00 -7.45 15.66
C TYR A 358 -33.42 -6.79 14.40
N GLN A 359 -32.96 -7.62 13.46
CA GLN A 359 -32.38 -7.13 12.20
C GLN A 359 -33.41 -6.40 11.34
N ARG A 360 -34.64 -6.90 11.34
CA ARG A 360 -35.71 -6.34 10.51
C ARG A 360 -36.41 -5.15 11.15
N GLY A 361 -36.17 -4.94 12.45
CA GLY A 361 -36.77 -3.84 13.18
C GLY A 361 -38.19 -4.13 13.65
N SER A 362 -38.53 -5.40 13.75
CA SER A 362 -39.87 -5.81 14.21
C SER A 362 -39.85 -6.36 15.63
N ALA A 363 -38.67 -6.40 16.26
CA ALA A 363 -38.55 -6.83 17.64
C ALA A 363 -39.18 -5.79 18.58
N THR A 364 -39.96 -6.27 19.54
CA THR A 364 -40.54 -5.42 20.57
C THR A 364 -39.42 -4.96 21.51
N THR A 365 -39.72 -3.99 22.36
CA THR A 365 -38.75 -3.52 23.34
C THR A 365 -38.22 -4.67 24.20
N ALA A 366 -39.12 -5.51 24.72
CA ALA A 366 -38.73 -6.66 25.54
C ALA A 366 -37.81 -7.60 24.77
N GLN A 367 -38.10 -7.81 23.48
CA GLN A 367 -37.30 -8.66 22.62
C GLN A 367 -35.93 -8.07 22.31
N LYS A 368 -35.87 -6.75 22.08
CA LYS A 368 -34.59 -6.07 21.92
C LYS A 368 -33.73 -6.25 23.19
N ARG A 369 -34.34 -6.06 24.35
CA ARG A 369 -33.62 -6.26 25.61
C ARG A 369 -33.21 -7.71 25.79
N GLU A 370 -34.03 -8.65 25.32
CA GLU A 370 -33.65 -10.06 25.36
C GLU A 370 -32.37 -10.33 24.56
N LEU A 371 -32.33 -9.87 23.31
CA LEU A 371 -31.14 -10.11 22.48
C LEU A 371 -29.90 -9.41 23.05
N GLU A 372 -30.07 -8.16 23.49
CA GLU A 372 -28.95 -7.40 24.04
C GLU A 372 -28.38 -8.06 25.31
N THR A 373 -29.26 -8.47 26.21
CA THR A 373 -28.78 -9.13 27.43
C THR A 373 -28.27 -10.54 27.20
N LEU A 374 -28.84 -11.25 26.22
CA LEU A 374 -28.33 -12.57 25.87
C LEU A 374 -26.91 -12.50 25.32
N VAL A 375 -26.68 -11.57 24.39
CA VAL A 375 -25.33 -11.39 23.84
C VAL A 375 -24.35 -11.01 24.95
N TYR A 376 -24.77 -10.10 25.83
CA TYR A 376 -23.96 -9.72 26.99
C TYR A 376 -23.56 -10.96 27.81
N LYS A 377 -24.56 -11.75 28.17
CA LYS A 377 -24.37 -12.92 29.03
C LYS A 377 -23.52 -13.97 28.33
N TYR A 378 -23.66 -14.07 27.02
CA TYR A 378 -22.92 -15.04 26.22
C TYR A 378 -21.42 -14.79 26.31
N GLY A 379 -21.01 -13.53 26.35
CA GLY A 379 -19.60 -13.20 26.48
C GLY A 379 -19.02 -13.73 27.78
N ARG A 380 -19.82 -13.69 28.84
CA ARG A 380 -19.41 -14.27 30.11
C ARG A 380 -19.35 -15.79 30.00
N TYR A 381 -20.43 -16.38 29.48
CA TYR A 381 -20.51 -17.82 29.24
C TYR A 381 -19.28 -18.33 28.47
N LEU A 382 -18.93 -17.63 27.39
CA LEU A 382 -17.86 -18.07 26.50
C LEU A 382 -16.49 -17.98 27.17
N THR A 383 -16.35 -17.07 28.14
CA THR A 383 -15.14 -17.02 28.94
C THR A 383 -15.01 -18.29 29.80
N ILE A 384 -16.10 -18.64 30.48
CA ILE A 384 -16.12 -19.87 31.28
C ILE A 384 -15.81 -21.11 30.44
N GLY A 385 -16.36 -21.16 29.23
CA GLY A 385 -16.14 -22.30 28.35
C GLY A 385 -14.74 -22.43 27.77
N SER A 386 -14.04 -21.30 27.60
CA SER A 386 -12.75 -21.28 26.89
C SER A 386 -11.52 -20.94 27.72
N SER A 387 -11.72 -20.39 28.92
CA SER A 387 -10.62 -19.85 29.70
C SER A 387 -10.86 -20.09 31.19
N ARG A 388 -10.37 -21.22 31.70
CA ARG A 388 -10.51 -21.51 33.13
C ARG A 388 -9.17 -21.36 33.83
N GLU A 389 -9.21 -21.30 35.16
CA GLU A 389 -8.00 -21.15 35.98
C GLU A 389 -6.95 -22.19 35.63
N ASN A 390 -7.41 -23.39 35.29
CA ASN A 390 -6.48 -24.48 34.98
C ASN A 390 -6.34 -24.78 33.48
N SER A 391 -6.82 -23.88 32.62
CA SER A 391 -6.52 -23.98 31.19
C SER A 391 -5.03 -23.86 30.98
N GLN A 392 -4.52 -24.62 30.01
CA GLN A 392 -3.12 -24.48 29.66
C GLN A 392 -2.84 -23.26 28.80
N LEU A 393 -3.84 -22.80 28.05
CA LEU A 393 -3.71 -21.67 27.14
C LEU A 393 -4.88 -20.72 27.30
N PRO A 394 -4.67 -19.43 27.03
CA PRO A 394 -5.79 -18.50 27.07
C PRO A 394 -6.71 -18.76 25.89
N SER A 395 -7.85 -18.09 25.87
CA SER A 395 -8.71 -18.13 24.70
C SER A 395 -7.96 -17.63 23.47
N ASN A 396 -8.13 -18.31 22.35
CA ASN A 396 -7.53 -17.89 21.08
C ASN A 396 -8.56 -17.10 20.26
N LEU A 397 -8.29 -16.87 18.97
CA LEU A 397 -9.21 -16.09 18.13
C LEU A 397 -10.63 -16.68 18.08
N GLN A 398 -10.76 -17.96 18.43
CA GLN A 398 -12.03 -18.66 18.42
C GLN A 398 -12.39 -19.27 19.77
N GLY A 399 -11.73 -18.78 20.82
CA GLY A 399 -11.92 -19.31 22.16
C GLY A 399 -11.18 -20.63 22.24
N ILE A 400 -11.94 -21.71 22.11
CA ILE A 400 -11.39 -23.05 21.87
C ILE A 400 -12.12 -23.79 20.75
N TRP A 401 -13.06 -23.13 20.08
CA TRP A 401 -13.99 -23.82 19.18
C TRP A 401 -13.65 -23.60 17.71
N SER A 402 -13.45 -24.69 16.97
CA SER A 402 -13.14 -24.59 15.54
C SER A 402 -13.55 -25.86 14.82
N VAL A 403 -13.80 -25.73 13.53
CA VAL A 403 -14.13 -26.86 12.66
C VAL A 403 -13.05 -27.09 11.59
N THR A 404 -12.26 -26.07 11.31
CA THR A 404 -11.25 -26.11 10.27
C THR A 404 -9.91 -26.62 10.83
N ALA A 405 -9.13 -27.29 9.98
CA ALA A 405 -7.80 -27.75 10.36
C ALA A 405 -6.91 -27.89 9.15
N GLY A 406 -5.62 -27.62 9.36
CA GLY A 406 -4.58 -27.91 8.39
C GLY A 406 -3.25 -27.76 9.10
N ASP A 407 -2.15 -28.14 8.45
CA ASP A 407 -0.85 -28.17 9.13
C ASP A 407 -0.24 -26.80 9.35
N ASN A 408 -0.36 -25.91 8.36
CA ASN A 408 0.46 -24.71 8.33
C ASN A 408 -0.31 -23.43 8.64
N ALA A 409 0.42 -22.42 9.12
CA ALA A 409 -0.13 -21.10 9.34
C ALA A 409 -0.69 -20.52 8.04
N HIS A 410 -1.67 -19.62 8.19
CA HIS A 410 -2.29 -18.94 7.06
C HIS A 410 -2.77 -19.95 6.02
N GLY A 411 -3.33 -21.06 6.52
CA GLY A 411 -3.77 -22.19 5.70
C GLY A 411 -5.28 -22.33 5.70
N ASN A 412 -5.77 -23.44 6.26
CA ASN A 412 -7.20 -23.76 6.23
C ASN A 412 -8.03 -23.06 7.31
N THR A 413 -7.35 -22.44 8.28
CA THR A 413 -8.01 -21.81 9.41
C THR A 413 -7.67 -20.34 9.42
N PRO A 414 -8.70 -19.45 9.47
CA PRO A 414 -8.43 -18.02 9.31
C PRO A 414 -7.56 -17.50 10.43
N TRP A 415 -6.45 -16.86 10.05
CA TRP A 415 -5.46 -16.35 11.01
C TRP A 415 -4.99 -17.42 11.97
N GLY A 416 -5.07 -18.69 11.54
CA GLY A 416 -4.64 -19.82 12.34
C GLY A 416 -5.40 -20.05 13.65
N SER A 417 -6.52 -19.34 13.82
CA SER A 417 -7.23 -19.29 15.11
C SER A 417 -6.23 -19.08 16.26
N ASP A 418 -5.32 -18.15 16.04
CA ASP A 418 -4.13 -18.01 16.87
C ASP A 418 -4.31 -17.05 18.04
N PHE A 419 -3.18 -16.63 18.62
CA PHE A 419 -3.15 -15.58 19.63
C PHE A 419 -2.70 -14.30 18.91
N HIS A 420 -3.67 -13.44 18.61
CA HIS A 420 -3.43 -12.23 17.83
C HIS A 420 -3.34 -11.07 18.80
N MET A 421 -2.12 -10.62 19.07
CA MET A 421 -1.84 -9.84 20.26
C MET A 421 -1.71 -8.33 20.00
N ASN A 422 -2.38 -7.84 18.95
CA ASN A 422 -2.42 -6.40 18.70
C ASN A 422 -3.85 -5.89 18.57
N VAL A 423 -4.72 -6.47 19.41
CA VAL A 423 -6.07 -6.01 19.78
C VAL A 423 -6.95 -7.21 20.17
N ASN A 424 -6.76 -8.33 19.50
CA ASN A 424 -7.73 -9.43 19.61
C ASN A 424 -7.64 -10.16 20.94
N LEU A 425 -6.45 -10.61 21.28
CA LEU A 425 -6.25 -11.28 22.57
C LEU A 425 -6.56 -10.34 23.73
N GLN A 426 -6.19 -9.07 23.57
CA GLN A 426 -6.53 -8.04 24.54
C GLN A 426 -8.05 -8.00 24.76
N MET A 427 -8.80 -7.96 23.66
CA MET A 427 -10.26 -7.90 23.72
C MET A 427 -10.86 -9.11 24.42
N ASN A 428 -10.29 -10.29 24.18
CA ASN A 428 -10.73 -11.50 24.87
C ASN A 428 -10.70 -11.35 26.38
N TYR A 429 -9.79 -10.51 26.87
CA TYR A 429 -9.63 -10.27 28.30
C TYR A 429 -9.98 -8.85 28.75
N TRP A 430 -10.90 -8.24 28.01
CA TRP A 430 -11.50 -6.98 28.45
C TRP A 430 -12.66 -7.09 29.46
N PRO A 431 -13.57 -8.08 29.30
CA PRO A 431 -14.65 -8.16 30.30
C PRO A 431 -14.32 -9.02 31.51
N THR A 432 -13.14 -9.61 31.53
CA THR A 432 -12.85 -10.68 32.47
C THR A 432 -12.94 -10.24 33.93
N TYR A 433 -12.50 -9.02 34.21
CA TYR A 433 -12.51 -8.52 35.57
C TYR A 433 -13.80 -7.78 35.92
N SER A 434 -14.21 -6.86 35.05
CA SER A 434 -15.40 -6.05 35.31
C SER A 434 -16.66 -6.91 35.39
N ALA A 435 -16.69 -8.00 34.62
CA ALA A 435 -17.82 -8.93 34.66
C ALA A 435 -17.62 -10.08 35.67
N ASN A 436 -16.73 -9.87 36.64
CA ASN A 436 -16.62 -10.77 37.81
C ASN A 436 -16.20 -12.19 37.44
N MET A 437 -15.15 -12.30 36.65
CA MET A 437 -14.56 -13.59 36.27
C MET A 437 -13.05 -13.52 36.40
N GLY A 438 -12.55 -12.79 37.40
CA GLY A 438 -11.12 -12.46 37.49
C GLY A 438 -10.19 -13.66 37.48
N GLU A 439 -10.60 -14.75 38.14
CA GLU A 439 -9.76 -15.94 38.19
C GLU A 439 -9.51 -16.53 36.81
N LEU A 440 -10.41 -16.24 35.87
CA LEU A 440 -10.33 -16.80 34.52
C LEU A 440 -9.28 -16.10 33.66
N ALA A 441 -8.67 -15.05 34.19
CA ALA A 441 -7.53 -14.41 33.53
C ALA A 441 -6.23 -15.18 33.73
N GLU A 442 -6.22 -16.13 34.66
CA GLU A 442 -4.99 -16.85 34.99
C GLU A 442 -4.23 -17.39 33.77
N PRO A 443 -4.90 -18.08 32.84
CA PRO A 443 -4.14 -18.57 31.67
C PRO A 443 -3.51 -17.46 30.83
N LEU A 444 -4.11 -16.26 30.79
CA LEU A 444 -3.45 -15.15 30.11
C LEU A 444 -2.18 -14.74 30.83
N ILE A 445 -2.23 -14.65 32.16
CA ILE A 445 -1.05 -14.26 32.93
C ILE A 445 0.08 -15.28 32.67
N GLU A 446 -0.25 -16.56 32.77
CA GLU A 446 0.73 -17.60 32.49
C GLU A 446 1.26 -17.55 31.05
N TYR A 447 0.38 -17.21 30.11
CA TYR A 447 0.78 -17.09 28.70
C TYR A 447 1.80 -15.97 28.50
N VAL A 448 1.56 -14.83 29.15
CA VAL A 448 2.45 -13.69 29.02
C VAL A 448 3.78 -14.01 29.71
N GLU A 449 3.72 -14.63 30.89
CA GLU A 449 4.95 -15.16 31.52
C GLU A 449 5.66 -16.11 30.56
N GLY A 450 4.88 -16.90 29.83
CA GLY A 450 5.41 -17.83 28.83
C GLY A 450 6.10 -17.19 27.65
N LEU A 451 5.83 -15.90 27.42
CA LEU A 451 6.51 -15.17 26.35
C LEU A 451 7.91 -14.72 26.73
N VAL A 452 8.26 -14.76 28.01
CA VAL A 452 9.52 -14.18 28.46
C VAL A 452 10.75 -14.92 27.91
N LYS A 453 10.81 -16.23 28.12
CA LYS A 453 11.97 -17.00 27.63
C LYS A 453 12.14 -16.92 26.10
N PRO A 454 11.11 -17.29 25.31
CA PRO A 454 11.31 -17.13 23.86
C PRO A 454 11.49 -15.66 23.45
N GLY A 455 10.80 -14.76 24.14
CA GLY A 455 10.88 -13.34 23.83
C GLY A 455 12.24 -12.71 24.10
N ARG A 456 13.01 -13.29 25.01
CA ARG A 456 14.38 -12.83 25.24
C ARG A 456 15.26 -13.11 24.03
N VAL A 457 14.98 -14.19 23.30
CA VAL A 457 15.68 -14.49 22.05
C VAL A 457 15.35 -13.41 21.01
N THR A 458 14.07 -13.09 20.87
CA THR A 458 13.64 -12.05 19.94
C THR A 458 14.24 -10.69 20.31
N ALA A 459 14.23 -10.36 21.59
CA ALA A 459 14.80 -9.11 22.08
C ALA A 459 16.28 -8.99 21.73
N LYS A 460 17.01 -10.09 21.85
CA LYS A 460 18.42 -10.10 21.49
C LYS A 460 18.61 -9.88 19.98
N VAL A 461 17.87 -10.64 19.17
CA VAL A 461 18.03 -10.60 17.72
C VAL A 461 17.65 -9.25 17.12
N TYR A 462 16.52 -8.71 17.55
CA TYR A 462 15.98 -7.51 16.91
C TYR A 462 16.29 -6.21 17.63
N ALA A 463 16.61 -6.27 18.92
CA ALA A 463 16.88 -5.06 19.69
C ALA A 463 18.23 -5.04 20.41
N GLY A 464 18.99 -6.12 20.32
CA GLY A 464 20.30 -6.19 20.94
C GLY A 464 20.27 -6.31 22.45
N ALA A 465 19.14 -6.79 22.98
CA ALA A 465 18.96 -6.95 24.42
C ALA A 465 19.20 -8.41 24.78
N GLU A 466 20.42 -8.72 25.20
CA GLU A 466 20.79 -10.10 25.53
C GLU A 466 20.76 -10.33 27.03
N THR A 467 19.93 -11.28 27.45
CA THR A 467 19.93 -11.74 28.82
C THR A 467 20.96 -12.87 28.96
N THR A 468 21.92 -12.68 29.87
CA THR A 468 22.88 -13.72 30.20
C THR A 468 22.21 -14.74 31.13
N ASN A 469 22.61 -16.00 31.00
CA ASN A 469 21.97 -17.10 31.74
C ASN A 469 20.43 -17.03 31.65
N PRO A 470 19.89 -16.98 30.42
CA PRO A 470 18.46 -16.71 30.23
C PRO A 470 17.53 -17.76 30.85
N GLU A 471 18.00 -18.99 30.99
CA GLU A 471 17.18 -20.05 31.55
C GLU A 471 16.90 -19.85 33.03
N THR A 472 17.93 -19.43 33.77
CA THR A 472 17.84 -19.28 35.22
C THR A 472 17.55 -17.87 35.71
N THR A 473 17.68 -16.86 34.84
CA THR A 473 17.39 -15.47 35.20
C THR A 473 15.89 -15.26 35.35
N PRO A 474 15.40 -14.98 36.57
CA PRO A 474 13.96 -14.86 36.77
C PRO A 474 13.32 -13.76 35.94
N ILE A 475 12.04 -13.93 35.64
CA ILE A 475 11.26 -12.87 35.03
C ILE A 475 11.43 -11.62 35.89
N GLY A 476 11.75 -10.51 35.24
CA GLY A 476 12.00 -9.26 35.96
C GLY A 476 13.46 -8.87 35.98
N GLU A 477 14.34 -9.86 35.87
CA GLU A 477 15.78 -9.65 36.03
C GLU A 477 16.55 -9.73 34.72
N GLY A 478 15.85 -10.01 33.63
CA GLY A 478 16.46 -10.08 32.30
C GLY A 478 16.49 -8.72 31.62
N GLU A 479 17.05 -8.70 30.41
CA GLU A 479 17.20 -7.46 29.66
C GLU A 479 15.96 -7.06 28.86
N GLY A 480 15.00 -7.98 28.77
CA GLY A 480 13.78 -7.69 28.02
C GLY A 480 13.31 -8.85 27.18
N TYR A 481 12.00 -8.87 26.95
CA TYR A 481 11.37 -9.86 26.09
C TYR A 481 10.51 -9.12 25.08
N MET A 482 10.61 -9.56 23.83
CA MET A 482 9.94 -8.92 22.72
C MET A 482 9.05 -9.94 22.02
N ALA A 483 7.83 -9.53 21.69
CA ALA A 483 6.91 -10.33 20.89
C ALA A 483 6.05 -9.38 20.08
N HIS A 484 5.35 -9.93 19.09
CA HIS A 484 4.68 -9.13 18.10
C HIS A 484 3.19 -9.49 17.98
N THR A 485 2.60 -9.43 16.79
CA THR A 485 1.17 -9.67 16.64
C THR A 485 0.81 -11.16 16.67
N GLU A 486 1.34 -11.90 15.71
CA GLU A 486 0.97 -13.30 15.55
C GLU A 486 1.77 -14.16 16.51
N ASN A 487 1.06 -14.77 17.45
CA ASN A 487 1.64 -15.62 18.47
C ASN A 487 0.98 -16.99 18.46
N THR A 488 1.63 -17.95 19.12
CA THR A 488 1.19 -19.34 19.04
C THR A 488 1.33 -20.01 20.41
N ALA A 489 1.16 -21.33 20.44
CA ALA A 489 1.40 -22.13 21.63
C ALA A 489 2.89 -22.34 21.92
N TYR A 490 3.77 -21.93 21.01
CA TYR A 490 5.17 -22.36 21.02
C TYR A 490 6.21 -21.23 20.98
N GLY A 491 5.89 -20.09 21.59
CA GLY A 491 6.88 -19.02 21.68
C GLY A 491 7.31 -18.45 20.33
N TRP A 492 6.34 -18.29 19.44
CA TRP A 492 6.51 -17.64 18.13
C TRP A 492 6.48 -16.12 18.36
N THR A 493 7.57 -15.62 18.92
CA THR A 493 7.64 -14.23 19.37
C THR A 493 8.35 -13.35 18.35
N ALA A 494 8.90 -13.96 17.29
CA ALA A 494 9.47 -13.18 16.20
C ALA A 494 8.41 -12.29 15.55
N PRO A 495 8.85 -11.22 14.88
CA PRO A 495 7.93 -10.49 14.03
C PRO A 495 7.64 -11.34 12.79
N GLY A 496 6.53 -11.03 12.12
CA GLY A 496 6.11 -11.75 10.94
C GLY A 496 6.87 -11.39 9.68
N GLN A 497 6.50 -12.04 8.58
CA GLN A 497 7.25 -12.01 7.33
C GLN A 497 7.19 -10.70 6.57
N SER A 498 6.20 -9.87 6.90
CA SER A 498 6.08 -8.56 6.28
C SER A 498 5.81 -7.54 7.39
N PHE A 499 6.53 -6.44 7.36
CA PHE A 499 6.53 -5.47 8.45
C PHE A 499 5.14 -4.92 8.82
N SER A 500 4.36 -4.54 7.82
CA SER A 500 3.13 -3.79 8.07
C SER A 500 2.19 -4.51 9.04
N TRP A 501 2.02 -5.82 8.84
CA TRP A 501 1.18 -6.62 9.74
C TRP A 501 1.99 -7.45 10.72
N GLY A 502 3.29 -7.59 10.48
CA GLY A 502 4.13 -8.51 11.25
C GLY A 502 4.87 -7.94 12.43
N TRP A 503 5.16 -6.63 12.39
CA TRP A 503 5.98 -5.98 13.41
C TRP A 503 5.10 -5.11 14.30
N SER A 504 5.12 -5.39 15.60
CA SER A 504 4.36 -4.62 16.56
C SER A 504 4.82 -4.92 17.98
N PRO A 505 6.02 -4.46 18.35
CA PRO A 505 6.54 -4.83 19.66
C PRO A 505 5.79 -4.21 20.82
N ALA A 506 5.00 -3.16 20.58
CA ALA A 506 4.17 -2.59 21.64
C ALA A 506 3.02 -3.53 22.02
N ALA A 507 2.85 -4.62 21.27
CA ALA A 507 1.90 -5.67 21.63
C ALA A 507 2.15 -6.19 23.05
N VAL A 508 3.43 -6.26 23.46
CA VAL A 508 3.75 -6.74 24.80
C VAL A 508 3.34 -5.74 25.89
N PRO A 509 3.80 -4.47 25.80
CA PRO A 509 3.17 -3.45 26.65
C PRO A 509 1.63 -3.56 26.70
N TRP A 510 0.99 -3.68 25.56
CA TRP A 510 -0.47 -3.72 25.54
C TRP A 510 -1.05 -4.91 26.32
N ILE A 511 -0.60 -6.13 26.02
CA ILE A 511 -1.12 -7.28 26.75
C ILE A 511 -0.77 -7.20 28.24
N LEU A 512 0.34 -6.55 28.57
CA LEU A 512 0.64 -6.30 29.98
C LEU A 512 -0.41 -5.46 30.70
N GLN A 513 -1.15 -4.64 29.96
CA GLN A 513 -2.28 -3.94 30.57
C GLN A 513 -3.30 -4.93 31.11
N ASN A 514 -3.68 -5.91 30.29
CA ASN A 514 -4.64 -6.92 30.73
C ASN A 514 -4.13 -7.67 31.95
N VAL A 515 -2.82 -7.92 31.97
CA VAL A 515 -2.19 -8.62 33.07
C VAL A 515 -2.23 -7.78 34.35
N TYR A 516 -1.83 -6.50 34.25
CA TYR A 516 -1.85 -5.62 35.41
C TYR A 516 -3.25 -5.45 35.99
N GLU A 517 -4.27 -5.47 35.13
CA GLU A 517 -5.65 -5.37 35.60
C GLU A 517 -6.03 -6.48 36.58
N ALA A 518 -5.39 -7.64 36.47
CA ALA A 518 -5.65 -8.70 37.44
C ALA A 518 -5.34 -8.23 38.86
N TYR A 519 -4.30 -7.42 38.99
CA TYR A 519 -4.01 -6.78 40.28
C TYR A 519 -4.95 -5.61 40.59
N GLU A 520 -5.17 -4.73 39.62
CA GLU A 520 -6.06 -3.57 39.84
C GLU A 520 -7.39 -3.98 40.46
N TYR A 521 -7.99 -5.03 39.91
CA TYR A 521 -9.33 -5.43 40.31
C TYR A 521 -9.36 -6.34 41.53
N SER A 522 -8.22 -6.86 41.97
CA SER A 522 -8.17 -7.81 43.09
C SER A 522 -7.48 -7.29 44.34
N GLY A 523 -6.40 -6.54 44.17
CA GLY A 523 -5.51 -6.18 45.28
C GLY A 523 -4.78 -7.37 45.87
N ASP A 524 -4.65 -8.44 45.08
CA ASP A 524 -4.03 -9.68 45.52
C ASP A 524 -2.51 -9.54 45.49
N PRO A 525 -1.85 -9.67 46.65
CA PRO A 525 -0.38 -9.49 46.69
C PRO A 525 0.41 -10.52 45.91
N ALA A 526 -0.13 -11.73 45.74
CA ALA A 526 0.53 -12.75 44.92
C ALA A 526 0.54 -12.35 43.44
N LEU A 527 -0.57 -11.76 42.99
CA LEU A 527 -0.65 -11.24 41.63
C LEU A 527 0.26 -10.03 41.46
N LEU A 528 0.31 -9.18 42.48
CA LEU A 528 1.20 -8.03 42.45
C LEU A 528 2.64 -8.42 42.13
N ASP A 529 3.15 -9.46 42.79
CA ASP A 529 4.53 -9.89 42.56
C ASP A 529 4.76 -10.31 41.11
N ARG A 530 3.80 -11.06 40.56
CA ARG A 530 3.89 -11.55 39.18
C ARG A 530 3.81 -10.44 38.16
N VAL A 531 2.89 -9.51 38.35
CA VAL A 531 2.72 -8.42 37.38
C VAL A 531 3.88 -7.45 37.47
N TYR A 532 4.37 -7.22 38.69
CA TYR A 532 5.53 -6.36 38.85
C TYR A 532 6.75 -6.93 38.14
N ALA A 533 7.01 -8.23 38.30
CA ALA A 533 8.14 -8.85 37.64
C ALA A 533 8.06 -8.66 36.11
N LEU A 534 6.90 -8.90 35.53
CA LEU A 534 6.71 -8.71 34.09
C LEU A 534 6.92 -7.28 33.65
N LEU A 535 6.33 -6.35 34.41
CA LEU A 535 6.40 -4.94 34.08
C LEU A 535 7.81 -4.38 34.24
N LYS A 536 8.52 -4.86 35.26
CA LYS A 536 9.88 -4.42 35.54
C LYS A 536 10.78 -4.70 34.33
N GLU A 537 10.72 -5.93 33.82
CA GLU A 537 11.61 -6.31 32.73
C GLU A 537 11.19 -5.67 31.40
N GLU A 538 9.89 -5.56 31.12
CA GLU A 538 9.48 -4.90 29.88
C GLU A 538 9.75 -3.40 29.91
N SER A 539 9.61 -2.78 31.08
CA SER A 539 9.96 -1.36 31.22
C SER A 539 11.46 -1.15 31.07
N HIS A 540 12.25 -2.04 31.68
CA HIS A 540 13.69 -2.03 31.49
C HIS A 540 14.03 -2.09 30.00
N PHE A 541 13.37 -3.00 29.30
CA PHE A 541 13.57 -3.22 27.88
C PHE A 541 13.29 -1.95 27.09
N TYR A 542 12.13 -1.34 27.31
CA TYR A 542 11.78 -0.15 26.57
C TYR A 542 12.69 1.02 26.89
N VAL A 543 12.95 1.25 28.17
CA VAL A 543 13.81 2.36 28.58
C VAL A 543 15.22 2.24 28.00
N ASN A 544 15.79 1.05 28.09
CA ASN A 544 17.21 0.85 27.75
C ASN A 544 17.49 0.54 26.28
N TYR A 545 16.51 -0.02 25.59
CA TYR A 545 16.75 -0.46 24.21
C TYR A 545 15.87 0.19 23.15
N MET A 546 14.62 0.49 23.48
CA MET A 546 13.64 0.89 22.48
C MET A 546 13.43 2.39 22.30
N LEU A 547 13.41 3.13 23.41
CA LEU A 547 13.15 4.57 23.36
C LEU A 547 14.34 5.36 22.83
N HIS A 548 14.05 6.42 22.10
CA HIS A 548 15.10 7.36 21.69
C HIS A 548 14.55 8.78 21.70
N LYS A 549 15.45 9.76 21.72
CA LYS A 549 15.05 11.15 21.51
C LYS A 549 14.65 11.30 20.04
N ALA A 550 13.44 11.79 19.81
CA ALA A 550 12.92 11.97 18.46
C ALA A 550 13.77 12.94 17.66
N GLY A 551 13.80 12.68 16.35
CA GLY A 551 14.28 13.67 15.38
C GLY A 551 13.23 14.75 15.17
N SER A 552 13.55 15.69 14.29
CA SER A 552 12.74 16.89 14.11
C SER A 552 11.29 16.64 13.68
N SER A 553 11.02 15.50 13.04
CA SER A 553 9.67 15.23 12.55
C SER A 553 8.65 14.98 13.67
N SER A 554 9.14 14.61 14.85
CA SER A 554 8.26 14.29 15.98
C SER A 554 8.42 15.21 17.19
N GLY A 555 9.08 16.35 16.99
CA GLY A 555 9.18 17.38 18.02
C GLY A 555 10.15 17.04 19.13
N ASP A 556 9.87 17.58 20.31
CA ASP A 556 10.74 17.43 21.47
C ASP A 556 10.13 16.41 22.44
N ARG A 557 10.57 15.16 22.32
CA ARG A 557 10.02 14.07 23.12
C ARG A 557 10.84 12.81 22.90
N LEU A 558 10.73 11.87 23.83
CA LEU A 558 11.12 10.49 23.54
C LEU A 558 10.03 9.87 22.69
N THR A 559 10.44 9.06 21.71
CA THR A 559 9.50 8.18 21.01
C THR A 559 10.05 6.76 21.03
N THR A 560 9.26 5.84 20.50
CA THR A 560 9.68 4.45 20.40
C THR A 560 10.45 4.15 19.12
N GLY A 561 10.84 5.18 18.37
CA GLY A 561 11.57 4.97 17.14
C GLY A 561 10.67 4.46 16.03
N VAL A 562 11.24 3.73 15.08
CA VAL A 562 10.50 3.34 13.89
C VAL A 562 9.21 2.61 14.24
N ALA A 563 8.10 3.09 13.68
CA ALA A 563 6.79 2.55 14.03
C ALA A 563 5.78 2.72 12.92
N TYR A 564 4.84 1.79 12.88
CA TYR A 564 3.69 1.82 11.98
C TYR A 564 2.44 1.97 12.83
N SER A 565 1.51 2.80 12.36
CA SER A 565 0.22 2.92 13.01
C SER A 565 -0.76 2.04 12.24
N PRO A 566 -1.11 0.85 12.77
CA PRO A 566 -1.98 -0.03 11.99
C PRO A 566 -3.33 0.64 11.67
N GLU A 567 -3.83 0.57 10.42
CA GLU A 567 -3.17 0.04 9.24
C GLU A 567 -3.22 1.10 8.14
N GLN A 568 -2.77 2.30 8.46
CA GLN A 568 -2.73 3.39 7.48
C GLN A 568 -1.49 4.25 7.68
N GLY A 569 -1.26 5.17 6.75
CA GLY A 569 -0.11 6.05 6.80
C GLY A 569 1.19 5.38 6.40
N PRO A 570 2.32 6.07 6.58
CA PRO A 570 3.63 5.51 6.23
C PRO A 570 4.03 4.33 7.11
N LEU A 571 4.83 3.43 6.54
CA LEU A 571 5.27 2.21 7.20
C LEU A 571 6.14 2.47 8.44
N GLY A 572 6.98 3.50 8.38
CA GLY A 572 7.95 3.75 9.45
C GLY A 572 8.12 5.23 9.71
N THR A 573 7.50 5.70 10.78
CA THR A 573 7.64 7.09 11.22
C THR A 573 8.42 7.12 12.54
N ASP A 574 8.73 8.33 13.01
CA ASP A 574 9.47 8.51 14.25
C ASP A 574 8.50 8.42 15.42
N GLY A 575 8.23 7.19 15.83
CA GLY A 575 7.20 6.92 16.82
C GLY A 575 5.82 7.23 16.27
N ASN A 576 4.81 7.06 17.13
CA ASN A 576 3.44 7.45 16.83
C ASN A 576 2.62 7.39 18.10
N THR A 577 1.39 7.88 18.03
CA THR A 577 0.53 7.97 19.21
C THR A 577 0.15 6.59 19.73
N TYR A 578 -0.08 5.65 18.81
CA TYR A 578 -0.36 4.26 19.14
C TYR A 578 0.70 3.69 20.11
N GLU A 579 1.97 3.70 19.68
CA GLU A 579 3.02 3.11 20.50
C GLU A 579 3.33 3.94 21.75
N SER A 580 3.37 5.26 21.62
CA SER A 580 3.64 6.10 22.77
C SER A 580 2.56 6.00 23.84
N SER A 581 1.30 5.87 23.41
CA SER A 581 0.21 5.72 24.38
C SER A 581 0.36 4.42 25.16
N LEU A 582 0.75 3.36 24.44
CA LEU A 582 0.95 2.06 25.08
C LEU A 582 2.15 2.05 26.02
N VAL A 583 3.26 2.65 25.60
CA VAL A 583 4.44 2.67 26.45
C VAL A 583 4.21 3.55 27.68
N TRP A 584 3.54 4.68 27.47
CA TRP A 584 3.16 5.55 28.58
C TRP A 584 2.33 4.78 29.60
N GLN A 585 1.35 4.01 29.12
CA GLN A 585 0.49 3.26 30.03
C GLN A 585 1.26 2.19 30.78
N MET A 586 2.19 1.52 30.08
CA MET A 586 3.00 0.49 30.72
C MET A 586 3.85 1.07 31.83
N LEU A 587 4.52 2.20 31.57
CA LEU A 587 5.34 2.83 32.60
C LEU A 587 4.48 3.30 33.77
N ASN A 588 3.28 3.79 33.46
CA ASN A 588 2.33 4.20 34.48
C ASN A 588 1.96 3.01 35.39
N ASP A 589 1.56 1.90 34.77
CA ASP A 589 1.25 0.67 35.49
C ASP A 589 2.45 0.16 36.28
N ALA A 590 3.63 0.18 35.65
CA ALA A 590 4.85 -0.29 36.30
C ALA A 590 5.19 0.52 37.55
N ILE A 591 5.05 1.83 37.45
CA ILE A 591 5.27 2.72 38.59
C ILE A 591 4.28 2.40 39.71
N GLU A 592 3.03 2.16 39.36
CA GLU A 592 2.02 1.81 40.35
C GLU A 592 2.32 0.46 41.02
N ALA A 593 2.76 -0.51 40.23
CA ALA A 593 3.14 -1.81 40.77
C ALA A 593 4.32 -1.67 41.73
N ALA A 594 5.31 -0.89 41.32
CA ALA A 594 6.49 -0.62 42.16
C ALA A 594 6.08 0.04 43.47
N LYS A 595 5.25 1.08 43.38
CA LYS A 595 4.79 1.81 44.55
C LYS A 595 4.06 0.90 45.54
N ALA A 596 3.25 -0.02 45.00
CA ALA A 596 2.49 -0.96 45.83
C ALA A 596 3.40 -1.90 46.62
N LYS A 597 4.63 -2.07 46.14
CA LYS A 597 5.64 -2.89 46.80
C LYS A 597 6.64 -2.09 47.61
N GLY A 598 6.47 -0.76 47.62
CA GLY A 598 7.41 0.14 48.31
C GLY A 598 8.67 0.42 47.50
N ASP A 599 8.56 0.25 46.18
CA ASP A 599 9.65 0.48 45.23
C ASP A 599 10.99 -0.11 45.71
N PRO A 600 11.02 -1.43 45.98
CA PRO A 600 12.23 -2.05 46.56
C PRO A 600 13.46 -1.96 45.65
N ASP A 601 13.24 -1.82 44.34
CA ASP A 601 14.34 -1.76 43.39
C ASP A 601 14.75 -0.32 43.05
N GLY A 602 14.04 0.66 43.60
CA GLY A 602 14.33 2.08 43.37
C GLY A 602 14.27 2.46 41.90
N LEU A 603 13.19 2.07 41.24
CA LEU A 603 13.05 2.26 39.78
C LEU A 603 12.06 3.35 39.37
N VAL A 604 11.23 3.80 40.31
CA VAL A 604 10.26 4.85 40.03
C VAL A 604 10.96 6.17 39.69
N GLY A 605 11.96 6.53 40.48
CA GLY A 605 12.71 7.75 40.28
C GLY A 605 11.84 9.00 40.35
N ASN A 606 12.16 9.95 39.48
CA ASN A 606 11.53 11.27 39.51
C ASN A 606 11.80 12.01 38.21
N THR A 607 11.39 13.27 38.13
CA THR A 607 11.60 14.07 36.93
C THR A 607 12.67 15.16 37.12
N THR A 608 13.58 14.94 38.07
CA THR A 608 14.68 15.87 38.33
C THR A 608 15.81 15.62 37.34
N ASP A 609 16.27 16.68 36.68
CA ASP A 609 17.29 16.58 35.64
C ASP A 609 16.88 15.56 34.58
N CYS A 610 15.64 15.70 34.13
CA CYS A 610 15.03 14.77 33.21
C CYS A 610 14.90 15.41 31.83
N SER A 611 15.56 14.79 30.86
CA SER A 611 15.63 15.31 29.50
C SER A 611 15.76 14.15 28.54
N ALA A 612 15.21 14.32 27.34
CA ALA A 612 15.37 13.32 26.27
C ALA A 612 16.84 13.16 25.89
N ASP A 613 17.65 14.17 26.19
CA ASP A 613 19.10 14.10 26.00
C ASP A 613 19.76 13.02 26.85
N ASN A 614 19.08 12.60 27.93
CA ASN A 614 19.58 11.54 28.82
C ASN A 614 19.68 10.18 28.14
N TRP A 615 19.08 10.05 26.96
CA TRP A 615 19.07 8.79 26.22
C TRP A 615 20.18 8.67 25.17
N ALA A 616 21.12 9.62 25.18
CA ALA A 616 22.21 9.64 24.21
C ALA A 616 23.01 8.35 24.25
N LYS A 617 23.25 7.77 23.08
CA LYS A 617 24.01 6.53 22.95
C LYS A 617 25.17 6.68 21.99
N ASN A 618 26.20 5.83 22.16
CA ASN A 618 27.30 5.76 21.22
C ASN A 618 26.98 4.83 20.03
N ASP A 619 27.93 4.67 19.12
CA ASP A 619 27.74 3.87 17.92
C ASP A 619 27.36 2.41 18.18
N SER A 620 27.84 1.87 19.30
CA SER A 620 27.55 0.48 19.68
C SER A 620 26.18 0.31 20.32
N GLY A 621 25.54 1.42 20.69
CA GLY A 621 24.20 1.40 21.27
C GLY A 621 24.17 1.44 22.78
N ASN A 622 25.26 1.87 23.40
CA ASN A 622 25.32 2.03 24.85
C ASN A 622 25.22 3.49 25.25
N PHE A 623 24.57 3.75 26.39
CA PHE A 623 24.43 5.11 26.90
C PHE A 623 25.78 5.75 27.19
N THR A 624 25.92 7.00 26.77
CA THR A 624 27.20 7.71 26.95
C THR A 624 27.31 8.32 28.35
N ASP A 625 26.16 8.55 29.00
CA ASP A 625 26.14 8.97 30.39
C ASP A 625 25.50 7.89 31.26
N ALA A 626 26.32 7.19 32.03
CA ALA A 626 25.87 6.09 32.86
C ALA A 626 24.95 6.53 34.00
N ASN A 627 25.08 7.79 34.40
CA ASN A 627 24.41 8.30 35.60
C ASN A 627 23.19 9.20 35.37
N ALA A 628 22.87 9.47 34.12
CA ALA A 628 21.74 10.33 33.78
C ALA A 628 20.40 9.71 34.21
N ASN A 629 19.43 10.56 34.52
CA ASN A 629 18.11 10.10 34.92
C ASN A 629 17.36 9.45 33.76
N ARG A 630 17.23 8.13 33.81
CA ARG A 630 16.41 7.39 32.85
C ARG A 630 15.38 6.56 33.61
N SER A 631 14.95 7.08 34.76
CA SER A 631 13.97 6.40 35.60
C SER A 631 12.61 6.30 34.91
N TRP A 632 11.76 5.43 35.43
CA TRP A 632 10.44 5.25 34.84
C TRP A 632 9.63 6.54 34.82
N SER A 633 9.67 7.31 35.92
CA SER A 633 8.97 8.59 35.99
C SER A 633 9.49 9.57 34.94
N CYS A 634 10.81 9.62 34.77
CA CYS A 634 11.41 10.51 33.79
C CYS A 634 10.99 10.11 32.37
N ALA A 635 11.17 8.84 32.02
CA ALA A 635 10.81 8.34 30.70
C ALA A 635 9.34 8.63 30.38
N LYS A 636 8.47 8.34 31.34
CA LYS A 636 7.02 8.53 31.16
C LYS A 636 6.69 9.99 30.86
N SER A 637 7.36 10.90 31.58
CA SER A 637 7.11 12.34 31.44
C SER A 637 7.57 12.92 30.11
N LEU A 638 8.44 12.18 29.40
CA LEU A 638 9.03 12.68 28.17
C LEU A 638 8.33 12.22 26.90
N LEU A 639 7.37 11.29 27.05
CA LEU A 639 6.69 10.75 25.88
C LEU A 639 5.71 11.74 25.25
N LYS A 640 5.03 12.52 26.10
CA LYS A 640 4.02 13.48 25.64
C LYS A 640 3.15 12.86 24.56
N PRO A 641 2.48 11.74 24.89
CA PRO A 641 1.83 10.94 23.84
C PRO A 641 0.67 11.61 23.12
N ILE A 642 -0.04 12.50 23.80
CA ILE A 642 -1.22 13.13 23.22
C ILE A 642 -0.96 14.56 22.78
N GLU A 643 -1.28 14.83 21.51
CA GLU A 643 -1.32 16.19 20.99
C GLU A 643 -2.63 16.39 20.24
N VAL A 644 -3.28 17.52 20.49
CA VAL A 644 -4.48 17.88 19.77
C VAL A 644 -4.08 18.69 18.53
N GLY A 645 -4.56 18.27 17.37
CA GLY A 645 -4.21 18.89 16.10
C GLY A 645 -5.11 20.03 15.66
N ASP A 646 -4.90 20.46 14.43
CA ASP A 646 -5.54 21.67 13.90
C ASP A 646 -7.01 21.46 13.53
N SER A 647 -7.47 20.21 13.56
CA SER A 647 -8.88 19.89 13.35
C SER A 647 -9.57 19.56 14.67
N GLY A 648 -8.87 19.82 15.77
CA GLY A 648 -9.36 19.47 17.12
C GLY A 648 -9.34 17.98 17.39
N GLN A 649 -8.52 17.25 16.64
CA GLN A 649 -8.42 15.80 16.71
C GLN A 649 -7.23 15.35 17.55
N ILE A 650 -7.29 14.13 18.08
CA ILE A 650 -6.09 13.49 18.62
C ILE A 650 -5.18 13.14 17.44
N LYS A 651 -3.96 13.67 17.42
CA LYS A 651 -3.03 13.34 16.34
C LYS A 651 -2.68 11.86 16.37
N GLU A 652 -2.60 11.26 15.18
CA GLU A 652 -2.19 9.87 15.04
C GLU A 652 -0.66 9.78 14.85
N TRP A 653 -0.09 10.82 14.21
CA TRP A 653 1.36 10.94 14.04
C TRP A 653 1.82 12.31 14.54
N TYR A 654 3.04 12.37 15.03
CA TYR A 654 3.56 13.63 15.59
C TYR A 654 3.88 14.69 14.55
N PHE A 655 3.98 14.30 13.28
CA PHE A 655 4.12 15.29 12.19
C PHE A 655 2.78 15.83 11.67
N GLU A 656 1.67 15.36 12.23
CA GLU A 656 0.34 15.73 11.79
C GLU A 656 -0.02 17.18 12.15
N GLY A 657 -0.76 17.84 11.28
CA GLY A 657 -1.32 19.16 11.56
C GLY A 657 -2.83 19.01 11.66
N ALA A 658 -3.52 19.37 10.58
CA ALA A 658 -4.93 19.04 10.45
C ALA A 658 -5.08 17.54 10.22
N LEU A 659 -6.30 17.03 10.39
CA LEU A 659 -6.55 15.60 10.24
C LEU A 659 -6.09 15.09 8.88
N GLY A 660 -5.24 14.06 8.89
CA GLY A 660 -4.75 13.43 7.66
C GLY A 660 -3.72 14.24 6.88
N LYS A 661 -3.22 15.32 7.49
CA LYS A 661 -2.29 16.24 6.84
C LYS A 661 -1.06 16.47 7.70
N LYS A 662 0.06 16.81 7.06
CA LYS A 662 1.25 17.25 7.79
C LYS A 662 1.10 18.73 8.14
N LYS A 663 1.99 19.23 8.99
CA LYS A 663 1.93 20.61 9.47
C LYS A 663 2.00 21.64 8.34
N ASP A 664 2.68 21.27 7.24
CA ASP A 664 2.78 22.13 6.07
C ASP A 664 1.55 22.07 5.15
N GLY A 665 0.56 21.28 5.54
CA GLY A 665 -0.69 21.16 4.79
C GLY A 665 -0.73 20.03 3.78
N SER A 666 0.40 19.37 3.56
CA SER A 666 0.49 18.28 2.59
C SER A 666 -0.11 16.98 3.13
N THR A 667 -0.45 16.08 2.20
CA THR A 667 -1.06 14.79 2.50
C THR A 667 -0.13 13.89 3.31
N ILE A 668 -0.69 13.23 4.32
CA ILE A 668 0.00 12.10 4.94
C ILE A 668 -0.21 10.91 4.02
N SER A 669 0.84 10.49 3.33
CA SER A 669 0.73 9.40 2.36
C SER A 669 0.25 8.13 3.03
N GLY A 670 -0.76 7.51 2.44
CA GLY A 670 -1.34 6.30 3.00
C GLY A 670 -2.47 6.51 3.98
N TYR A 671 -2.74 7.76 4.35
CA TYR A 671 -3.90 8.07 5.18
C TYR A 671 -5.17 7.85 4.35
N GLN A 672 -6.15 7.17 4.94
CA GLN A 672 -7.42 6.92 4.25
C GLN A 672 -8.22 8.22 4.20
N ALA A 673 -8.26 8.82 3.00
CA ALA A 673 -8.72 10.19 2.80
C ALA A 673 -10.16 10.50 3.25
N ASP A 674 -11.04 9.50 3.20
CA ASP A 674 -12.41 9.71 3.65
C ASP A 674 -12.55 9.75 5.18
N ASN A 675 -11.42 9.63 5.88
CA ASN A 675 -11.34 9.73 7.35
C ASN A 675 -11.89 8.54 8.13
N GLN A 676 -12.35 7.53 7.41
CA GLN A 676 -13.05 6.40 8.04
C GLN A 676 -12.21 5.11 8.13
N HIS A 677 -10.90 5.25 8.32
CA HIS A 677 -10.06 4.07 8.48
C HIS A 677 -10.56 3.16 9.60
N ARG A 678 -10.52 1.85 9.35
CA ARG A 678 -11.10 0.87 10.27
C ARG A 678 -10.41 0.81 11.64
N HIS A 679 -9.08 0.90 11.64
CA HIS A 679 -8.33 0.96 12.88
C HIS A 679 -8.40 2.36 13.49
N MET A 680 -8.27 2.42 14.81
CA MET A 680 -8.15 3.68 15.55
C MET A 680 -7.00 3.50 16.54
N SER A 681 -5.81 3.25 16.00
CA SER A 681 -4.68 2.83 16.83
C SER A 681 -4.20 3.92 17.78
N HIS A 682 -4.50 5.16 17.45
CA HIS A 682 -4.10 6.30 18.27
C HIS A 682 -5.07 6.62 19.42
N LEU A 683 -6.13 5.82 19.56
CA LEU A 683 -7.11 6.07 20.61
C LEU A 683 -7.05 5.06 21.76
N LEU A 684 -5.99 4.27 21.84
CA LEU A 684 -5.85 3.30 22.93
C LEU A 684 -5.72 3.94 24.30
N GLY A 685 -5.33 5.22 24.33
CA GLY A 685 -5.29 5.98 25.57
C GLY A 685 -6.66 6.33 26.12
N LEU A 686 -7.66 6.36 25.25
CA LEU A 686 -9.08 6.52 25.60
C LEU A 686 -9.68 5.20 26.09
N PHE A 687 -9.44 4.14 25.32
CA PHE A 687 -9.80 2.81 25.74
C PHE A 687 -8.76 1.83 25.20
N PRO A 688 -8.20 0.96 26.07
CA PRO A 688 -8.52 0.73 27.49
C PRO A 688 -7.87 1.67 28.49
N GLY A 689 -6.97 2.53 28.03
CA GLY A 689 -6.10 3.31 28.91
C GLY A 689 -6.75 4.41 29.72
N ASP A 690 -5.93 5.16 30.45
CA ASP A 690 -6.42 6.29 31.24
C ASP A 690 -5.72 7.59 30.88
N LEU A 691 -5.19 7.63 29.66
CA LEU A 691 -4.54 8.81 29.13
C LEU A 691 -5.57 9.86 28.71
N ILE A 692 -6.72 9.39 28.24
CA ILE A 692 -7.82 10.25 27.80
C ILE A 692 -9.05 9.81 28.57
N THR A 693 -9.50 10.65 29.49
CA THR A 693 -10.64 10.33 30.34
C THR A 693 -11.63 11.48 30.42
N ILE A 694 -12.81 11.16 30.94
CA ILE A 694 -13.87 12.13 31.14
C ILE A 694 -13.43 13.31 32.02
N ASP A 695 -12.40 13.10 32.84
CA ASP A 695 -11.89 14.15 33.73
C ASP A 695 -10.96 15.16 33.04
N ASN A 696 -10.69 14.94 31.76
CA ASN A 696 -9.86 15.85 30.99
C ASN A 696 -10.61 16.24 29.73
N SER A 697 -11.38 17.33 29.81
CA SER A 697 -12.22 17.75 28.70
C SER A 697 -11.46 18.10 27.43
N GLU A 698 -10.27 18.68 27.58
CA GLU A 698 -9.46 19.03 26.40
C GLU A 698 -9.18 17.77 25.57
N TYR A 699 -8.69 16.74 26.23
CA TYR A 699 -8.37 15.48 25.56
C TYR A 699 -9.62 14.72 25.14
N MET A 700 -10.63 14.67 26.00
CA MET A 700 -11.86 13.95 25.68
C MET A 700 -12.60 14.57 24.49
N ASP A 701 -12.69 15.90 24.44
CA ASP A 701 -13.32 16.57 23.30
C ASP A 701 -12.62 16.21 22.00
N ALA A 702 -11.29 16.16 22.05
CA ALA A 702 -10.48 15.80 20.89
C ALA A 702 -10.69 14.34 20.49
N ALA A 703 -10.79 13.46 21.49
CA ALA A 703 -11.03 12.05 21.22
C ALA A 703 -12.41 11.84 20.60
N LYS A 704 -13.40 12.56 21.10
CA LYS A 704 -14.74 12.50 20.52
C LYS A 704 -14.73 12.96 19.05
N THR A 705 -13.96 14.02 18.77
CA THR A 705 -13.81 14.51 17.39
C THR A 705 -13.17 13.43 16.52
N SER A 706 -12.09 12.82 17.01
CA SER A 706 -11.43 11.72 16.31
C SER A 706 -12.39 10.56 16.03
N LEU A 707 -13.16 10.17 17.05
CA LEU A 707 -14.14 9.10 16.91
C LEU A 707 -15.21 9.43 15.88
N ARG A 708 -15.70 10.67 15.88
CA ARG A 708 -16.74 11.07 14.94
C ARG A 708 -16.28 10.93 13.50
N TYR A 709 -15.07 11.41 13.20
CA TYR A 709 -14.53 11.26 11.86
C TYR A 709 -14.38 9.79 11.46
N ARG A 710 -13.93 8.96 12.40
CA ARG A 710 -13.72 7.54 12.09
C ARG A 710 -15.02 6.73 11.94
N CYS A 711 -16.05 7.12 12.68
CA CYS A 711 -17.23 6.27 12.87
C CYS A 711 -18.48 6.68 12.08
N PHE A 712 -18.45 7.86 11.50
CA PHE A 712 -19.58 8.42 10.77
C PHE A 712 -19.26 8.64 9.30
N LYS A 713 -20.26 8.43 8.44
CA LYS A 713 -20.22 8.88 7.06
C LYS A 713 -21.30 9.95 6.99
N GLY A 714 -20.87 11.20 6.88
CA GLY A 714 -21.77 12.34 7.05
C GLY A 714 -22.29 12.34 8.48
N ASN A 715 -23.61 12.32 8.62
CA ASN A 715 -24.26 12.28 9.92
C ASN A 715 -24.76 10.89 10.31
N VAL A 716 -24.38 9.87 9.53
CA VAL A 716 -24.85 8.51 9.75
C VAL A 716 -23.78 7.65 10.41
N LEU A 717 -24.09 7.13 11.60
CA LEU A 717 -23.20 6.22 12.31
C LEU A 717 -23.04 4.93 11.51
N GLN A 718 -21.80 4.53 11.28
CA GLN A 718 -21.52 3.38 10.42
C GLN A 718 -21.39 2.08 11.20
N SER A 719 -21.89 1.02 10.58
CA SER A 719 -21.71 -0.32 11.12
C SER A 719 -20.26 -0.77 10.97
N ASN A 720 -19.87 -1.72 11.81
CA ASN A 720 -18.64 -2.46 11.59
C ASN A 720 -18.78 -3.83 12.23
N THR A 721 -17.70 -4.60 12.23
CA THR A 721 -17.75 -6.00 12.60
C THR A 721 -16.56 -6.38 13.46
N GLY A 722 -16.66 -7.54 14.09
CA GLY A 722 -15.55 -8.15 14.80
C GLY A 722 -14.86 -7.22 15.78
N TRP A 723 -13.53 -7.22 15.75
CA TRP A 723 -12.76 -6.44 16.72
C TRP A 723 -13.04 -4.94 16.58
N ALA A 724 -13.35 -4.48 15.36
CA ALA A 724 -13.53 -3.06 15.14
C ALA A 724 -14.77 -2.53 15.84
N ILE A 725 -15.88 -3.24 15.72
CA ILE A 725 -17.08 -2.84 16.44
C ILE A 725 -16.91 -3.00 17.96
N GLY A 726 -16.23 -4.06 18.38
CA GLY A 726 -15.93 -4.24 19.81
C GLY A 726 -15.14 -3.08 20.37
N GLN A 727 -14.10 -2.66 19.66
CA GLN A 727 -13.30 -1.52 20.08
C GLN A 727 -14.11 -0.24 20.12
N ARG A 728 -14.93 -0.02 19.10
CA ARG A 728 -15.72 1.20 19.02
C ARG A 728 -16.74 1.32 20.14
N ILE A 729 -17.42 0.22 20.48
CA ILE A 729 -18.36 0.23 21.61
C ILE A 729 -17.65 0.66 22.90
N ASN A 730 -16.53 0.03 23.20
CA ASN A 730 -15.79 0.36 24.44
C ASN A 730 -15.24 1.77 24.44
N SER A 731 -14.75 2.22 23.30
CA SER A 731 -14.18 3.57 23.16
C SER A 731 -15.25 4.62 23.38
N TRP A 732 -16.39 4.46 22.71
CA TRP A 732 -17.50 5.38 22.90
C TRP A 732 -18.05 5.36 24.33
N ALA A 733 -18.06 4.20 24.99
CA ALA A 733 -18.52 4.15 26.37
C ALA A 733 -17.70 5.08 27.27
N ARG A 734 -16.38 5.10 27.05
CA ARG A 734 -15.48 5.92 27.86
C ARG A 734 -15.73 7.43 27.68
N THR A 735 -16.37 7.82 26.58
CA THR A 735 -16.71 9.23 26.33
C THR A 735 -17.90 9.72 27.16
N GLY A 736 -18.67 8.78 27.70
CA GLY A 736 -19.92 9.13 28.38
C GLY A 736 -21.14 9.21 27.48
N ASP A 737 -20.95 9.08 26.17
CA ASP A 737 -22.06 9.13 25.23
C ASP A 737 -22.70 7.76 25.12
N GLY A 738 -23.62 7.48 26.03
CA GLY A 738 -24.34 6.20 26.07
C GLY A 738 -25.22 5.96 24.87
N ASN A 739 -25.77 7.03 24.29
CA ASN A 739 -26.62 6.88 23.11
C ASN A 739 -25.86 6.36 21.89
N THR A 740 -24.71 6.97 21.60
CA THR A 740 -23.88 6.52 20.49
C THR A 740 -23.35 5.11 20.78
N THR A 741 -22.95 4.85 22.02
CA THR A 741 -22.45 3.54 22.42
C THR A 741 -23.51 2.47 22.18
N TYR A 742 -24.73 2.75 22.65
CA TYR A 742 -25.84 1.83 22.44
C TYR A 742 -26.13 1.59 20.96
N GLN A 743 -26.08 2.66 20.16
CA GLN A 743 -26.30 2.54 18.73
C GLN A 743 -25.27 1.59 18.08
N LEU A 744 -24.05 1.59 18.61
CA LEU A 744 -23.02 0.67 18.13
C LEU A 744 -23.29 -0.77 18.56
N VAL A 745 -23.82 -0.96 19.77
CA VAL A 745 -24.27 -2.28 20.20
C VAL A 745 -25.37 -2.80 19.26
N GLU A 746 -26.33 -1.93 18.93
CA GLU A 746 -27.39 -2.27 18.00
C GLU A 746 -26.83 -2.73 16.66
N LEU A 747 -25.85 -1.97 16.17
CA LEU A 747 -25.22 -2.29 14.89
C LEU A 747 -24.45 -3.60 14.93
N GLN A 748 -23.78 -3.89 16.05
CA GLN A 748 -23.10 -5.17 16.20
C GLN A 748 -24.10 -6.33 16.13
N LEU A 749 -25.21 -6.19 16.84
CA LEU A 749 -26.23 -7.23 16.86
C LEU A 749 -26.86 -7.43 15.48
N LYS A 750 -27.04 -6.35 14.74
CA LYS A 750 -27.65 -6.44 13.41
C LYS A 750 -26.70 -6.93 12.32
N ASN A 751 -25.42 -6.64 12.47
CA ASN A 751 -24.47 -6.81 11.38
C ASN A 751 -23.23 -7.67 11.68
N ALA A 752 -23.14 -8.20 12.89
CA ALA A 752 -21.93 -8.94 13.29
C ALA A 752 -22.20 -10.11 14.23
N MET A 753 -23.43 -10.62 14.22
CA MET A 753 -23.78 -11.79 15.01
C MET A 753 -24.45 -12.85 14.14
N TYR A 754 -23.94 -14.08 14.23
CA TYR A 754 -24.56 -15.21 13.57
C TYR A 754 -25.77 -15.70 14.39
N ALA A 755 -26.50 -16.66 13.84
CA ALA A 755 -27.71 -17.20 14.48
C ALA A 755 -27.45 -17.83 15.85
N ASN A 756 -26.24 -18.35 16.04
CA ASN A 756 -25.80 -18.91 17.32
C ASN A 756 -25.14 -17.86 18.24
N LEU A 757 -25.29 -16.60 17.86
CA LEU A 757 -24.74 -15.44 18.57
C LEU A 757 -23.21 -15.39 18.63
N PHE A 758 -22.55 -16.14 17.76
CA PHE A 758 -21.12 -15.93 17.52
C PHE A 758 -20.90 -14.61 16.80
N ASP A 759 -19.99 -13.81 17.34
CA ASP A 759 -19.52 -12.59 16.68
C ASP A 759 -18.80 -12.95 15.40
N TYR A 760 -18.98 -12.10 14.39
CA TYR A 760 -18.28 -12.32 13.14
C TYR A 760 -17.58 -11.10 12.57
N HIS A 761 -16.53 -11.39 11.82
CA HIS A 761 -15.67 -10.40 11.20
C HIS A 761 -16.07 -10.01 9.75
N ALA A 762 -16.53 -10.91 8.86
CA ALA A 762 -16.55 -12.37 8.96
C ALA A 762 -15.14 -12.91 8.72
N PRO A 763 -14.89 -14.20 9.07
CA PRO A 763 -15.75 -15.20 9.66
C PRO A 763 -15.88 -15.04 11.18
N PHE A 764 -16.39 -16.07 11.84
CA PHE A 764 -16.49 -16.09 13.30
C PHE A 764 -15.17 -15.70 13.93
N GLN A 765 -15.23 -14.70 14.82
CA GLN A 765 -14.11 -14.24 15.64
C GLN A 765 -14.69 -13.95 17.01
N ILE A 766 -14.16 -14.60 18.04
CA ILE A 766 -14.76 -14.48 19.37
C ILE A 766 -14.49 -13.12 20.04
N ASP A 767 -13.46 -12.42 19.56
CA ASP A 767 -13.08 -11.14 20.15
C ASP A 767 -14.27 -10.23 20.41
N GLY A 768 -15.10 -10.02 19.38
CA GLY A 768 -16.26 -9.14 19.49
C GLY A 768 -17.33 -9.60 20.47
N ASN A 769 -17.41 -10.90 20.73
CA ASN A 769 -18.29 -11.40 21.79
C ASN A 769 -17.84 -10.87 23.15
N PHE A 770 -16.54 -10.98 23.40
CA PHE A 770 -15.96 -10.48 24.64
C PHE A 770 -15.99 -8.95 24.70
N GLY A 771 -15.79 -8.32 23.54
CA GLY A 771 -15.84 -6.85 23.45
C GLY A 771 -17.22 -6.30 23.77
N ASN A 772 -18.25 -7.01 23.35
CA ASN A 772 -19.63 -6.63 23.67
C ASN A 772 -19.86 -6.60 25.17
N THR A 773 -19.52 -7.70 25.84
CA THR A 773 -19.69 -7.80 27.30
C THR A 773 -18.94 -6.68 27.99
N SER A 774 -17.71 -6.43 27.58
CA SER A 774 -16.92 -5.35 28.16
C SER A 774 -17.59 -4.00 27.93
N GLY A 775 -18.09 -3.77 26.73
CA GLY A 775 -18.70 -2.49 26.37
C GLY A 775 -19.93 -2.18 27.20
N VAL A 776 -20.78 -3.19 27.39
CA VAL A 776 -21.94 -3.03 28.27
C VAL A 776 -21.48 -2.71 29.70
N ASP A 777 -20.49 -3.44 30.20
CA ASP A 777 -19.94 -3.14 31.52
C ASP A 777 -19.52 -1.68 31.61
N GLU A 778 -18.80 -1.19 30.60
CA GLU A 778 -18.29 0.18 30.63
C GLU A 778 -19.41 1.23 30.54
N MET A 779 -20.54 0.88 29.96
CA MET A 779 -21.70 1.79 29.98
C MET A 779 -22.27 1.95 31.39
N LEU A 780 -22.24 0.86 32.15
CA LEU A 780 -22.88 0.83 33.46
C LEU A 780 -21.94 1.15 34.61
N LEU A 781 -20.64 0.96 34.38
CA LEU A 781 -19.63 1.12 35.42
C LEU A 781 -18.27 1.41 34.79
N GLN A 782 -17.63 2.48 35.22
CA GLN A 782 -16.23 2.71 34.88
C GLN A 782 -15.44 2.89 36.16
N SER A 783 -14.15 2.56 36.12
CA SER A 783 -13.33 2.68 37.32
C SER A 783 -11.86 2.94 37.00
N ASN A 784 -11.59 3.47 35.81
CA ASN A 784 -10.22 3.66 35.34
C ASN A 784 -9.69 5.08 35.47
N SER A 785 -10.55 6.04 35.78
CA SER A 785 -10.13 7.43 35.72
C SER A 785 -9.63 7.96 37.06
N THR A 786 -9.07 9.16 37.02
CA THR A 786 -8.61 9.87 38.21
C THR A 786 -9.32 11.22 38.27
N PHE A 787 -9.93 11.49 39.42
CA PHE A 787 -10.68 12.71 39.71
C PHE A 787 -9.77 13.66 40.46
N THR A 788 -9.86 14.94 40.13
CA THR A 788 -9.10 15.96 40.87
C THR A 788 -10.07 17.00 41.37
N ASP A 789 -10.20 17.13 42.70
CA ASP A 789 -11.10 18.14 43.23
C ASP A 789 -10.46 19.54 43.13
N THR A 790 -11.23 20.58 43.43
CA THR A 790 -10.71 21.94 43.23
C THR A 790 -9.57 22.31 44.19
N ALA A 791 -9.44 21.54 45.28
CA ALA A 791 -8.34 21.72 46.24
C ALA A 791 -7.06 21.02 45.76
N GLY A 792 -7.17 20.25 44.68
CA GLY A 792 -6.03 19.54 44.09
C GLY A 792 -5.89 18.09 44.52
N LYS A 793 -6.82 17.60 45.34
CA LYS A 793 -6.77 16.23 45.81
C LYS A 793 -7.19 15.26 44.71
N LYS A 794 -6.42 14.18 44.56
CA LYS A 794 -6.67 13.19 43.52
C LYS A 794 -7.28 11.91 44.07
N TYR A 795 -8.22 11.35 43.32
CA TYR A 795 -8.86 10.09 43.66
C TYR A 795 -8.70 9.18 42.45
N VAL A 796 -7.80 8.21 42.60
CA VAL A 796 -7.38 7.35 41.51
C VAL A 796 -8.30 6.14 41.43
N ASN A 797 -8.72 5.80 40.21
CA ASN A 797 -9.59 4.65 39.98
C ASN A 797 -10.90 4.76 40.75
N TYR A 798 -11.49 5.94 40.73
CA TYR A 798 -12.77 6.14 41.41
C TYR A 798 -13.86 5.33 40.72
N THR A 799 -14.83 4.89 41.52
CA THR A 799 -15.95 4.10 41.04
C THR A 799 -16.96 5.03 40.40
N ASN A 800 -17.22 4.83 39.11
CA ASN A 800 -18.12 5.69 38.35
C ASN A 800 -19.37 4.95 37.93
N ILE A 801 -20.47 5.27 38.61
CA ILE A 801 -21.76 4.61 38.41
C ILE A 801 -22.52 5.21 37.23
N LEU A 802 -22.91 4.34 36.31
CA LEU A 802 -23.71 4.70 35.13
C LEU A 802 -23.10 5.84 34.31
N PRO A 803 -21.83 5.67 33.88
CA PRO A 803 -21.12 6.72 33.16
C PRO A 803 -21.58 6.95 31.71
N ALA A 804 -22.22 5.96 31.10
CA ALA A 804 -22.67 6.08 29.71
C ALA A 804 -23.95 5.27 29.52
N LEU A 805 -24.96 5.65 30.28
CA LEU A 805 -26.24 4.97 30.27
C LEU A 805 -27.06 5.42 29.06
N PRO A 806 -27.45 4.49 28.19
CA PRO A 806 -28.25 4.87 27.03
C PRO A 806 -29.66 5.30 27.44
N ASP A 807 -30.19 6.30 26.74
CA ASP A 807 -31.59 6.71 26.94
C ASP A 807 -32.54 5.55 26.63
N ALA A 808 -32.11 4.62 25.79
CA ALA A 808 -32.89 3.43 25.45
C ALA A 808 -33.17 2.52 26.65
N TRP A 809 -32.31 2.61 27.67
CA TRP A 809 -32.48 1.83 28.89
C TRP A 809 -32.89 2.76 30.04
N ALA A 810 -34.15 3.19 30.03
CA ALA A 810 -34.64 4.18 30.99
C ALA A 810 -34.61 3.69 32.43
N GLY A 811 -34.86 2.39 32.59
CA GLY A 811 -34.84 1.76 33.92
C GLY A 811 -34.22 0.40 33.84
N GLY A 812 -33.68 -0.05 34.96
CA GLY A 812 -33.07 -1.37 35.01
C GLY A 812 -32.26 -1.57 36.27
N SER A 813 -31.61 -2.72 36.34
CA SER A 813 -30.69 -3.01 37.43
C SER A 813 -29.62 -3.95 36.94
N VAL A 814 -28.47 -3.89 37.62
CA VAL A 814 -27.37 -4.82 37.41
C VAL A 814 -26.75 -5.10 38.77
N SER A 815 -26.25 -6.32 38.95
CA SER A 815 -25.57 -6.68 40.18
C SER A 815 -24.36 -7.52 39.85
N GLY A 816 -23.32 -7.37 40.66
CA GLY A 816 -22.17 -8.25 40.57
C GLY A 816 -21.02 -7.80 39.69
N LEU A 817 -21.09 -6.58 39.15
CA LEU A 817 -19.94 -6.04 38.42
C LEU A 817 -18.81 -5.74 39.39
N VAL A 818 -17.59 -5.61 38.89
CA VAL A 818 -16.45 -5.34 39.74
C VAL A 818 -15.75 -4.07 39.28
N ALA A 819 -15.42 -3.22 40.26
CA ALA A 819 -14.65 -2.01 40.04
C ALA A 819 -13.24 -2.17 40.56
N ARG A 820 -12.33 -1.45 39.93
CA ARG A 820 -10.94 -1.40 40.38
C ARG A 820 -10.87 -1.00 41.86
N GLY A 821 -9.90 -1.57 42.57
CA GLY A 821 -9.85 -1.48 44.03
C GLY A 821 -10.54 -2.63 44.71
N ASN A 822 -11.22 -3.46 43.90
CA ASN A 822 -11.95 -4.64 44.34
C ASN A 822 -13.20 -4.29 45.13
N PHE A 823 -14.15 -3.69 44.42
CA PHE A 823 -15.48 -3.43 44.92
C PHE A 823 -16.48 -4.14 44.01
N THR A 824 -17.44 -4.84 44.60
CA THR A 824 -18.53 -5.40 43.80
C THR A 824 -19.65 -4.37 43.76
N VAL A 825 -20.21 -4.17 42.58
CA VAL A 825 -21.12 -3.07 42.33
C VAL A 825 -22.46 -3.56 41.78
N GLY A 826 -23.53 -3.13 42.44
CA GLY A 826 -24.88 -3.28 41.91
C GLY A 826 -25.50 -1.89 41.83
N THR A 827 -26.32 -1.66 40.82
CA THR A 827 -27.03 -0.39 40.70
C THR A 827 -28.40 -0.61 40.08
N THR A 828 -29.37 0.16 40.59
CA THR A 828 -30.72 0.18 40.08
C THR A 828 -30.99 1.61 39.64
N TRP A 829 -31.67 1.75 38.50
CA TRP A 829 -32.00 3.07 38.00
C TRP A 829 -33.43 3.11 37.45
N LYS A 830 -33.99 4.32 37.44
CA LYS A 830 -35.34 4.56 36.97
C LYS A 830 -35.37 5.96 36.39
N ASN A 831 -36.11 6.13 35.29
CA ASN A 831 -36.18 7.42 34.59
C ASN A 831 -34.79 8.02 34.35
N GLY A 832 -33.85 7.15 33.97
CA GLY A 832 -32.50 7.56 33.62
C GLY A 832 -31.57 7.96 34.76
N LYS A 833 -32.00 7.73 36.00
CA LYS A 833 -31.20 8.13 37.17
C LYS A 833 -31.09 7.01 38.19
N ALA A 834 -29.92 6.87 38.80
CA ALA A 834 -29.70 5.86 39.82
C ALA A 834 -30.63 6.06 41.01
N THR A 835 -31.25 4.97 41.46
CA THR A 835 -32.07 4.98 42.66
C THR A 835 -31.39 4.26 43.82
N GLU A 836 -30.43 3.39 43.49
CA GLU A 836 -29.68 2.67 44.51
C GLU A 836 -28.34 2.22 43.93
N VAL A 837 -27.30 2.33 44.75
CA VAL A 837 -26.03 1.68 44.47
C VAL A 837 -25.72 0.80 45.67
N ARG A 838 -25.29 -0.43 45.40
CA ARG A 838 -24.79 -1.33 46.42
C ARG A 838 -23.31 -1.57 46.15
N LEU A 839 -22.48 -1.13 47.08
CA LEU A 839 -21.03 -1.19 46.91
C LEU A 839 -20.45 -2.11 47.97
N THR A 840 -19.99 -3.29 47.55
CA THR A 840 -19.37 -4.22 48.47
C THR A 840 -17.87 -4.02 48.42
N SER A 841 -17.28 -3.59 49.53
CA SER A 841 -15.84 -3.43 49.58
C SER A 841 -15.20 -4.77 49.90
N ASN A 842 -14.45 -5.32 48.94
CA ASN A 842 -13.84 -6.64 49.15
C ASN A 842 -12.46 -6.58 49.79
N LYS A 843 -11.83 -5.40 49.74
CA LYS A 843 -10.47 -5.24 50.26
C LYS A 843 -10.32 -4.10 51.27
N GLY A 844 -11.40 -3.36 51.54
CA GLY A 844 -11.35 -2.26 52.52
C GLY A 844 -10.68 -0.99 52.03
N LYS A 845 -10.57 -0.82 50.72
CA LYS A 845 -9.96 0.39 50.18
C LYS A 845 -10.91 1.57 50.32
N GLN A 846 -10.36 2.79 50.35
CA GLN A 846 -11.18 3.98 50.38
C GLN A 846 -12.13 3.98 49.20
N ALA A 847 -13.40 4.28 49.47
CA ALA A 847 -14.40 4.45 48.40
C ALA A 847 -14.43 5.89 47.92
N ALA A 848 -14.52 6.05 46.61
CA ALA A 848 -14.68 7.35 45.97
C ALA A 848 -15.63 7.10 44.81
N VAL A 849 -16.86 7.62 44.93
CA VAL A 849 -17.95 7.22 44.06
C VAL A 849 -18.54 8.42 43.32
N LYS A 850 -18.48 8.35 41.98
CA LYS A 850 -19.20 9.29 41.11
C LYS A 850 -20.50 8.62 40.71
N ILE A 851 -21.58 9.38 40.68
CA ILE A 851 -22.83 8.88 40.13
C ILE A 851 -23.18 9.78 38.96
N THR A 852 -22.82 9.32 37.77
CA THR A 852 -22.98 10.15 36.58
C THR A 852 -24.46 10.39 36.28
N ALA A 853 -25.26 9.34 36.40
CA ALA A 853 -26.69 9.44 36.21
C ALA A 853 -27.38 9.75 37.54
N GLY A 854 -27.24 11.00 37.98
CA GLY A 854 -27.91 11.47 39.19
C GLY A 854 -27.15 12.53 39.98
N GLY A 855 -25.82 12.45 39.98
CA GLY A 855 -24.98 13.39 40.72
C GLY A 855 -24.82 12.96 42.17
N ALA A 856 -23.63 12.49 42.51
CA ALA A 856 -23.34 11.91 43.83
C ALA A 856 -23.64 12.83 45.00
N GLN A 857 -23.55 14.14 44.77
CA GLN A 857 -23.83 15.14 45.81
C GLN A 857 -25.28 15.07 46.30
N ASN A 858 -26.14 14.41 45.53
CA ASN A 858 -27.55 14.25 45.86
C ASN A 858 -27.86 12.98 46.66
N TYR A 859 -26.83 12.22 46.99
CA TYR A 859 -26.98 10.91 47.60
C TYR A 859 -26.31 10.83 48.98
N GLU A 860 -26.64 9.78 49.71
CA GLU A 860 -26.05 9.51 51.02
C GLU A 860 -25.72 8.03 51.16
N VAL A 861 -24.81 7.72 52.07
CA VAL A 861 -24.26 6.37 52.22
C VAL A 861 -24.66 5.77 53.57
N LYS A 862 -25.11 4.52 53.52
CA LYS A 862 -25.44 3.77 54.73
C LYS A 862 -24.79 2.40 54.74
N ASN A 863 -24.52 1.91 55.95
CA ASN A 863 -24.15 0.54 56.18
C ASN A 863 -25.32 -0.09 56.92
N GLY A 864 -26.21 -0.72 56.17
CA GLY A 864 -27.49 -1.18 56.70
C GLY A 864 -28.32 0.03 57.11
N ASP A 865 -28.62 0.12 58.40
CA ASP A 865 -29.38 1.25 58.95
C ASP A 865 -28.46 2.36 59.48
N THR A 866 -27.16 2.07 59.56
CA THR A 866 -26.18 2.99 60.13
C THR A 866 -25.66 3.98 59.09
N ALA A 867 -25.75 5.26 59.41
CA ALA A 867 -25.22 6.32 58.55
C ALA A 867 -23.69 6.23 58.48
N VAL A 868 -23.16 6.40 57.28
CA VAL A 868 -21.72 6.35 57.06
C VAL A 868 -21.23 7.77 56.77
N ASN A 869 -20.17 8.17 57.47
CA ASN A 869 -19.54 9.45 57.19
C ASN A 869 -19.01 9.43 55.77
N ALA A 870 -19.53 10.33 54.94
CA ALA A 870 -19.09 10.45 53.55
C ALA A 870 -18.93 11.91 53.17
N LYS A 871 -17.71 12.26 52.77
CA LYS A 871 -17.39 13.60 52.31
C LYS A 871 -17.77 13.75 50.85
N VAL A 872 -18.25 14.93 50.48
CA VAL A 872 -18.51 15.26 49.08
C VAL A 872 -17.36 16.16 48.60
N VAL A 873 -16.68 15.72 47.56
CA VAL A 873 -15.63 16.51 46.92
C VAL A 873 -16.09 16.86 45.50
N THR A 874 -15.65 18.01 45.00
CA THR A 874 -16.15 18.54 43.73
C THR A 874 -15.01 19.08 42.90
N ASN A 875 -15.07 18.84 41.59
CA ASN A 875 -14.07 19.39 40.68
C ASN A 875 -14.53 20.70 40.04
N ALA A 876 -13.64 21.29 39.23
CA ALA A 876 -13.90 22.60 38.64
C ALA A 876 -15.11 22.64 37.72
N ASP A 877 -15.50 21.49 37.18
CA ASP A 877 -16.70 21.47 36.33
C ASP A 877 -17.95 21.01 37.06
N GLY A 878 -17.90 20.98 38.39
CA GLY A 878 -19.09 20.69 39.19
C GLY A 878 -19.47 19.22 39.32
N ALA A 879 -18.57 18.32 38.92
CA ALA A 879 -18.78 16.88 39.17
C ALA A 879 -18.35 16.57 40.59
N SER A 880 -19.09 15.69 41.25
CA SER A 880 -18.83 15.35 42.66
C SER A 880 -18.61 13.86 42.89
N LEU A 881 -17.81 13.55 43.91
CA LEU A 881 -17.68 12.21 44.44
C LEU A 881 -18.11 12.16 45.89
N LEU A 882 -18.66 11.01 46.29
CA LEU A 882 -18.79 10.65 47.70
C LEU A 882 -17.56 9.85 48.10
N VAL A 883 -16.89 10.30 49.15
CA VAL A 883 -15.66 9.68 49.60
C VAL A 883 -15.83 9.18 51.02
N PHE A 884 -15.58 7.88 51.23
CA PHE A 884 -15.77 7.29 52.55
C PHE A 884 -14.86 6.10 52.78
N ASP A 885 -14.53 5.87 54.05
CA ASP A 885 -13.80 4.68 54.45
C ASP A 885 -14.66 3.46 54.26
N THR A 886 -14.02 2.32 53.96
CA THR A 886 -14.72 1.06 53.95
C THR A 886 -13.96 0.00 54.72
N THR A 887 -14.65 -1.10 55.00
CA THR A 887 -14.07 -2.27 55.63
C THR A 887 -14.38 -3.48 54.76
N ALA A 888 -13.36 -4.30 54.54
CA ALA A 888 -13.51 -5.51 53.72
C ALA A 888 -14.64 -6.38 54.24
N GLY A 889 -15.54 -6.78 53.35
CA GLY A 889 -16.68 -7.63 53.69
C GLY A 889 -17.99 -6.87 53.86
N THR A 890 -17.92 -5.55 53.90
CA THR A 890 -19.10 -4.71 54.14
C THR A 890 -19.69 -4.16 52.84
N THR A 891 -21.02 -4.19 52.75
CA THR A 891 -21.75 -3.59 51.64
C THR A 891 -22.38 -2.27 52.07
N TYR A 892 -22.14 -1.24 51.26
CA TYR A 892 -22.63 0.10 51.50
C TYR A 892 -23.74 0.41 50.52
N THR A 893 -24.82 0.99 51.03
CA THR A 893 -25.98 1.30 50.21
C THR A 893 -26.07 2.80 50.01
N ILE A 894 -26.16 3.23 48.75
CA ILE A 894 -26.16 4.64 48.40
C ILE A 894 -27.50 4.97 47.75
N THR A 895 -28.19 5.94 48.33
CA THR A 895 -29.55 6.31 47.92
C THR A 895 -29.73 7.82 47.90
N LYS A 896 -30.73 8.30 47.18
CA LYS A 896 -31.05 9.73 47.12
C LYS A 896 -31.40 10.27 48.50
N LYS A 897 -30.85 11.43 48.83
CA LYS A 897 -31.25 12.16 50.04
C LYS A 897 -32.69 12.65 49.89
N GLY B 10 34.69 34.39 -15.14
CA GLY B 10 35.60 33.39 -15.79
C GLY B 10 35.04 31.98 -15.77
N ASP B 11 35.37 31.20 -16.80
CA ASP B 11 34.89 29.82 -16.92
C ASP B 11 35.78 28.82 -16.19
N GLY B 12 37.01 29.22 -15.90
CA GLY B 12 37.99 28.35 -15.25
C GLY B 12 38.42 27.22 -16.15
N ASP B 13 38.71 26.07 -15.55
CA ASP B 13 39.15 24.89 -16.28
C ASP B 13 37.97 24.17 -16.93
N THR B 14 37.86 24.31 -18.25
CA THR B 14 36.80 23.66 -19.03
C THR B 14 37.30 22.45 -19.80
N SER B 15 38.55 22.04 -19.54
CA SER B 15 39.17 20.96 -20.28
C SER B 15 38.45 19.60 -20.15
N LYS B 16 37.75 19.42 -19.03
CA LYS B 16 37.02 18.17 -18.78
C LYS B 16 35.55 18.24 -19.15
N ASP B 17 35.11 19.39 -19.65
CA ASP B 17 33.70 19.58 -20.03
C ASP B 17 33.42 18.91 -21.38
N ASP B 18 32.15 18.53 -21.57
CA ASP B 18 31.71 17.95 -22.83
C ASP B 18 31.26 19.06 -23.78
N TRP B 19 31.90 19.13 -24.94
CA TRP B 19 31.59 20.17 -25.93
C TRP B 19 31.17 19.59 -27.28
N LEU B 20 30.15 20.21 -27.87
CA LEU B 20 30.01 20.21 -29.32
C LEU B 20 30.69 21.49 -29.77
N TRP B 21 31.56 21.41 -30.77
CA TRP B 21 32.28 22.61 -31.20
C TRP B 21 32.59 22.63 -32.69
N TYR B 22 32.73 23.85 -33.23
CA TYR B 22 32.81 24.09 -34.67
C TYR B 22 33.75 25.24 -34.94
N LYS B 23 34.46 25.14 -36.06
CA LYS B 23 35.45 26.14 -36.44
C LYS B 23 34.90 27.22 -37.37
N GLN B 24 33.58 27.24 -37.55
CA GLN B 24 32.94 28.21 -38.44
C GLN B 24 31.48 28.43 -38.05
N PRO B 25 30.90 29.59 -38.39
CA PRO B 25 29.48 29.86 -38.09
C PRO B 25 28.51 28.86 -38.70
N ALA B 26 27.27 28.88 -38.20
CA ALA B 26 26.22 28.03 -38.73
C ALA B 26 26.10 28.16 -40.26
N SER B 27 26.18 29.40 -40.76
CA SER B 27 26.06 29.67 -42.20
C SER B 27 27.13 28.97 -43.05
N GLN B 28 28.24 28.59 -42.43
CA GLN B 28 29.35 27.94 -43.13
C GLN B 28 29.49 26.47 -42.75
N THR B 29 28.53 25.95 -41.98
CA THR B 29 28.55 24.57 -41.51
C THR B 29 27.73 23.67 -42.44
N ASP B 30 28.19 22.44 -42.63
CA ASP B 30 27.55 21.46 -43.53
C ASP B 30 26.07 21.27 -43.17
N ALA B 31 25.20 21.63 -44.11
CA ALA B 31 23.76 21.40 -43.98
C ALA B 31 23.24 20.59 -45.16
N THR B 32 24.04 19.61 -45.59
CA THR B 32 23.76 18.85 -46.82
C THR B 32 22.94 17.57 -46.63
N ALA B 33 22.63 17.22 -45.38
CA ALA B 33 21.79 16.05 -45.12
C ALA B 33 20.36 16.31 -45.60
N THR B 34 19.59 15.25 -45.74
CA THR B 34 18.20 15.36 -46.18
C THR B 34 17.44 16.39 -45.34
N ALA B 35 16.80 17.34 -46.03
CA ALA B 35 16.07 18.42 -45.36
C ALA B 35 14.74 17.96 -44.79
N GLY B 36 13.98 17.21 -45.57
CA GLY B 36 12.65 16.76 -45.15
C GLY B 36 11.56 17.78 -45.39
N GLY B 37 10.32 17.35 -45.19
CA GLY B 37 9.14 18.20 -45.37
C GLY B 37 9.21 19.46 -44.54
N ASN B 38 8.73 20.55 -45.13
CA ASN B 38 8.68 21.88 -44.50
C ASN B 38 10.01 22.63 -44.42
N TYR B 39 11.07 22.04 -44.94
CA TYR B 39 12.39 22.67 -44.89
C TYR B 39 12.98 22.96 -46.28
N GLY B 40 12.09 23.29 -47.22
CA GLY B 40 12.50 23.68 -48.58
C GLY B 40 13.21 25.02 -48.64
N ASN B 41 12.96 25.86 -47.64
CA ASN B 41 13.67 27.13 -47.51
C ASN B 41 15.07 26.83 -46.97
N PRO B 42 16.13 27.14 -47.75
CA PRO B 42 17.49 26.81 -47.31
C PRO B 42 17.86 27.41 -45.95
N ASP B 43 17.32 28.56 -45.59
CA ASP B 43 17.61 29.17 -44.30
C ASP B 43 17.02 28.37 -43.14
N ASN B 44 15.80 27.87 -43.31
CA ASN B 44 15.19 27.00 -42.32
C ASN B 44 15.94 25.67 -42.21
N ASN B 45 16.34 25.11 -43.35
CA ASN B 45 17.12 23.90 -43.32
C ASN B 45 18.46 24.11 -42.62
N ARG B 46 19.10 25.25 -42.88
CA ARG B 46 20.37 25.56 -42.21
C ARG B 46 20.17 25.58 -40.70
N TRP B 47 19.08 26.21 -40.25
CA TRP B 47 18.76 26.27 -38.82
C TRP B 47 18.80 24.87 -38.19
N GLN B 48 18.09 23.92 -38.79
CA GLN B 48 17.89 22.62 -38.13
C GLN B 48 19.14 21.77 -38.12
N GLN B 49 20.05 22.01 -39.06
CA GLN B 49 21.23 21.17 -39.21
C GLN B 49 22.46 21.70 -38.49
N THR B 50 22.47 22.98 -38.15
CA THR B 50 23.72 23.64 -37.77
C THR B 50 23.72 24.45 -36.48
N THR B 51 22.55 24.83 -35.95
CA THR B 51 22.51 25.71 -34.79
C THR B 51 22.56 24.93 -33.48
N LEU B 52 22.93 25.62 -32.40
CA LEU B 52 23.18 24.95 -31.14
C LEU B 52 22.17 25.37 -30.08
N PRO B 53 21.41 24.40 -29.54
CA PRO B 53 20.30 24.68 -28.63
C PRO B 53 20.66 24.82 -27.16
N PHE B 54 19.92 25.67 -26.47
CA PHE B 54 19.98 25.76 -25.03
C PHE B 54 18.60 26.20 -24.54
N GLY B 55 18.29 25.93 -23.27
CA GLY B 55 17.00 26.31 -22.74
C GLY B 55 16.90 26.09 -21.25
N ASN B 56 15.81 26.59 -20.67
CA ASN B 56 15.53 26.38 -19.25
C ASN B 56 14.24 25.59 -19.01
N GLY B 57 13.83 24.83 -20.03
CA GLY B 57 12.58 24.10 -19.98
C GLY B 57 11.37 24.91 -20.46
N LYS B 58 11.55 26.22 -20.59
CA LYS B 58 10.46 27.14 -20.90
C LYS B 58 10.81 28.05 -22.08
N ILE B 59 11.89 28.83 -21.96
CA ILE B 59 12.44 29.55 -23.09
C ILE B 59 13.66 28.82 -23.63
N GLY B 60 13.87 28.96 -24.94
CA GLY B 60 14.98 28.33 -25.60
C GLY B 60 15.60 29.22 -26.67
N GLY B 61 16.88 29.01 -26.89
CA GLY B 61 17.59 29.63 -28.00
C GLY B 61 18.32 28.59 -28.84
N THR B 62 18.53 28.94 -30.09
CA THR B 62 19.40 28.18 -30.98
C THR B 62 20.36 29.16 -31.62
N VAL B 63 21.65 28.97 -31.31
CA VAL B 63 22.69 29.95 -31.62
C VAL B 63 23.31 29.66 -32.98
N TRP B 64 23.37 30.69 -33.82
CA TRP B 64 24.00 30.58 -35.13
C TRP B 64 25.51 30.87 -35.10
N GLY B 65 25.91 31.84 -34.27
CA GLY B 65 27.31 32.22 -34.14
C GLY B 65 27.85 32.99 -35.34
N GLU B 66 26.99 33.77 -35.99
CA GLU B 66 27.41 34.56 -37.14
C GLU B 66 28.33 35.70 -36.71
N VAL B 67 29.26 36.06 -37.58
CA VAL B 67 30.28 37.05 -37.23
C VAL B 67 29.69 38.44 -37.03
N SER B 68 28.99 38.95 -38.05
CA SER B 68 28.45 40.31 -37.97
C SER B 68 27.00 40.35 -37.54
N ARG B 69 26.12 39.71 -38.31
CA ARG B 69 24.70 39.68 -37.95
C ARG B 69 24.40 38.40 -37.20
N GLU B 70 24.74 38.43 -35.91
CA GLU B 70 24.51 37.30 -35.02
C GLU B 70 23.02 37.07 -34.84
N ARG B 71 22.64 35.81 -34.68
CA ARG B 71 21.25 35.41 -34.62
C ARG B 71 21.10 34.31 -33.56
N VAL B 72 20.11 34.49 -32.68
CA VAL B 72 19.70 33.43 -31.76
C VAL B 72 18.21 33.22 -31.99
N THR B 73 17.87 32.09 -32.60
CA THR B 73 16.47 31.75 -32.84
C THR B 73 15.80 31.49 -31.49
N PHE B 74 14.60 32.03 -31.29
CA PHE B 74 14.00 32.13 -29.96
C PHE B 74 12.67 31.41 -29.86
N ASN B 75 12.48 30.69 -28.75
CA ASN B 75 11.26 29.95 -28.46
C ASN B 75 10.79 30.18 -27.03
N GLU B 76 9.47 30.10 -26.85
CA GLU B 76 8.88 29.88 -25.53
C GLU B 76 7.84 28.77 -25.67
N GLU B 77 7.88 27.83 -24.73
CA GLU B 77 7.15 26.55 -24.83
C GLU B 77 5.64 26.66 -25.00
N THR B 78 5.04 27.77 -24.57
CA THR B 78 3.58 27.90 -24.60
C THR B 78 3.04 28.70 -25.79
N LEU B 79 3.90 29.05 -26.75
CA LEU B 79 3.45 29.82 -27.90
C LEU B 79 2.78 28.88 -28.91
N TRP B 80 1.51 28.61 -28.65
CA TRP B 80 0.71 27.63 -29.36
C TRP B 80 -0.56 28.29 -29.92
N THR B 81 -0.78 28.14 -31.22
CA THR B 81 -2.08 28.48 -31.79
C THR B 81 -3.07 27.33 -31.52
N GLY B 82 -4.33 27.55 -31.86
CA GLY B 82 -5.39 26.59 -31.61
C GLY B 82 -6.09 26.82 -30.29
N GLY B 83 -7.03 25.93 -29.97
CA GLY B 83 -7.67 25.96 -28.67
C GLY B 83 -8.81 26.94 -28.56
N PRO B 84 -9.29 27.18 -27.33
CA PRO B 84 -10.42 28.09 -27.16
C PRO B 84 -10.06 29.48 -27.68
N GLY B 85 -11.00 30.11 -28.37
CA GLY B 85 -10.76 31.40 -29.01
C GLY B 85 -10.39 31.29 -30.48
N SER B 86 -10.03 30.10 -30.95
CA SER B 86 -9.68 29.90 -32.36
C SER B 86 -10.91 29.72 -33.25
N SER B 87 -12.05 29.49 -32.61
CA SER B 87 -13.36 29.44 -33.26
C SER B 87 -14.37 29.76 -32.17
N THR B 88 -15.64 29.86 -32.55
CA THR B 88 -16.70 30.11 -31.58
C THR B 88 -17.22 28.82 -30.94
N SER B 89 -16.68 27.67 -31.35
CA SER B 89 -17.23 26.39 -30.92
C SER B 89 -16.18 25.35 -30.54
N TYR B 90 -14.97 25.80 -30.20
CA TYR B 90 -13.89 24.88 -29.86
C TYR B 90 -14.32 23.86 -28.82
N ASN B 91 -14.15 22.58 -29.16
CA ASN B 91 -14.52 21.46 -28.31
C ASN B 91 -13.53 20.31 -28.46
N GLY B 92 -12.24 20.66 -28.51
CA GLY B 92 -11.17 19.66 -28.54
C GLY B 92 -11.14 18.79 -29.79
N GLY B 93 -11.85 19.22 -30.83
CA GLY B 93 -11.95 18.47 -32.07
C GLY B 93 -13.04 17.42 -32.12
N ASN B 94 -13.75 17.24 -31.00
CA ASN B 94 -14.74 16.16 -30.92
C ASN B 94 -15.90 16.34 -31.89
N ASN B 95 -16.25 15.28 -32.61
CA ASN B 95 -17.34 15.33 -33.57
C ASN B 95 -18.47 14.42 -33.14
N GLU B 96 -19.54 15.02 -32.62
CA GLU B 96 -20.68 14.27 -32.11
C GLU B 96 -21.40 13.46 -33.18
N THR B 97 -21.43 13.98 -34.41
CA THR B 97 -22.08 13.26 -35.49
C THR B 97 -21.32 11.97 -35.85
N LYS B 98 -20.00 12.01 -35.68
CA LYS B 98 -19.17 10.83 -35.92
C LYS B 98 -19.28 9.82 -34.78
N GLY B 99 -19.13 10.31 -33.54
CA GLY B 99 -19.08 9.42 -32.38
C GLY B 99 -20.42 8.82 -31.99
N GLN B 100 -21.49 9.61 -32.09
CA GLN B 100 -22.84 9.16 -31.73
C GLN B 100 -22.89 8.59 -30.31
N ASN B 101 -22.22 9.26 -29.37
CA ASN B 101 -22.16 8.82 -27.97
C ASN B 101 -21.81 7.34 -27.82
N GLY B 102 -20.83 6.89 -28.61
CA GLY B 102 -20.34 5.52 -28.55
C GLY B 102 -21.02 4.53 -29.48
N ALA B 103 -22.10 4.93 -30.14
CA ALA B 103 -22.89 4.02 -30.96
C ALA B 103 -22.14 3.55 -32.22
N THR B 104 -21.31 4.42 -32.79
CA THR B 104 -20.54 4.08 -33.98
C THR B 104 -19.54 2.98 -33.68
N LEU B 105 -18.77 3.18 -32.61
CA LEU B 105 -17.82 2.20 -32.14
C LEU B 105 -18.50 0.88 -31.75
N ARG B 106 -19.61 0.98 -31.02
CA ARG B 106 -20.36 -0.18 -30.55
C ARG B 106 -20.80 -1.07 -31.73
N ALA B 107 -21.33 -0.43 -32.77
CA ALA B 107 -21.82 -1.16 -33.94
C ALA B 107 -20.69 -1.84 -34.73
N LEU B 108 -19.53 -1.19 -34.84
CA LEU B 108 -18.38 -1.79 -35.49
C LEU B 108 -17.90 -3.02 -34.72
N ASN B 109 -17.85 -2.90 -33.39
CA ASN B 109 -17.45 -4.01 -32.56
C ASN B 109 -18.43 -5.19 -32.65
N LYS B 110 -19.72 -4.89 -32.79
CA LYS B 110 -20.73 -5.93 -32.99
C LYS B 110 -20.49 -6.69 -34.30
N GLN B 111 -20.15 -5.96 -35.36
CA GLN B 111 -19.83 -6.61 -36.64
C GLN B 111 -18.67 -7.59 -36.48
N LEU B 112 -17.63 -7.16 -35.77
CA LEU B 112 -16.48 -8.01 -35.50
C LEU B 112 -16.84 -9.20 -34.62
N ALA B 113 -17.60 -8.95 -33.56
CA ALA B 113 -18.02 -10.00 -32.63
C ALA B 113 -18.88 -11.06 -33.34
N ASN B 114 -19.61 -10.64 -34.37
CA ASN B 114 -20.45 -11.55 -35.15
C ASN B 114 -19.69 -12.33 -36.24
N GLY B 115 -18.38 -12.10 -36.32
CA GLY B 115 -17.53 -12.91 -37.18
C GLY B 115 -16.78 -12.22 -38.30
N ALA B 116 -17.00 -10.92 -38.48
CA ALA B 116 -16.24 -10.17 -39.49
C ALA B 116 -14.76 -10.15 -39.15
N GLU B 117 -13.91 -10.38 -40.15
CA GLU B 117 -12.47 -10.29 -39.99
C GLU B 117 -11.98 -8.85 -40.04
N THR B 118 -12.68 -8.04 -40.82
CA THR B 118 -12.40 -6.62 -40.94
C THR B 118 -13.71 -5.85 -41.02
N VAL B 119 -13.66 -4.58 -40.62
CA VAL B 119 -14.77 -3.64 -40.77
C VAL B 119 -14.20 -2.33 -41.32
N ASN B 120 -15.09 -1.41 -41.69
CA ASN B 120 -14.66 -0.07 -42.09
C ASN B 120 -14.90 0.91 -40.96
N PRO B 121 -13.84 1.28 -40.22
CA PRO B 121 -13.97 2.18 -39.09
C PRO B 121 -13.83 3.66 -39.47
N GLY B 122 -13.97 3.97 -40.75
CA GLY B 122 -13.71 5.32 -41.28
C GLY B 122 -14.50 6.46 -40.68
N ASN B 123 -15.65 6.16 -40.07
CA ASN B 123 -16.45 7.19 -39.41
C ASN B 123 -15.94 7.62 -38.04
N LEU B 124 -14.94 6.92 -37.52
CA LEU B 124 -14.39 7.25 -36.20
C LEU B 124 -13.32 8.33 -36.31
N THR B 125 -13.79 9.56 -36.54
CA THR B 125 -12.91 10.69 -36.82
C THR B 125 -13.38 11.94 -36.10
N GLY B 126 -12.50 12.94 -36.11
CA GLY B 126 -12.80 14.27 -35.59
C GLY B 126 -11.70 15.22 -36.04
N GLY B 127 -11.63 16.37 -35.39
CA GLY B 127 -10.47 17.24 -35.54
C GLY B 127 -10.27 17.84 -36.92
N GLU B 128 -11.36 18.28 -37.54
CA GLU B 128 -11.32 18.73 -38.94
C GLU B 128 -10.79 20.14 -39.14
N ASN B 129 -10.87 20.97 -38.10
CA ASN B 129 -10.51 22.38 -38.23
C ASN B 129 -9.07 22.64 -37.82
N ALA B 130 -8.21 22.85 -38.81
CA ALA B 130 -6.78 23.05 -38.57
C ALA B 130 -6.45 24.28 -37.73
N ALA B 131 -7.33 25.29 -37.77
CA ALA B 131 -7.16 26.48 -36.96
C ALA B 131 -7.48 26.20 -35.49
N GLU B 132 -8.42 25.30 -35.23
CA GLU B 132 -8.69 24.84 -33.87
C GLU B 132 -7.58 23.96 -33.33
N GLN B 133 -7.05 23.09 -34.18
CA GLN B 133 -5.97 22.22 -33.75
C GLN B 133 -4.76 23.05 -33.37
N GLY B 134 -4.39 23.95 -34.27
CA GLY B 134 -3.20 24.77 -34.08
C GLY B 134 -1.92 23.99 -34.11
N ASN B 135 -0.87 24.62 -33.60
CA ASN B 135 0.47 24.07 -33.60
C ASN B 135 1.41 24.92 -32.78
N TYR B 136 2.61 24.40 -32.53
CA TYR B 136 3.66 25.13 -31.84
C TYR B 136 4.33 26.10 -32.80
N LEU B 137 4.56 27.33 -32.35
CA LEU B 137 5.18 28.38 -33.17
C LEU B 137 6.60 28.70 -32.76
N ASN B 138 7.51 28.84 -33.72
CA ASN B 138 8.71 29.61 -33.45
C ASN B 138 8.28 31.00 -33.01
N TRP B 139 8.85 31.50 -31.92
CA TRP B 139 8.50 32.83 -31.42
C TRP B 139 9.07 33.89 -32.36
N GLY B 140 10.37 33.81 -32.60
CA GLY B 140 11.07 34.72 -33.51
C GLY B 140 12.56 34.53 -33.37
N ASP B 141 13.29 35.65 -33.40
CA ASP B 141 14.74 35.65 -33.32
C ASP B 141 15.22 36.86 -32.55
N ILE B 142 16.37 36.68 -31.89
CA ILE B 142 17.17 37.80 -31.39
C ILE B 142 18.28 38.03 -32.40
N TYR B 143 18.38 39.27 -32.90
CA TYR B 143 19.47 39.66 -33.79
C TYR B 143 20.40 40.62 -33.09
N LEU B 144 21.70 40.32 -33.15
CA LEU B 144 22.74 41.18 -32.61
C LEU B 144 23.62 41.58 -33.78
N ASP B 145 23.38 42.77 -34.34
CA ASP B 145 24.04 43.19 -35.56
C ASP B 145 25.22 44.09 -35.23
N TYR B 146 26.42 43.55 -35.42
CA TYR B 146 27.66 44.25 -35.11
C TYR B 146 28.07 45.24 -36.21
N GLY B 147 27.45 45.13 -37.38
CA GLY B 147 27.69 46.07 -38.47
C GLY B 147 29.12 46.13 -38.97
N PHE B 148 29.79 44.98 -38.98
CA PHE B 148 31.15 44.89 -39.51
C PHE B 148 31.17 45.12 -41.02
N ASN B 149 32.29 45.66 -41.52
CA ASN B 149 32.47 45.90 -42.95
C ASN B 149 32.61 44.62 -43.76
N ASP B 150 33.13 43.58 -43.10
CA ASP B 150 33.30 42.26 -43.72
C ASP B 150 33.15 41.15 -42.69
N THR B 151 33.30 39.91 -43.14
CA THR B 151 33.12 38.74 -42.29
C THR B 151 34.46 38.11 -41.88
N THR B 152 35.56 38.62 -42.45
CA THR B 152 36.88 38.04 -42.27
C THR B 152 37.32 38.00 -40.81
N VAL B 153 37.57 36.80 -40.31
CA VAL B 153 38.01 36.60 -38.93
C VAL B 153 39.12 35.56 -38.85
N THR B 154 39.78 35.54 -37.69
CA THR B 154 40.67 34.45 -37.33
C THR B 154 40.27 33.97 -35.94
N GLU B 155 40.82 32.82 -35.53
CA GLU B 155 40.61 32.27 -34.19
C GLU B 155 39.12 32.07 -33.87
N TYR B 156 38.34 31.70 -34.88
CA TYR B 156 36.92 31.49 -34.71
C TYR B 156 36.63 30.13 -34.07
N ARG B 157 35.79 30.14 -33.04
CA ARG B 157 35.18 28.92 -32.54
C ARG B 157 33.79 29.21 -31.98
N ARG B 158 32.86 28.30 -32.25
CA ARG B 158 31.59 28.30 -31.53
C ARG B 158 31.42 26.93 -30.90
N ASP B 159 30.82 26.90 -29.72
CA ASP B 159 30.66 25.65 -29.00
C ASP B 159 29.38 25.62 -28.18
N LEU B 160 28.99 24.40 -27.81
CA LEU B 160 27.95 24.20 -26.83
C LEU B 160 28.57 23.37 -25.72
N ASN B 161 28.65 23.96 -24.54
CA ASN B 161 29.21 23.28 -23.38
C ASN B 161 28.07 22.54 -22.67
N LEU B 162 27.98 21.24 -22.92
CA LEU B 162 26.91 20.42 -22.34
C LEU B 162 27.01 20.35 -20.82
N SER B 163 28.24 20.46 -20.31
CA SER B 163 28.50 20.32 -18.88
C SER B 163 28.04 21.53 -18.08
N LYS B 164 28.20 22.72 -18.66
CA LYS B 164 27.84 23.96 -18.00
C LYS B 164 26.54 24.57 -18.52
N GLY B 165 25.96 23.96 -19.55
CA GLY B 165 24.69 24.41 -20.09
C GLY B 165 24.73 25.80 -20.69
N LYS B 166 25.73 26.05 -21.53
CA LYS B 166 25.86 27.35 -22.18
C LYS B 166 26.50 27.23 -23.55
N ALA B 167 26.16 28.18 -24.42
CA ALA B 167 26.74 28.26 -25.75
C ALA B 167 27.71 29.43 -25.81
N ASP B 168 28.82 29.23 -26.52
CA ASP B 168 29.88 30.22 -26.61
C ASP B 168 30.23 30.51 -28.07
N VAL B 169 30.66 31.74 -28.32
CA VAL B 169 31.23 32.14 -29.60
C VAL B 169 32.43 33.04 -29.33
N THR B 170 33.51 32.82 -30.09
CA THR B 170 34.67 33.69 -30.03
C THR B 170 35.29 33.83 -31.40
N PHE B 171 35.82 35.01 -31.68
CA PHE B 171 36.59 35.26 -32.89
C PHE B 171 37.37 36.56 -32.77
N LYS B 172 38.38 36.71 -33.62
CA LYS B 172 39.15 37.93 -33.72
C LYS B 172 38.82 38.63 -35.04
N HIS B 173 38.37 39.88 -34.95
CA HIS B 173 38.04 40.67 -36.12
C HIS B 173 38.74 42.03 -36.00
N ASP B 174 39.50 42.39 -37.03
CA ASP B 174 40.21 43.68 -37.08
C ASP B 174 41.00 43.96 -35.79
N GLY B 175 41.74 42.96 -35.33
CA GLY B 175 42.60 43.06 -34.14
C GLY B 175 41.91 43.05 -32.79
N VAL B 176 40.60 42.75 -32.79
CA VAL B 176 39.81 42.73 -31.55
C VAL B 176 39.15 41.37 -31.39
N THR B 177 39.29 40.79 -30.20
CA THR B 177 38.60 39.54 -29.88
C THR B 177 37.20 39.83 -29.35
N TYR B 178 36.21 39.22 -29.98
CA TYR B 178 34.82 39.32 -29.55
C TYR B 178 34.38 37.98 -28.98
N THR B 179 33.69 38.03 -27.85
CA THR B 179 33.11 36.82 -27.28
C THR B 179 31.63 36.98 -27.01
N ARG B 180 30.91 35.85 -27.08
CA ARG B 180 29.50 35.78 -26.76
C ARG B 180 29.27 34.54 -25.93
N GLU B 181 28.40 34.66 -24.94
CA GLU B 181 28.00 33.54 -24.09
C GLU B 181 26.50 33.61 -23.92
N TYR B 182 25.83 32.47 -24.08
CA TYR B 182 24.38 32.41 -23.97
C TYR B 182 23.98 31.26 -23.06
N PHE B 183 23.05 31.52 -22.17
CA PHE B 183 22.43 30.45 -21.39
C PHE B 183 21.03 30.85 -20.96
N ALA B 184 20.23 29.86 -20.57
CA ALA B 184 18.89 30.14 -20.06
C ALA B 184 18.78 29.49 -18.69
N SER B 185 18.68 30.34 -17.68
CA SER B 185 18.62 29.89 -16.30
C SER B 185 17.24 29.44 -15.90
N ASN B 186 17.16 28.26 -15.29
CA ASN B 186 15.91 27.82 -14.67
C ASN B 186 15.63 28.56 -13.34
N PRO B 187 16.61 28.58 -12.40
CA PRO B 187 16.39 29.30 -11.13
C PRO B 187 15.93 30.75 -11.27
N ASP B 188 16.49 31.48 -12.21
CA ASP B 188 16.13 32.90 -12.38
C ASP B 188 15.24 33.16 -13.60
N ASN B 189 14.83 32.07 -14.25
CA ASN B 189 13.83 32.11 -15.31
C ASN B 189 14.13 33.12 -16.41
N VAL B 190 15.36 33.13 -16.89
CA VAL B 190 15.82 34.23 -17.73
C VAL B 190 16.93 33.75 -18.65
N MET B 191 16.94 34.28 -19.86
CA MET B 191 18.00 34.04 -20.83
C MET B 191 19.03 35.15 -20.71
N VAL B 192 20.30 34.78 -20.76
CA VAL B 192 21.39 35.71 -20.59
C VAL B 192 22.30 35.67 -21.80
N ALA B 193 22.66 36.85 -22.31
CA ALA B 193 23.70 36.95 -23.33
C ALA B 193 24.79 37.88 -22.81
N ARG B 194 25.99 37.34 -22.63
CA ARG B 194 27.14 38.11 -22.17
C ARG B 194 28.02 38.36 -23.38
N LEU B 195 28.21 39.64 -23.70
CA LEU B 195 28.90 40.04 -24.92
C LEU B 195 30.09 40.91 -24.57
N THR B 196 31.26 40.59 -25.12
CA THR B 196 32.47 41.36 -24.83
C THR B 196 33.28 41.67 -26.08
N ALA B 197 34.07 42.74 -25.97
CA ALA B 197 35.16 43.04 -26.89
C ALA B 197 36.42 43.20 -26.05
N SER B 198 37.58 42.88 -26.63
CA SER B 198 38.84 42.88 -25.90
C SER B 198 39.44 44.27 -25.71
N LYS B 199 38.90 45.25 -26.43
CA LYS B 199 39.38 46.63 -26.36
C LYS B 199 38.22 47.56 -26.03
N ALA B 200 38.48 48.52 -25.14
CA ALA B 200 37.47 49.52 -24.76
C ALA B 200 36.96 50.25 -26.01
N GLY B 201 35.64 50.41 -26.08
CA GLY B 201 35.02 51.14 -27.19
C GLY B 201 34.71 50.32 -28.42
N LYS B 202 35.20 49.07 -28.46
CA LYS B 202 35.07 48.25 -29.65
C LYS B 202 33.80 47.38 -29.71
N LEU B 203 33.01 47.39 -28.65
CA LEU B 203 31.74 46.67 -28.67
C LEU B 203 30.63 47.60 -29.16
N ASN B 204 30.16 47.30 -30.37
CA ASN B 204 29.14 48.10 -31.05
C ASN B 204 28.16 47.16 -31.74
N PHE B 205 26.89 47.24 -31.38
CA PHE B 205 25.88 46.40 -32.02
C PHE B 205 24.45 46.91 -31.80
N ASN B 206 23.56 46.48 -32.68
CA ASN B 206 22.14 46.74 -32.57
C ASN B 206 21.43 45.45 -32.16
N VAL B 207 20.59 45.53 -31.14
CA VAL B 207 19.79 44.38 -30.73
C VAL B 207 18.32 44.58 -31.07
N SER B 208 17.75 43.57 -31.72
CA SER B 208 16.34 43.54 -32.07
C SER B 208 15.79 42.16 -31.78
N MET B 209 14.46 42.06 -31.69
CA MET B 209 13.81 40.79 -31.42
C MET B 209 12.53 40.62 -32.24
N PRO B 210 12.66 40.51 -33.57
CA PRO B 210 11.48 40.36 -34.40
C PRO B 210 10.78 39.02 -34.17
N THR B 211 9.47 39.07 -34.05
CA THR B 211 8.68 37.85 -34.02
C THR B 211 8.65 37.23 -35.42
N ASN B 212 8.43 35.92 -35.48
CA ASN B 212 8.34 35.24 -36.75
C ASN B 212 7.25 35.90 -37.60
N THR B 213 7.58 36.17 -38.87
CA THR B 213 6.72 36.96 -39.74
C THR B 213 5.57 36.18 -40.37
N ASN B 214 5.42 34.90 -40.01
CA ASN B 214 4.49 34.02 -40.72
C ASN B 214 3.21 33.65 -39.98
N TYR B 215 3.14 33.95 -38.69
CA TYR B 215 1.90 33.78 -37.96
C TYR B 215 1.14 35.09 -37.85
N SER B 216 -0.19 35.01 -37.84
CA SER B 216 -0.99 36.22 -37.74
C SER B 216 -0.94 36.81 -36.33
N LYS B 217 -1.07 38.14 -36.26
CA LYS B 217 -0.90 38.88 -35.03
C LYS B 217 -1.97 39.94 -34.91
N THR B 218 -2.33 40.27 -33.67
CA THR B 218 -3.24 41.36 -33.36
C THR B 218 -2.54 42.34 -32.43
N GLY B 219 -2.50 43.60 -32.85
CA GLY B 219 -2.00 44.69 -32.02
C GLY B 219 -0.57 44.57 -31.51
N GLU B 220 0.31 43.94 -32.30
CA GLU B 220 1.71 43.85 -31.87
C GLU B 220 2.38 45.22 -31.89
N THR B 221 3.13 45.52 -30.83
CA THR B 221 4.00 46.69 -30.80
C THR B 221 5.41 46.29 -30.40
N THR B 222 6.38 47.03 -30.90
CA THR B 222 7.76 46.94 -30.45
C THR B 222 8.18 48.33 -30.00
N THR B 223 8.52 48.45 -28.72
CA THR B 223 8.82 49.75 -28.15
C THR B 223 10.06 49.68 -27.26
N VAL B 224 10.69 50.84 -27.11
CA VAL B 224 11.87 50.99 -26.27
C VAL B 224 11.56 51.99 -25.16
N LYS B 225 11.89 51.62 -23.92
CA LYS B 225 11.89 52.55 -22.81
C LYS B 225 13.15 52.32 -22.00
N GLY B 226 13.99 53.35 -21.92
CA GLY B 226 15.26 53.24 -21.23
C GLY B 226 16.07 52.06 -21.74
N ASP B 227 16.45 51.17 -20.84
CA ASP B 227 17.35 50.06 -21.18
C ASP B 227 16.64 48.81 -21.73
N THR B 228 15.34 48.90 -22.00
CA THR B 228 14.54 47.71 -22.31
C THR B 228 13.75 47.83 -23.61
N LEU B 229 13.87 46.78 -24.42
CA LEU B 229 13.10 46.60 -25.64
C LEU B 229 11.97 45.60 -25.35
N THR B 230 10.74 45.98 -25.72
CA THR B 230 9.56 45.15 -25.48
C THR B 230 8.83 44.87 -26.79
N VAL B 231 8.59 43.58 -27.05
CA VAL B 231 7.72 43.16 -28.13
C VAL B 231 6.52 42.47 -27.49
N LYS B 232 5.32 42.93 -27.80
CA LYS B 232 4.13 42.34 -27.20
C LYS B 232 2.95 42.43 -28.15
N GLY B 233 2.04 41.47 -28.04
CA GLY B 233 0.88 41.44 -28.89
C GLY B 233 0.00 40.27 -28.52
N ALA B 234 -0.90 39.91 -29.41
CA ALA B 234 -1.72 38.71 -29.24
C ALA B 234 -1.66 37.91 -30.54
N LEU B 235 -1.71 36.59 -30.42
CA LEU B 235 -1.77 35.76 -31.60
C LEU B 235 -3.10 36.01 -32.31
N GLY B 236 -3.04 36.19 -33.62
CA GLY B 236 -4.25 36.39 -34.40
C GLY B 236 -5.18 35.20 -34.39
N ASN B 237 -4.63 33.99 -34.33
CA ASN B 237 -5.43 32.79 -34.40
C ASN B 237 -6.34 32.58 -33.19
N ASN B 238 -5.87 32.90 -31.98
CA ASN B 238 -6.62 32.55 -30.76
C ASN B 238 -6.58 33.58 -29.64
N GLY B 239 -5.97 34.73 -29.89
CA GLY B 239 -5.90 35.78 -28.87
C GLY B 239 -4.91 35.57 -27.74
N LEU B 240 -4.10 34.51 -27.80
CA LEU B 240 -3.06 34.27 -26.79
C LEU B 240 -2.15 35.50 -26.70
N LEU B 241 -1.97 36.00 -25.49
CA LEU B 241 -1.10 37.16 -25.27
C LEU B 241 0.35 36.72 -25.19
N TYR B 242 1.23 37.50 -25.80
CA TYR B 242 2.66 37.24 -25.72
C TYR B 242 3.44 38.52 -25.46
N ASN B 243 4.56 38.38 -24.77
CA ASN B 243 5.39 39.50 -24.36
C ASN B 243 6.82 39.01 -24.18
N SER B 244 7.76 39.66 -24.87
CA SER B 244 9.18 39.41 -24.63
C SER B 244 9.90 40.73 -24.40
N GLN B 245 10.92 40.67 -23.55
CA GLN B 245 11.69 41.85 -23.21
C GLN B 245 13.18 41.56 -23.17
N ILE B 246 13.95 42.50 -23.68
CA ILE B 246 15.41 42.45 -23.59
C ILE B 246 15.87 43.69 -22.82
N LYS B 247 16.51 43.43 -21.68
CA LYS B 247 17.08 44.48 -20.85
C LYS B 247 18.59 44.48 -21.08
N VAL B 248 19.11 45.60 -21.58
CA VAL B 248 20.52 45.73 -21.91
C VAL B 248 21.23 46.43 -20.75
N VAL B 249 22.11 45.70 -20.07
CA VAL B 249 22.81 46.21 -18.89
C VAL B 249 24.28 46.47 -19.19
N LEU B 250 24.62 47.75 -19.25
CA LEU B 250 26.01 48.16 -19.45
C LEU B 250 26.84 47.87 -18.20
N ASP B 251 28.09 47.45 -18.41
CA ASP B 251 29.06 47.34 -17.32
C ASP B 251 29.34 48.71 -16.70
N GLY B 255 30.45 52.57 -21.59
CA GLY B 255 29.61 52.24 -22.73
C GLY B 255 28.46 53.20 -22.93
N THR B 256 27.88 53.16 -24.13
CA THR B 256 26.74 54.01 -24.48
C THR B 256 25.57 53.15 -24.96
N LEU B 257 24.38 53.46 -24.44
CA LEU B 257 23.14 52.81 -24.85
C LEU B 257 22.18 53.85 -25.39
N SER B 258 21.66 53.61 -26.58
CA SER B 258 20.70 54.53 -27.20
C SER B 258 19.60 53.76 -27.93
N GLU B 259 18.48 54.44 -28.18
CA GLU B 259 17.40 53.85 -28.94
C GLU B 259 17.78 53.77 -30.42
N GLY B 260 17.57 52.61 -31.03
CA GLY B 260 17.83 52.41 -32.44
C GLY B 260 17.05 53.39 -33.29
N SER B 261 17.60 53.78 -34.44
CA SER B 261 16.97 54.75 -35.33
C SER B 261 15.61 54.29 -35.84
N ASP B 262 15.39 52.98 -35.88
CA ASP B 262 14.13 52.41 -36.33
C ASP B 262 13.04 52.38 -35.24
N GLY B 263 13.41 52.77 -34.01
CA GLY B 263 12.49 52.78 -32.87
C GLY B 263 11.99 51.41 -32.45
N ALA B 264 12.72 50.38 -32.88
CA ALA B 264 12.33 49.00 -32.64
C ALA B 264 13.55 48.16 -32.26
N SER B 265 14.56 48.84 -31.73
CA SER B 265 15.82 48.20 -31.37
C SER B 265 16.60 49.07 -30.38
N LEU B 266 17.61 48.46 -29.76
CA LEU B 266 18.55 49.19 -28.91
C LEU B 266 19.95 49.14 -29.51
N LYS B 267 20.67 50.25 -29.38
CA LYS B 267 22.01 50.39 -29.93
C LYS B 267 23.03 50.50 -28.79
N VAL B 268 23.99 49.58 -28.78
CA VAL B 268 25.14 49.65 -27.89
C VAL B 268 26.31 50.19 -28.70
N SER B 269 26.94 51.25 -28.21
CA SER B 269 28.08 51.84 -28.91
C SER B 269 29.21 52.18 -27.95
N ASP B 270 30.44 52.12 -28.46
CA ASP B 270 31.63 52.51 -27.70
C ASP B 270 31.71 51.84 -26.33
N ALA B 271 31.35 50.56 -26.30
CA ALA B 271 31.36 49.77 -25.07
C ALA B 271 32.46 48.73 -25.08
N LYS B 272 32.57 47.98 -23.99
CA LYS B 272 33.52 46.88 -23.89
C LYS B 272 32.82 45.56 -23.55
N ALA B 273 31.90 45.59 -22.60
CA ALA B 273 31.14 44.41 -22.21
C ALA B 273 29.77 44.77 -21.70
N VAL B 274 28.79 43.96 -22.07
CA VAL B 274 27.40 44.14 -21.64
C VAL B 274 26.76 42.79 -21.36
N THR B 275 25.70 42.82 -20.56
CA THR B 275 24.86 41.66 -20.31
C THR B 275 23.44 41.97 -20.76
N LEU B 276 22.87 41.06 -21.54
CA LEU B 276 21.47 41.12 -21.94
C LEU B 276 20.69 40.14 -21.10
N TYR B 277 19.58 40.60 -20.54
CA TYR B 277 18.62 39.72 -19.90
C TYR B 277 17.36 39.65 -20.75
N ILE B 278 16.98 38.44 -21.11
CA ILE B 278 15.85 38.22 -22.01
C ILE B 278 14.83 37.33 -21.31
N ALA B 279 13.59 37.81 -21.27
CA ALA B 279 12.50 37.02 -20.72
C ALA B 279 11.31 37.06 -21.67
N ALA B 280 10.45 36.05 -21.57
CA ALA B 280 9.26 35.98 -22.40
C ALA B 280 8.20 35.17 -21.70
N ALA B 281 6.95 35.48 -21.99
CA ALA B 281 5.82 34.73 -21.45
C ALA B 281 4.57 34.94 -22.29
N THR B 282 3.63 34.03 -22.12
CA THR B 282 2.28 34.19 -22.63
C THR B 282 1.32 34.09 -21.45
N ASP B 283 0.03 34.29 -21.72
CA ASP B 283 -1.01 34.03 -20.73
C ASP B 283 -1.61 32.63 -20.84
N TYR B 284 -0.87 31.70 -21.46
CA TYR B 284 -1.30 30.31 -21.49
C TYR B 284 -1.42 29.76 -20.08
N LYS B 285 -2.38 28.88 -19.86
CA LYS B 285 -2.38 28.04 -18.66
C LYS B 285 -2.96 26.68 -19.03
N GLN B 286 -2.38 25.62 -18.49
CA GLN B 286 -2.94 24.28 -18.70
C GLN B 286 -4.10 24.10 -17.72
N LYS B 287 -5.25 24.64 -18.13
CA LYS B 287 -6.43 24.74 -17.29
C LYS B 287 -7.65 24.64 -18.19
N TYR B 288 -8.32 23.50 -18.14
CA TYR B 288 -9.50 23.26 -18.97
C TYR B 288 -10.69 24.01 -18.35
N PRO B 289 -11.55 24.63 -19.18
CA PRO B 289 -11.54 24.73 -20.65
C PRO B 289 -10.92 25.98 -21.26
N SER B 290 -10.57 26.99 -20.47
CA SER B 290 -10.18 28.30 -21.03
C SER B 290 -8.72 28.39 -21.44
N TYR B 291 -7.86 27.58 -20.82
CA TYR B 291 -6.42 27.55 -21.09
C TYR B 291 -5.75 28.92 -21.05
N ARG B 292 -6.17 29.75 -20.09
CA ARG B 292 -5.56 31.08 -19.89
C ARG B 292 -5.38 31.38 -18.42
N THR B 293 -4.40 32.21 -18.10
CA THR B 293 -4.19 32.63 -16.72
C THR B 293 -5.25 33.61 -16.23
N GLY B 294 -5.88 34.33 -17.15
CA GLY B 294 -6.79 35.42 -16.79
C GLY B 294 -6.12 36.78 -16.68
N GLU B 295 -4.80 36.81 -16.87
CA GLU B 295 -4.06 38.07 -16.87
C GLU B 295 -4.45 38.94 -18.05
N THR B 296 -4.36 40.25 -17.84
CA THR B 296 -4.41 41.22 -18.91
C THR B 296 -3.03 41.35 -19.55
N ALA B 297 -2.97 41.97 -20.73
CA ALA B 297 -1.71 42.27 -21.37
C ALA B 297 -0.78 43.08 -20.45
N ALA B 298 -1.35 44.02 -19.70
CA ALA B 298 -0.56 44.83 -18.78
C ALA B 298 0.07 43.99 -17.67
N GLU B 299 -0.70 43.03 -17.16
CA GLU B 299 -0.21 42.13 -16.13
C GLU B 299 0.90 41.21 -16.63
N VAL B 300 0.75 40.67 -17.84
CA VAL B 300 1.82 39.88 -18.44
C VAL B 300 3.08 40.74 -18.59
N ASN B 301 2.89 41.97 -19.06
CA ASN B 301 3.99 42.91 -19.24
C ASN B 301 4.75 43.17 -17.94
N THR B 302 4.01 43.40 -16.87
CA THR B 302 4.58 43.64 -15.55
C THR B 302 5.37 42.42 -15.07
N ARG B 303 4.80 41.24 -15.31
CA ARG B 303 5.42 39.98 -14.91
C ARG B 303 6.76 39.75 -15.62
N VAL B 304 6.78 39.91 -16.95
CA VAL B 304 8.00 39.74 -17.73
C VAL B 304 9.05 40.78 -17.35
N ALA B 305 8.61 42.02 -17.15
CA ALA B 305 9.50 43.10 -16.70
C ALA B 305 10.20 42.77 -15.40
N LYS B 306 9.46 42.19 -14.46
CA LYS B 306 10.03 41.82 -13.16
C LYS B 306 11.07 40.70 -13.27
N VAL B 307 10.88 39.79 -14.23
CA VAL B 307 11.86 38.72 -14.46
C VAL B 307 13.22 39.32 -14.81
N VAL B 308 13.25 40.22 -15.80
CA VAL B 308 14.52 40.82 -16.22
C VAL B 308 15.10 41.76 -15.18
N GLN B 309 14.24 42.49 -14.47
CA GLN B 309 14.70 43.38 -13.41
C GLN B 309 15.29 42.61 -12.24
N ASP B 310 14.59 41.56 -11.80
CA ASP B 310 15.10 40.72 -10.71
C ASP B 310 16.46 40.11 -11.05
N ALA B 311 16.61 39.66 -12.30
CA ALA B 311 17.86 39.06 -12.76
C ALA B 311 18.99 40.09 -12.78
N ALA B 312 18.71 41.27 -13.33
CA ALA B 312 19.70 42.36 -13.35
C ALA B 312 20.12 42.76 -11.93
N ASN B 313 19.15 42.78 -11.01
CA ASN B 313 19.43 43.11 -9.62
C ASN B 313 20.38 42.11 -8.96
N LYS B 314 20.23 40.83 -9.29
CA LYS B 314 21.14 39.79 -8.79
C LYS B 314 22.51 39.91 -9.44
N GLY B 315 22.54 40.26 -10.72
CA GLY B 315 23.79 40.49 -11.44
C GLY B 315 24.30 39.26 -12.16
N TYR B 316 25.08 39.50 -13.21
CA TYR B 316 25.58 38.44 -14.09
C TYR B 316 26.31 37.31 -13.36
N THR B 317 27.23 37.67 -12.48
CA THR B 317 28.03 36.67 -11.77
C THR B 317 27.15 35.70 -10.98
N ALA B 318 26.22 36.23 -10.21
CA ALA B 318 25.34 35.42 -9.38
C ALA B 318 24.36 34.59 -10.21
N VAL B 319 23.81 35.20 -11.25
CA VAL B 319 22.89 34.50 -12.14
C VAL B 319 23.59 33.34 -12.85
N LYS B 320 24.79 33.60 -13.37
CA LYS B 320 25.57 32.54 -14.03
C LYS B 320 25.92 31.40 -13.07
N LYS B 321 26.37 31.73 -11.86
CA LYS B 321 26.71 30.72 -10.86
C LYS B 321 25.52 29.82 -10.53
N ALA B 322 24.38 30.44 -10.24
CA ALA B 322 23.16 29.70 -9.91
C ALA B 322 22.71 28.83 -11.08
N HIS B 323 22.88 29.34 -12.29
CA HIS B 323 22.54 28.57 -13.47
C HIS B 323 23.40 27.32 -13.59
N ILE B 324 24.71 27.51 -13.57
CA ILE B 324 25.64 26.40 -13.75
C ILE B 324 25.48 25.36 -12.64
N ASP B 325 25.28 25.81 -11.41
CA ASP B 325 25.03 24.90 -10.29
C ASP B 325 23.79 24.04 -10.56
N ASP B 326 22.72 24.69 -10.99
CA ASP B 326 21.45 24.03 -11.27
C ASP B 326 21.55 23.02 -12.43
N HIS B 327 22.16 23.46 -13.52
CA HIS B 327 22.31 22.63 -14.70
C HIS B 327 23.21 21.43 -14.42
N SER B 328 24.38 21.71 -13.86
CA SER B 328 25.37 20.66 -13.61
C SER B 328 24.90 19.65 -12.56
N ALA B 329 24.07 20.09 -11.62
CA ALA B 329 23.54 19.17 -10.61
C ALA B 329 22.82 17.98 -11.25
N ILE B 330 22.10 18.23 -12.34
CA ILE B 330 21.43 17.17 -13.08
C ILE B 330 22.38 16.52 -14.09
N TYR B 331 23.09 17.35 -14.85
CA TYR B 331 23.91 16.83 -15.95
C TYR B 331 25.00 15.89 -15.44
N ASP B 332 25.65 16.25 -14.34
CA ASP B 332 26.80 15.49 -13.85
C ASP B 332 26.44 14.21 -13.07
N ARG B 333 25.15 13.89 -12.97
CA ARG B 333 24.73 12.66 -12.29
C ARG B 333 25.22 11.40 -12.98
N VAL B 334 25.38 11.46 -14.30
CA VAL B 334 25.79 10.31 -15.10
C VAL B 334 27.13 10.61 -15.74
N LYS B 335 28.03 9.64 -15.63
CA LYS B 335 29.31 9.69 -16.33
C LYS B 335 29.47 8.40 -17.12
N ILE B 336 30.09 8.50 -18.30
CA ILE B 336 30.30 7.33 -19.14
C ILE B 336 31.67 7.43 -19.82
N ASP B 337 32.45 6.37 -19.67
CA ASP B 337 33.79 6.28 -20.24
C ASP B 337 33.91 5.03 -21.11
N LEU B 338 33.90 5.24 -22.42
CA LEU B 338 34.08 4.16 -23.37
C LEU B 338 35.43 4.26 -24.09
N GLY B 339 36.29 5.15 -23.61
CA GLY B 339 37.60 5.39 -24.20
C GLY B 339 37.62 6.53 -25.20
N GLN B 340 36.63 7.42 -25.09
CA GLN B 340 36.48 8.53 -26.03
C GLN B 340 37.57 9.59 -25.94
N SER B 341 37.86 10.19 -27.08
CA SER B 341 38.52 11.49 -27.13
C SER B 341 37.51 12.58 -26.77
N GLY B 342 38.00 13.81 -26.65
CA GLY B 342 37.14 14.98 -26.38
C GLY B 342 37.80 16.22 -26.94
N HIS B 343 37.21 17.37 -26.63
CA HIS B 343 37.68 18.63 -27.23
C HIS B 343 39.08 19.05 -26.76
N SER B 344 39.53 18.48 -25.64
CA SER B 344 40.85 18.78 -25.07
C SER B 344 41.93 17.79 -25.50
N SER B 345 41.55 16.75 -26.22
CA SER B 345 42.50 15.72 -26.68
C SER B 345 43.49 16.30 -27.67
N ASP B 346 44.70 15.74 -27.70
CA ASP B 346 45.66 16.05 -28.75
C ASP B 346 45.03 15.66 -30.09
N GLY B 347 45.05 16.59 -31.03
CA GLY B 347 44.43 16.38 -32.34
C GLY B 347 42.91 16.27 -32.28
N ALA B 348 42.32 17.00 -31.33
CA ALA B 348 40.86 17.06 -31.19
C ALA B 348 40.24 17.56 -32.48
N VAL B 349 39.12 16.96 -32.87
CA VAL B 349 38.42 17.32 -34.09
C VAL B 349 37.08 17.96 -33.77
N ALA B 350 36.69 18.94 -34.57
CA ALA B 350 35.39 19.60 -34.42
C ALA B 350 34.27 18.59 -34.63
N THR B 351 33.10 18.87 -34.06
CA THR B 351 31.99 17.94 -34.05
C THR B 351 31.46 17.63 -35.45
N ASP B 352 31.41 18.64 -36.32
CA ASP B 352 31.05 18.39 -37.71
C ASP B 352 32.06 17.51 -38.44
N ALA B 353 33.35 17.77 -38.21
CA ALA B 353 34.43 16.95 -38.77
C ALA B 353 34.37 15.52 -38.22
N LEU B 354 34.05 15.40 -36.93
CA LEU B 354 33.90 14.11 -36.27
C LEU B 354 32.79 13.28 -36.90
N LEU B 355 31.63 13.91 -37.10
CA LEU B 355 30.50 13.25 -37.73
C LEU B 355 30.88 12.77 -39.13
N LYS B 356 31.52 13.64 -39.90
CA LYS B 356 31.93 13.33 -41.26
C LYS B 356 32.87 12.12 -41.31
N ALA B 357 33.85 12.10 -40.40
CA ALA B 357 34.79 10.98 -40.30
C ALA B 357 34.07 9.68 -39.94
N TYR B 358 33.12 9.77 -39.01
CA TYR B 358 32.32 8.62 -38.61
C TYR B 358 31.53 8.07 -39.80
N GLN B 359 30.92 8.98 -40.56
CA GLN B 359 30.14 8.61 -41.75
C GLN B 359 31.00 7.97 -42.85
N ARG B 360 32.22 8.47 -43.01
CA ARG B 360 33.14 8.01 -44.04
C ARG B 360 33.93 6.76 -43.64
N GLY B 361 33.86 6.42 -42.35
CA GLY B 361 34.59 5.26 -41.82
C GLY B 361 36.07 5.53 -41.61
N SER B 362 36.43 6.79 -41.43
CA SER B 362 37.82 7.18 -41.18
C SER B 362 38.05 7.62 -39.73
N ALA B 363 37.01 7.56 -38.91
CA ALA B 363 37.12 7.88 -37.49
C ALA B 363 37.89 6.78 -36.78
N THR B 364 38.83 7.18 -35.92
CA THR B 364 39.56 6.23 -35.08
C THR B 364 38.60 5.68 -34.03
N THR B 365 39.03 4.64 -33.32
CA THR B 365 38.24 4.07 -32.24
C THR B 365 37.86 5.13 -31.20
N ALA B 366 38.85 5.92 -30.77
CA ALA B 366 38.61 7.00 -29.79
C ALA B 366 37.59 8.00 -30.31
N GLN B 367 37.68 8.33 -31.59
CA GLN B 367 36.73 9.25 -32.22
C GLN B 367 35.33 8.67 -32.34
N LYS B 368 35.22 7.38 -32.68
CA LYS B 368 33.91 6.73 -32.69
C LYS B 368 33.27 6.79 -31.31
N ARG B 369 34.07 6.49 -30.29
CA ARG B 369 33.58 6.56 -28.91
C ARG B 369 33.20 8.00 -28.53
N GLU B 370 33.94 8.98 -29.04
CA GLU B 370 33.58 10.38 -28.82
C GLU B 370 32.20 10.70 -29.36
N LEU B 371 31.95 10.35 -30.62
CA LEU B 371 30.64 10.66 -31.21
C LEU B 371 29.53 9.91 -30.49
N GLU B 372 29.75 8.63 -30.19
CA GLU B 372 28.74 7.81 -29.54
C GLU B 372 28.39 8.36 -28.16
N THR B 373 29.41 8.70 -27.37
CA THR B 373 29.16 9.23 -26.05
C THR B 373 28.62 10.65 -26.08
N LEU B 374 29.03 11.46 -27.06
CA LEU B 374 28.47 12.80 -27.21
C LEU B 374 26.97 12.77 -27.52
N VAL B 375 26.57 11.91 -28.47
CA VAL B 375 25.15 11.78 -28.80
C VAL B 375 24.36 11.28 -27.57
N TYR B 376 24.92 10.30 -26.86
CA TYR B 376 24.31 9.83 -25.61
C TYR B 376 24.06 10.99 -24.62
N LYS B 377 25.12 11.74 -24.37
CA LYS B 377 25.08 12.84 -23.41
C LYS B 377 24.14 13.95 -23.86
N TYR B 378 24.06 14.16 -25.17
CA TYR B 378 23.22 15.19 -25.74
C TYR B 378 21.74 14.93 -25.44
N GLY B 379 21.34 13.66 -25.42
CA GLY B 379 19.97 13.31 -25.10
C GLY B 379 19.61 13.72 -23.67
N ARG B 380 20.57 13.59 -22.77
CA ARG B 380 20.39 14.04 -21.40
C ARG B 380 20.33 15.56 -21.36
N TYR B 381 21.30 16.21 -22.00
CA TYR B 381 21.33 17.66 -22.11
C TYR B 381 20.01 18.23 -22.64
N LEU B 382 19.50 17.64 -23.71
CA LEU B 382 18.29 18.14 -24.35
C LEU B 382 17.06 17.98 -23.47
N THR B 383 17.07 16.99 -22.58
CA THR B 383 16.01 16.85 -21.58
C THR B 383 16.04 18.03 -20.62
N ILE B 384 17.23 18.35 -20.11
CA ILE B 384 17.39 19.49 -19.21
C ILE B 384 16.94 20.80 -19.88
N GLY B 385 17.29 20.96 -21.16
CA GLY B 385 16.92 22.18 -21.89
C GLY B 385 15.44 22.34 -22.20
N SER B 386 14.73 21.23 -22.34
CA SER B 386 13.34 21.26 -22.84
C SER B 386 12.26 20.83 -21.84
N SER B 387 12.66 20.19 -20.74
CA SER B 387 11.70 19.57 -19.84
C SER B 387 12.17 19.69 -18.40
N ARG B 388 11.77 20.74 -17.72
CA ARG B 388 12.14 20.93 -16.32
C ARG B 388 10.95 20.73 -15.42
N GLU B 389 11.22 20.57 -14.13
CA GLU B 389 10.18 20.32 -13.14
C GLU B 389 9.08 21.37 -13.19
N ASN B 390 9.47 22.61 -13.50
CA ASN B 390 8.52 23.70 -13.57
C ASN B 390 8.12 24.13 -14.98
N SER B 391 8.46 23.32 -15.99
CA SER B 391 7.92 23.53 -17.33
C SER B 391 6.41 23.41 -17.31
N GLN B 392 5.74 24.23 -18.11
CA GLN B 392 4.30 24.12 -18.23
C GLN B 392 3.88 22.97 -19.14
N LEU B 393 4.75 22.60 -20.08
CA LEU B 393 4.46 21.55 -21.05
C LEU B 393 5.63 20.60 -21.18
N PRO B 394 5.37 19.34 -21.52
CA PRO B 394 6.47 18.41 -21.74
C PRO B 394 7.19 18.77 -23.04
N SER B 395 8.32 18.12 -23.31
CA SER B 395 8.97 18.26 -24.60
C SER B 395 8.02 17.86 -25.72
N ASN B 396 8.01 18.65 -26.80
CA ASN B 396 7.20 18.33 -27.98
C ASN B 396 8.07 17.63 -29.03
N LEU B 397 7.59 17.51 -30.27
CA LEU B 397 8.37 16.82 -31.31
C LEU B 397 9.74 17.42 -31.54
N GLN B 398 9.94 18.67 -31.11
CA GLN B 398 11.21 19.37 -31.28
C GLN B 398 11.78 19.85 -29.95
N GLY B 399 11.31 19.26 -28.84
CA GLY B 399 11.70 19.69 -27.50
C GLY B 399 11.00 20.99 -27.18
N ILE B 400 11.74 22.09 -27.35
CA ILE B 400 11.17 23.43 -27.38
C ILE B 400 11.71 24.28 -28.54
N TRP B 401 12.53 23.69 -29.41
CA TRP B 401 13.29 24.47 -30.39
C TRP B 401 12.70 24.36 -31.79
N SER B 402 12.40 25.51 -32.39
CA SER B 402 11.86 25.53 -33.76
C SER B 402 12.17 26.87 -34.42
N VAL B 403 12.20 26.84 -35.75
CA VAL B 403 12.39 28.06 -36.54
C VAL B 403 11.15 28.38 -37.40
N THR B 404 10.33 27.37 -37.64
CA THR B 404 9.15 27.49 -38.49
C THR B 404 7.94 27.94 -37.68
N ALA B 405 7.04 28.69 -38.32
CA ALA B 405 5.78 29.10 -37.70
C ALA B 405 4.71 29.32 -38.74
N GLY B 406 3.47 29.03 -38.35
CA GLY B 406 2.27 29.37 -39.11
C GLY B 406 1.08 29.15 -38.20
N ASP B 407 -0.10 29.59 -38.63
CA ASP B 407 -1.26 29.56 -37.75
C ASP B 407 -1.85 28.16 -37.54
N ASN B 408 -1.90 27.37 -38.60
CA ASN B 408 -2.72 26.17 -38.60
C ASN B 408 -1.93 24.88 -38.52
N ALA B 409 -2.59 23.83 -38.02
CA ALA B 409 -2.02 22.48 -38.02
C ALA B 409 -1.68 22.03 -39.43
N HIS B 410 -0.71 21.13 -39.52
CA HIS B 410 -0.29 20.54 -40.80
C HIS B 410 0.05 21.64 -41.81
N GLY B 411 0.66 22.71 -41.30
CA GLY B 411 0.97 23.91 -42.07
C GLY B 411 2.46 24.08 -42.33
N ASN B 412 3.05 25.12 -41.75
CA ASN B 412 4.45 25.46 -41.98
C ASN B 412 5.44 24.67 -41.12
N THR B 413 4.95 23.98 -40.11
CA THR B 413 5.79 23.26 -39.16
C THR B 413 5.44 21.78 -39.23
N PRO B 414 6.44 20.90 -39.42
CA PRO B 414 6.14 19.49 -39.66
C PRO B 414 5.45 18.85 -38.46
N TRP B 415 4.29 18.25 -38.71
CA TRP B 415 3.46 17.64 -37.66
C TRP B 415 3.17 18.63 -36.53
N GLY B 416 3.18 19.92 -36.86
CA GLY B 416 2.89 20.97 -35.88
C GLY B 416 3.86 21.11 -34.73
N SER B 417 5.00 20.40 -34.80
CA SER B 417 5.92 20.24 -33.67
C SER B 417 5.12 19.93 -32.40
N ASP B 418 4.18 19.01 -32.54
CA ASP B 418 3.14 18.79 -31.54
C ASP B 418 3.51 17.73 -30.50
N PHE B 419 2.50 17.25 -29.78
CA PHE B 419 2.64 16.13 -28.88
C PHE B 419 2.07 14.92 -29.60
N HIS B 420 2.97 14.08 -30.12
CA HIS B 420 2.58 12.94 -30.97
C HIS B 420 2.65 11.70 -30.10
N MET B 421 1.48 11.22 -29.69
CA MET B 421 1.39 10.33 -28.54
C MET B 421 1.21 8.86 -28.89
N ASN B 422 1.69 8.47 -30.07
CA ASN B 422 1.68 7.06 -30.45
C ASN B 422 3.07 6.56 -30.87
N VAL B 423 4.07 7.07 -30.14
CA VAL B 423 5.47 6.60 -30.04
C VAL B 423 6.41 7.76 -29.69
N ASN B 424 6.13 8.95 -30.23
CA ASN B 424 7.11 10.03 -30.18
C ASN B 424 7.23 10.65 -28.80
N LEU B 425 6.11 11.05 -28.22
CA LEU B 425 6.14 11.61 -26.87
C LEU B 425 6.62 10.58 -25.87
N GLN B 426 6.23 9.32 -26.08
CA GLN B 426 6.74 8.22 -25.26
C GLN B 426 8.26 8.17 -25.30
N MET B 427 8.81 8.23 -26.51
CA MET B 427 10.26 8.16 -26.69
C MET B 427 10.97 9.33 -26.00
N ASN B 428 10.37 10.51 -26.04
CA ASN B 428 10.93 11.67 -25.34
C ASN B 428 11.17 11.38 -23.86
N TYR B 429 10.35 10.49 -23.30
CA TYR B 429 10.42 10.15 -21.89
C TYR B 429 10.84 8.70 -21.64
N TRP B 430 11.62 8.14 -22.56
CA TRP B 430 12.26 6.85 -22.32
C TRP B 430 13.58 6.91 -21.53
N PRO B 431 14.45 7.91 -21.74
CA PRO B 431 15.69 7.91 -20.93
C PRO B 431 15.58 8.66 -19.61
N THR B 432 14.42 9.24 -19.34
CA THR B 432 14.29 10.22 -18.28
C THR B 432 14.62 9.65 -16.90
N TYR B 433 14.20 8.41 -16.67
CA TYR B 433 14.45 7.78 -15.37
C TYR B 433 15.77 7.03 -15.31
N SER B 434 16.03 6.19 -16.32
CA SER B 434 17.24 5.37 -16.32
C SER B 434 18.51 6.23 -16.38
N ALA B 435 18.41 7.38 -17.03
CA ALA B 435 19.54 8.30 -17.11
C ALA B 435 19.52 9.36 -16.00
N ASN B 436 18.80 9.07 -14.92
CA ASN B 436 18.89 9.86 -13.68
C ASN B 436 18.43 11.32 -13.84
N MET B 437 17.25 11.49 -14.44
CA MET B 437 16.61 12.80 -14.59
C MET B 437 15.14 12.71 -14.23
N GLY B 438 14.81 11.88 -13.23
CA GLY B 438 13.42 11.55 -12.92
C GLY B 438 12.51 12.73 -12.65
N GLU B 439 13.03 13.76 -11.99
CA GLU B 439 12.23 14.94 -11.70
C GLU B 439 11.75 15.65 -12.97
N LEU B 440 12.47 15.43 -14.07
CA LEU B 440 12.18 16.11 -15.32
C LEU B 440 10.99 15.48 -16.06
N ALA B 441 10.48 14.38 -15.54
CA ALA B 441 9.24 13.78 -16.04
C ALA B 441 8.00 14.51 -15.55
N GLU B 442 8.15 15.41 -14.57
CA GLU B 442 7.00 16.07 -13.97
C GLU B 442 6.05 16.72 -15.01
N PRO B 443 6.57 17.50 -15.97
CA PRO B 443 5.62 18.07 -16.94
C PRO B 443 4.86 17.03 -17.77
N LEU B 444 5.44 15.84 -17.99
CA LEU B 444 4.67 14.79 -18.66
C LEU B 444 3.52 14.30 -17.77
N ILE B 445 3.79 14.09 -16.49
CA ILE B 445 2.74 13.64 -15.56
C ILE B 445 1.61 14.66 -15.52
N GLU B 446 1.96 15.93 -15.41
CA GLU B 446 0.96 16.99 -15.41
C GLU B 446 0.19 17.05 -16.74
N TYR B 447 0.90 16.81 -17.86
CA TYR B 447 0.28 16.81 -19.17
C TYR B 447 -0.78 15.71 -19.30
N VAL B 448 -0.43 14.52 -18.80
CA VAL B 448 -1.35 13.40 -18.88
C VAL B 448 -2.54 13.62 -17.94
N GLU B 449 -2.28 14.14 -16.75
CA GLU B 449 -3.37 14.61 -15.88
C GLU B 449 -4.24 15.63 -16.62
N GLY B 450 -3.60 16.49 -17.39
CA GLY B 450 -4.27 17.50 -18.20
C GLY B 450 -5.15 16.95 -19.30
N LEU B 451 -4.95 15.70 -19.70
CA LEU B 451 -5.80 15.08 -20.71
C LEU B 451 -7.12 14.59 -20.14
N VAL B 452 -7.24 14.51 -18.81
CA VAL B 452 -8.41 13.87 -18.22
C VAL B 452 -9.70 14.64 -18.49
N LYS B 453 -9.72 15.94 -18.16
CA LYS B 453 -10.93 16.73 -18.39
C LYS B 453 -11.36 16.79 -19.86
N PRO B 454 -10.48 17.22 -20.78
CA PRO B 454 -10.92 17.19 -22.19
C PRO B 454 -11.17 15.76 -22.68
N GLY B 455 -10.38 14.81 -22.18
CA GLY B 455 -10.51 13.41 -22.59
C GLY B 455 -11.82 12.75 -22.16
N ARG B 456 -12.42 13.26 -21.08
CA ARG B 456 -13.73 12.78 -20.67
C ARG B 456 -14.81 13.16 -21.69
N VAL B 457 -14.63 14.30 -22.36
CA VAL B 457 -15.53 14.69 -23.45
C VAL B 457 -15.41 13.70 -24.61
N THR B 458 -14.16 13.41 -25.01
CA THR B 458 -13.90 12.46 -26.08
C THR B 458 -14.44 11.07 -25.73
N ALA B 459 -14.22 10.63 -24.49
CA ALA B 459 -14.71 9.32 -24.05
C ALA B 459 -16.23 9.24 -24.13
N LYS B 460 -16.92 10.33 -23.81
CA LYS B 460 -18.37 10.37 -23.93
C LYS B 460 -18.80 10.27 -25.39
N VAL B 461 -18.21 11.09 -26.24
CA VAL B 461 -18.61 11.20 -27.64
C VAL B 461 -18.35 9.91 -28.41
N TYR B 462 -17.17 9.32 -28.23
CA TYR B 462 -16.77 8.20 -29.05
C TYR B 462 -16.95 6.84 -28.40
N ALA B 463 -17.07 6.78 -27.08
CA ALA B 463 -17.19 5.50 -26.38
C ALA B 463 -18.40 5.41 -25.46
N GLY B 464 -19.17 6.49 -25.35
CA GLY B 464 -20.35 6.49 -24.50
C GLY B 464 -20.05 6.47 -23.01
N ALA B 465 -18.85 6.90 -22.63
CA ALA B 465 -18.44 6.94 -21.23
C ALA B 465 -18.60 8.36 -20.72
N GLU B 466 -19.75 8.63 -20.08
CA GLU B 466 -20.03 9.96 -19.57
C GLU B 466 -19.75 10.06 -18.08
N THR B 467 -18.87 11.00 -17.72
CA THR B 467 -18.65 11.34 -16.34
C THR B 467 -19.63 12.45 -15.93
N THR B 468 -20.41 12.17 -14.88
CA THR B 468 -21.30 13.17 -14.29
C THR B 468 -20.48 14.15 -13.44
N ASN B 469 -20.86 15.41 -13.47
CA ASN B 469 -20.09 16.50 -12.86
C ASN B 469 -18.59 16.35 -13.12
N PRO B 470 -18.19 16.39 -14.41
CA PRO B 470 -16.83 16.10 -14.84
C PRO B 470 -15.78 17.13 -14.37
N GLU B 471 -16.24 18.31 -13.94
CA GLU B 471 -15.33 19.32 -13.44
C GLU B 471 -14.85 19.01 -12.02
N THR B 472 -15.78 18.57 -11.17
CA THR B 472 -15.47 18.30 -9.77
C THR B 472 -15.09 16.85 -9.45
N THR B 473 -15.40 15.92 -10.34
CA THR B 473 -15.06 14.50 -10.15
C THR B 473 -13.54 14.30 -10.27
N PRO B 474 -12.87 13.91 -9.18
CA PRO B 474 -11.40 13.77 -9.25
C PRO B 474 -10.92 12.76 -10.27
N ILE B 475 -9.70 12.96 -10.76
CA ILE B 475 -9.03 11.95 -11.58
C ILE B 475 -9.07 10.64 -10.81
N GLY B 476 -9.50 9.57 -11.49
CA GLY B 476 -9.65 8.27 -10.86
C GLY B 476 -11.09 7.88 -10.62
N GLU B 477 -11.96 8.87 -10.50
CA GLU B 477 -13.36 8.64 -10.12
C GLU B 477 -14.34 8.82 -11.27
N GLY B 478 -13.83 9.22 -12.44
CA GLY B 478 -14.65 9.38 -13.62
C GLY B 478 -14.80 8.09 -14.41
N GLU B 479 -15.54 8.17 -15.51
CA GLU B 479 -15.83 7.00 -16.33
C GLU B 479 -14.76 6.69 -17.36
N GLY B 480 -13.81 7.61 -17.53
CA GLY B 480 -12.72 7.41 -18.48
C GLY B 480 -12.38 8.64 -19.28
N TYR B 481 -11.14 8.69 -19.74
CA TYR B 481 -10.67 9.76 -20.60
C TYR B 481 -9.98 9.13 -21.81
N MET B 482 -10.29 9.67 -22.98
CA MET B 482 -9.80 9.14 -24.23
C MET B 482 -9.03 10.22 -24.96
N ALA B 483 -7.89 9.84 -25.53
CA ALA B 483 -7.12 10.72 -26.42
C ALA B 483 -6.42 9.85 -27.44
N HIS B 484 -5.90 10.49 -28.48
CA HIS B 484 -5.40 9.77 -29.64
C HIS B 484 -3.94 10.16 -29.94
N THR B 485 -3.57 10.19 -31.22
CA THR B 485 -2.17 10.46 -31.58
C THR B 485 -1.80 11.95 -31.49
N GLU B 486 -2.48 12.76 -32.29
CA GLU B 486 -2.14 14.18 -32.39
C GLU B 486 -2.75 14.94 -31.24
N ASN B 487 -1.90 15.48 -30.38
CA ASN B 487 -2.30 16.23 -29.21
C ASN B 487 -1.64 17.60 -29.21
N THR B 488 -2.16 18.50 -28.37
CA THR B 488 -1.72 19.89 -28.41
C THR B 488 -1.64 20.45 -26.98
N ALA B 489 -1.45 21.76 -26.87
CA ALA B 489 -1.50 22.44 -25.59
C ALA B 489 -2.92 22.62 -25.04
N TYR B 490 -3.93 22.27 -25.84
CA TYR B 490 -5.31 22.69 -25.56
C TYR B 490 -6.33 21.56 -25.51
N GLY B 491 -5.93 20.38 -25.07
CA GLY B 491 -6.89 19.29 -24.92
C GLY B 491 -7.55 18.84 -26.21
N TRP B 492 -6.73 18.77 -27.26
CA TRP B 492 -7.14 18.22 -28.55
C TRP B 492 -7.07 16.70 -28.48
N THR B 493 -8.05 16.14 -27.79
CA THR B 493 -8.08 14.72 -27.47
C THR B 493 -8.95 13.92 -28.43
N ALA B 494 -9.65 14.63 -29.32
CA ALA B 494 -10.41 13.94 -30.36
C ALA B 494 -9.48 13.13 -31.25
N PRO B 495 -10.04 12.10 -31.92
CA PRO B 495 -9.28 11.45 -32.98
C PRO B 495 -9.19 12.40 -34.17
N GLY B 496 -8.21 12.14 -35.04
CA GLY B 496 -7.97 12.97 -36.20
C GLY B 496 -8.93 12.73 -37.34
N GLN B 497 -8.75 13.51 -38.40
CA GLN B 497 -9.69 13.58 -39.53
C GLN B 497 -9.76 12.33 -40.39
N SER B 498 -8.73 11.49 -40.33
CA SER B 498 -8.73 10.24 -41.06
C SER B 498 -8.30 9.14 -40.11
N PHE B 499 -9.02 8.03 -40.10
CA PHE B 499 -8.83 6.96 -39.12
C PHE B 499 -7.41 6.41 -39.04
N SER B 500 -6.81 6.13 -40.20
CA SER B 500 -5.55 5.36 -40.20
C SER B 500 -4.47 5.99 -39.34
N TRP B 501 -4.33 7.31 -39.45
CA TRP B 501 -3.35 8.04 -38.64
C TRP B 501 -3.97 8.77 -37.45
N GLY B 502 -5.29 8.94 -37.47
CA GLY B 502 -5.97 9.77 -36.47
C GLY B 502 -6.53 9.07 -35.25
N TRP B 503 -6.83 7.78 -35.38
CA TRP B 503 -7.47 7.02 -34.30
C TRP B 503 -6.45 6.10 -33.63
N SER B 504 -6.26 6.26 -32.33
CA SER B 504 -5.35 5.42 -31.58
C SER B 504 -5.57 5.58 -30.08
N PRO B 505 -6.71 5.09 -29.57
CA PRO B 505 -7.01 5.35 -28.16
C PRO B 505 -6.08 4.64 -27.19
N ALA B 506 -5.34 3.63 -27.65
CA ALA B 506 -4.35 2.98 -26.80
C ALA B 506 -3.14 3.87 -26.54
N ALA B 507 -3.10 5.03 -27.20
CA ALA B 507 -2.09 6.05 -26.92
C ALA B 507 -2.09 6.45 -25.44
N VAL B 508 -3.27 6.46 -24.82
CA VAL B 508 -3.37 6.83 -23.40
C VAL B 508 -2.79 5.75 -22.49
N PRO B 509 -3.27 4.49 -22.61
CA PRO B 509 -2.51 3.41 -21.96
C PRO B 509 -1.00 3.52 -22.17
N TRP B 510 -0.55 3.73 -23.39
CA TRP B 510 0.89 3.79 -23.64
C TRP B 510 1.61 4.91 -22.86
N ILE B 511 1.12 6.14 -23.00
CA ILE B 511 1.76 7.24 -22.26
C ILE B 511 1.67 7.03 -20.74
N LEU B 512 0.64 6.33 -20.29
CA LEU B 512 0.56 5.97 -18.87
C LEU B 512 1.70 5.06 -18.41
N GLN B 513 2.31 4.33 -19.34
CA GLN B 513 3.52 3.57 -18.98
C GLN B 513 4.62 4.51 -18.53
N ASN B 514 4.86 5.56 -19.32
CA ASN B 514 5.89 6.55 -18.97
C ASN B 514 5.59 7.19 -17.61
N VAL B 515 4.30 7.43 -17.36
CA VAL B 515 3.87 8.02 -16.09
C VAL B 515 4.12 7.07 -14.93
N TYR B 516 3.69 5.80 -15.07
CA TYR B 516 3.89 4.83 -14.00
C TYR B 516 5.38 4.61 -13.69
N GLU B 517 6.24 4.70 -14.69
CA GLU B 517 7.68 4.58 -14.48
C GLU B 517 8.22 5.60 -13.48
N ALA B 518 7.59 6.77 -13.38
CA ALA B 518 8.00 7.75 -12.37
C ALA B 518 7.93 7.15 -10.96
N TYR B 519 6.92 6.32 -10.73
CA TYR B 519 6.84 5.56 -9.48
C TYR B 519 7.81 4.38 -9.44
N GLU B 520 7.88 3.58 -10.51
CA GLU B 520 8.80 2.43 -10.53
C GLU B 520 10.20 2.82 -10.10
N TYR B 521 10.70 3.90 -10.67
CA TYR B 521 12.09 4.27 -10.47
C TYR B 521 12.33 5.06 -9.19
N SER B 522 11.28 5.52 -8.53
CA SER B 522 11.43 6.36 -7.33
C SER B 522 10.93 5.73 -6.03
N GLY B 523 9.83 4.98 -6.10
CA GLY B 523 9.16 4.53 -4.87
C GLY B 523 8.52 5.67 -4.08
N ASP B 524 8.29 6.79 -4.74
CA ASP B 524 7.75 7.99 -4.10
C ASP B 524 6.25 7.85 -3.88
N PRO B 525 5.79 7.87 -2.61
CA PRO B 525 4.36 7.66 -2.36
C PRO B 525 3.45 8.78 -2.91
N ALA B 526 3.97 9.98 -3.07
CA ALA B 526 3.19 11.07 -3.65
C ALA B 526 2.93 10.79 -5.14
N LEU B 527 3.94 10.27 -5.82
CA LEU B 527 3.78 9.87 -7.21
C LEU B 527 2.85 8.68 -7.33
N LEU B 528 2.97 7.73 -6.40
CA LEU B 528 2.07 6.58 -6.38
C LEU B 528 0.60 6.99 -6.41
N ASP B 529 0.23 7.96 -5.58
CA ASP B 529 -1.17 8.39 -5.54
C ASP B 529 -1.63 8.95 -6.90
N ARG B 530 -0.78 9.75 -7.53
CA ARG B 530 -1.11 10.36 -8.82
C ARG B 530 -1.20 9.34 -9.95
N VAL B 531 -0.24 8.41 -10.01
CA VAL B 531 -0.26 7.42 -11.07
C VAL B 531 -1.40 6.42 -10.87
N TYR B 532 -1.68 6.07 -9.62
CA TYR B 532 -2.81 5.19 -9.34
C TYR B 532 -4.13 5.82 -9.80
N ALA B 533 -4.34 7.08 -9.48
CA ALA B 533 -5.56 7.77 -9.88
C ALA B 533 -5.74 7.71 -11.40
N LEU B 534 -4.68 8.01 -12.15
CA LEU B 534 -4.74 7.96 -13.61
C LEU B 534 -5.01 6.56 -14.14
N LEU B 535 -4.32 5.58 -13.57
CA LEU B 535 -4.46 4.20 -14.00
C LEU B 535 -5.82 3.62 -13.66
N LYS B 536 -6.35 4.01 -12.49
CA LYS B 536 -7.65 3.53 -12.04
C LYS B 536 -8.73 3.91 -13.05
N GLU B 537 -8.76 5.17 -13.45
CA GLU B 537 -9.80 5.66 -14.34
C GLU B 537 -9.62 5.13 -15.77
N GLU B 538 -8.39 5.05 -16.28
CA GLU B 538 -8.20 4.51 -17.62
C GLU B 538 -8.46 3.00 -17.69
N SER B 539 -8.12 2.27 -16.62
CA SER B 539 -8.45 0.85 -16.52
C SER B 539 -9.97 0.65 -16.45
N HIS B 540 -10.65 1.46 -15.64
CA HIS B 540 -12.10 1.45 -15.60
C HIS B 540 -12.67 1.64 -16.99
N PHE B 541 -12.13 2.62 -17.70
CA PHE B 541 -12.57 2.96 -19.05
C PHE B 541 -12.43 1.76 -20.00
N TYR B 542 -11.25 1.15 -20.00
CA TYR B 542 -11.04 0.03 -20.89
C TYR B 542 -11.89 -1.18 -20.54
N VAL B 543 -11.94 -1.53 -19.25
CA VAL B 543 -12.73 -2.67 -18.80
C VAL B 543 -14.21 -2.50 -19.13
N ASN B 544 -14.75 -1.31 -18.85
CA ASN B 544 -16.20 -1.11 -18.92
C ASN B 544 -16.72 -0.68 -20.28
N TYR B 545 -15.86 -0.06 -21.09
CA TYR B 545 -16.32 0.51 -22.36
C TYR B 545 -15.63 -0.01 -23.61
N MET B 546 -14.35 -0.36 -23.50
CA MET B 546 -13.55 -0.66 -24.70
C MET B 546 -13.37 -2.14 -25.02
N LEU B 547 -13.20 -2.97 -24.01
CA LEU B 547 -12.96 -4.41 -24.22
C LEU B 547 -14.22 -5.15 -24.60
N HIS B 548 -14.08 -6.16 -25.45
CA HIS B 548 -15.17 -7.07 -25.75
C HIS B 548 -14.63 -8.48 -25.98
N LYS B 549 -15.50 -9.47 -25.90
CA LYS B 549 -15.14 -10.83 -26.31
C LYS B 549 -15.01 -10.83 -27.82
N ALA B 550 -13.86 -11.30 -28.30
CA ALA B 550 -13.59 -11.32 -29.73
C ALA B 550 -14.57 -12.23 -30.46
N GLY B 551 -14.83 -11.86 -31.71
CA GLY B 551 -15.48 -12.77 -32.65
C GLY B 551 -14.49 -13.82 -33.13
N SER B 552 -14.96 -14.68 -34.02
CA SER B 552 -14.19 -15.85 -34.45
C SER B 552 -12.83 -15.54 -35.08
N SER B 553 -12.67 -14.35 -35.66
CA SER B 553 -11.41 -14.02 -36.33
C SER B 553 -10.22 -13.85 -35.40
N SER B 554 -10.48 -13.59 -34.12
CA SER B 554 -9.41 -13.37 -33.14
C SER B 554 -9.37 -14.40 -32.01
N GLY B 555 -10.04 -15.53 -32.20
CA GLY B 555 -9.96 -16.64 -31.25
C GLY B 555 -10.72 -16.39 -29.96
N ASP B 556 -10.30 -17.06 -28.90
CA ASP B 556 -10.98 -17.01 -27.61
C ASP B 556 -10.21 -16.09 -26.66
N ARG B 557 -10.63 -14.82 -26.62
CA ARG B 557 -9.94 -13.81 -25.84
C ARG B 557 -10.78 -12.54 -25.79
N LEU B 558 -10.50 -11.68 -24.81
CA LEU B 558 -10.94 -10.29 -24.91
C LEU B 558 -10.01 -9.58 -25.87
N THR B 559 -10.58 -8.69 -26.68
CA THR B 559 -9.78 -7.75 -27.46
C THR B 559 -10.32 -6.34 -27.23
N THR B 560 -9.64 -5.36 -27.80
CA THR B 560 -10.03 -3.97 -27.69
C THR B 560 -10.99 -3.56 -28.79
N GLY B 561 -11.48 -4.53 -29.56
CA GLY B 561 -12.42 -4.23 -30.63
C GLY B 561 -11.72 -3.63 -31.82
N VAL B 562 -12.46 -2.82 -32.58
CA VAL B 562 -11.94 -2.33 -33.85
C VAL B 562 -10.59 -1.60 -33.67
N ALA B 563 -9.60 -2.00 -34.45
CA ALA B 563 -8.25 -1.48 -34.28
C ALA B 563 -7.43 -1.57 -35.55
N TYR B 564 -6.51 -0.62 -35.67
CA TYR B 564 -5.51 -0.57 -36.74
C TYR B 564 -4.14 -0.80 -36.12
N SER B 565 -3.30 -1.57 -36.81
CA SER B 565 -1.91 -1.74 -36.40
C SER B 565 -1.07 -0.78 -37.24
N PRO B 566 -0.65 0.36 -36.67
CA PRO B 566 0.08 1.31 -37.53
C PRO B 566 1.36 0.67 -38.11
N GLU B 567 1.64 0.85 -39.40
CA GLU B 567 0.79 1.49 -40.42
C GLU B 567 0.67 0.51 -41.59
N GLN B 568 0.24 -0.71 -41.31
CA GLN B 568 0.05 -1.71 -42.37
C GLN B 568 -1.13 -2.60 -42.04
N GLY B 569 -1.51 -3.44 -42.99
CA GLY B 569 -2.65 -4.33 -42.83
C GLY B 569 -3.98 -3.62 -42.94
N PRO B 570 -5.08 -4.32 -42.62
CA PRO B 570 -6.42 -3.75 -42.69
C PRO B 570 -6.66 -2.65 -41.67
N LEU B 571 -7.54 -1.71 -42.01
CA LEU B 571 -7.87 -0.59 -41.15
C LEU B 571 -8.53 -0.97 -39.82
N GLY B 572 -9.39 -1.97 -39.85
CA GLY B 572 -10.19 -2.32 -38.68
C GLY B 572 -10.32 -3.82 -38.51
N THR B 573 -9.52 -4.37 -37.60
CA THR B 573 -9.59 -5.78 -37.27
C THR B 573 -10.14 -5.93 -35.86
N ASP B 574 -10.36 -7.18 -35.44
CA ASP B 574 -10.88 -7.47 -34.12
C ASP B 574 -9.73 -7.47 -33.12
N GLY B 575 -9.37 -6.27 -32.68
CA GLY B 575 -8.19 -6.08 -31.86
C GLY B 575 -6.92 -6.35 -32.65
N ASN B 576 -5.79 -6.24 -31.96
CA ASN B 576 -4.49 -6.61 -32.51
C ASN B 576 -3.46 -6.65 -31.39
N THR B 577 -2.27 -7.13 -31.72
CA THR B 577 -1.24 -7.32 -30.72
C THR B 577 -0.76 -6.00 -30.14
N TYR B 578 -0.68 -4.98 -30.99
CA TYR B 578 -0.35 -3.61 -30.58
C TYR B 578 -1.24 -3.13 -29.42
N GLU B 579 -2.55 -3.12 -29.63
CA GLU B 579 -3.45 -2.61 -28.60
C GLU B 579 -3.54 -3.54 -27.40
N SER B 580 -3.60 -4.84 -27.64
CA SER B 580 -3.69 -5.79 -26.53
C SER B 580 -2.44 -5.78 -25.66
N SER B 581 -1.27 -5.61 -26.27
CA SER B 581 -0.04 -5.52 -25.49
C SER B 581 -0.04 -4.30 -24.59
N LEU B 582 -0.54 -3.18 -25.12
CA LEU B 582 -0.63 -1.96 -24.35
C LEU B 582 -1.66 -2.04 -23.23
N VAL B 583 -2.82 -2.61 -23.50
CA VAL B 583 -3.85 -2.71 -22.46
C VAL B 583 -3.43 -3.70 -21.38
N TRP B 584 -2.81 -4.79 -21.79
CA TRP B 584 -2.24 -5.76 -20.84
C TRP B 584 -1.25 -5.05 -19.92
N GLN B 585 -0.36 -4.24 -20.48
CA GLN B 585 0.65 -3.57 -19.69
C GLN B 585 0.02 -2.57 -18.72
N MET B 586 -1.01 -1.86 -19.20
CA MET B 586 -1.70 -0.90 -18.35
C MET B 586 -2.36 -1.57 -17.15
N LEU B 587 -3.07 -2.66 -17.41
CA LEU B 587 -3.70 -3.40 -16.32
C LEU B 587 -2.66 -3.98 -15.35
N ASN B 588 -1.53 -4.41 -15.90
CA ASN B 588 -0.43 -4.90 -15.09
C ASN B 588 0.11 -3.80 -14.16
N ASP B 589 0.39 -2.63 -14.73
CA ASP B 589 0.84 -1.47 -13.95
C ASP B 589 -0.22 -1.03 -12.93
N ALA B 590 -1.48 -1.04 -13.34
CA ALA B 590 -2.59 -0.62 -12.47
C ALA B 590 -2.73 -1.53 -11.27
N ILE B 591 -2.62 -2.84 -11.51
CA ILE B 591 -2.64 -3.82 -10.44
C ILE B 591 -1.48 -3.58 -9.47
N GLU B 592 -0.29 -3.31 -10.00
CA GLU B 592 0.86 -3.04 -9.14
C GLU B 592 0.69 -1.77 -8.33
N ALA B 593 0.12 -0.73 -8.95
CA ALA B 593 -0.17 0.51 -8.24
C ALA B 593 -1.16 0.28 -7.11
N ALA B 594 -2.22 -0.46 -7.42
CA ALA B 594 -3.23 -0.81 -6.43
C ALA B 594 -2.62 -1.58 -5.27
N LYS B 595 -1.83 -2.61 -5.58
CA LYS B 595 -1.19 -3.43 -4.56
C LYS B 595 -0.29 -2.61 -3.64
N ALA B 596 0.43 -1.65 -4.23
CA ALA B 596 1.33 -0.79 -3.46
C ALA B 596 0.56 0.07 -2.45
N LYS B 597 -0.72 0.28 -2.71
CA LYS B 597 -1.60 1.04 -1.82
C LYS B 597 -2.47 0.16 -0.91
N GLY B 598 -2.31 -1.15 -1.04
CA GLY B 598 -3.13 -2.12 -0.29
C GLY B 598 -4.49 -2.36 -0.91
N ASP B 599 -4.60 -2.08 -2.22
CA ASP B 599 -5.85 -2.22 -2.98
C ASP B 599 -7.07 -1.69 -2.23
N PRO B 600 -7.05 -0.39 -1.85
CA PRO B 600 -8.13 0.15 -1.03
C PRO B 600 -9.49 0.12 -1.72
N ASP B 601 -9.50 0.11 -3.05
CA ASP B 601 -10.74 0.12 -3.81
C ASP B 601 -11.21 -1.28 -4.22
N GLY B 602 -10.44 -2.30 -3.85
CA GLY B 602 -10.78 -3.70 -4.16
C GLY B 602 -10.96 -3.95 -5.65
N LEU B 603 -9.99 -3.49 -6.45
CA LEU B 603 -10.09 -3.55 -7.91
C LEU B 603 -9.20 -4.60 -8.56
N VAL B 604 -8.24 -5.13 -7.81
CA VAL B 604 -7.32 -6.13 -8.34
C VAL B 604 -8.07 -7.42 -8.69
N GLY B 605 -8.92 -7.87 -7.76
CA GLY B 605 -9.71 -9.08 -7.95
C GLY B 605 -8.84 -10.31 -8.14
N ASN B 606 -9.29 -11.19 -9.02
CA ASN B 606 -8.67 -12.49 -9.22
C ASN B 606 -9.16 -13.11 -10.53
N THR B 607 -8.77 -14.35 -10.79
CA THR B 607 -9.18 -15.05 -12.00
C THR B 607 -10.19 -16.18 -11.73
N THR B 608 -10.95 -16.05 -10.64
CA THR B 608 -11.98 -17.01 -10.29
C THR B 608 -13.26 -16.68 -11.04
N ASP B 609 -13.83 -17.69 -11.70
CA ASP B 609 -15.02 -17.51 -12.54
C ASP B 609 -14.79 -16.38 -13.55
N CYS B 610 -13.64 -16.47 -14.20
CA CYS B 610 -13.18 -15.46 -15.13
C CYS B 610 -13.28 -15.98 -16.55
N SER B 611 -14.10 -15.29 -17.35
CA SER B 611 -14.38 -15.69 -18.72
C SER B 611 -14.66 -14.45 -19.55
N ALA B 612 -14.32 -14.52 -20.84
CA ALA B 612 -14.66 -13.43 -21.76
C ALA B 612 -16.18 -13.24 -21.87
N ASP B 613 -16.93 -14.30 -21.53
CA ASP B 613 -18.40 -14.22 -21.46
C ASP B 613 -18.88 -13.20 -20.43
N ASN B 614 -18.04 -12.87 -19.45
CA ASN B 614 -18.38 -11.91 -18.40
C ASN B 614 -18.58 -10.50 -18.93
N TRP B 615 -18.17 -10.26 -20.18
CA TRP B 615 -18.28 -8.94 -20.80
C TRP B 615 -19.55 -8.75 -21.63
N ALA B 616 -20.47 -9.71 -21.56
CA ALA B 616 -21.70 -9.65 -22.35
C ALA B 616 -22.48 -8.37 -22.05
N LYS B 617 -22.91 -7.70 -23.11
CA LYS B 617 -23.67 -6.45 -23.01
C LYS B 617 -24.99 -6.54 -23.79
N ASN B 618 -25.95 -5.72 -23.38
CA ASN B 618 -27.20 -5.57 -24.12
C ASN B 618 -27.06 -4.52 -25.22
N ASP B 619 -28.14 -4.30 -25.98
CA ASP B 619 -28.14 -3.37 -27.12
C ASP B 619 -27.73 -1.94 -26.79
N SER B 620 -28.00 -1.51 -25.56
CA SER B 620 -27.66 -0.16 -25.12
C SER B 620 -26.20 -0.03 -24.68
N GLY B 621 -25.52 -1.17 -24.51
CA GLY B 621 -24.11 -1.18 -24.14
C GLY B 621 -23.85 -1.34 -22.65
N ASN B 622 -24.83 -1.86 -21.92
CA ASN B 622 -24.66 -2.15 -20.49
C ASN B 622 -24.51 -3.65 -20.25
N PHE B 623 -23.73 -4.01 -19.23
CA PHE B 623 -23.47 -5.41 -18.91
C PHE B 623 -24.73 -6.16 -18.49
N THR B 624 -24.90 -7.36 -19.04
CA THR B 624 -26.07 -8.18 -18.75
C THR B 624 -25.99 -8.81 -17.37
N ASP B 625 -24.77 -9.07 -16.92
CA ASP B 625 -24.54 -9.62 -15.58
C ASP B 625 -23.77 -8.61 -14.73
N ALA B 626 -24.47 -7.96 -13.81
CA ALA B 626 -23.89 -6.92 -12.96
C ALA B 626 -22.81 -7.44 -12.01
N ASN B 627 -22.86 -8.74 -11.72
CA ASN B 627 -22.01 -9.33 -10.68
C ASN B 627 -20.85 -10.19 -11.18
N ALA B 628 -20.73 -10.35 -12.49
CA ALA B 628 -19.67 -11.16 -13.08
C ALA B 628 -18.29 -10.56 -12.82
N ASN B 629 -17.28 -11.42 -12.75
CA ASN B 629 -15.91 -11.00 -12.51
C ASN B 629 -15.37 -10.25 -13.73
N ARG B 630 -15.21 -8.95 -13.57
CA ARG B 630 -14.56 -8.10 -14.58
C ARG B 630 -13.42 -7.32 -13.93
N SER B 631 -12.81 -7.93 -12.93
CA SER B 631 -11.70 -7.32 -12.21
C SER B 631 -10.47 -7.13 -13.11
N TRP B 632 -9.53 -6.31 -12.66
CA TRP B 632 -8.33 -6.07 -13.46
C TRP B 632 -7.55 -7.34 -13.71
N SER B 633 -7.43 -8.20 -12.70
CA SER B 633 -6.73 -9.48 -12.85
C SER B 633 -7.42 -10.37 -13.89
N CYS B 634 -8.74 -10.42 -13.84
CA CYS B 634 -9.51 -11.21 -14.79
C CYS B 634 -9.32 -10.70 -16.22
N ALA B 635 -9.57 -9.41 -16.42
CA ALA B 635 -9.42 -8.80 -17.75
C ALA B 635 -8.02 -9.04 -18.33
N LYS B 636 -7.00 -8.81 -17.50
CA LYS B 636 -5.62 -8.98 -17.93
C LYS B 636 -5.35 -10.40 -18.40
N SER B 637 -5.88 -11.37 -17.67
CA SER B 637 -5.68 -12.80 -17.97
C SER B 637 -6.35 -13.25 -19.26
N LEU B 638 -7.34 -12.48 -19.74
CA LEU B 638 -8.12 -12.88 -20.90
C LEU B 638 -7.62 -12.29 -22.23
N LEU B 639 -6.66 -11.38 -22.16
CA LEU B 639 -6.18 -10.72 -23.38
C LEU B 639 -5.34 -11.65 -24.24
N LYS B 640 -4.53 -12.50 -23.59
CA LYS B 640 -3.63 -13.41 -24.29
C LYS B 640 -2.93 -12.69 -25.45
N PRO B 641 -2.22 -11.60 -25.15
CA PRO B 641 -1.75 -10.70 -26.21
C PRO B 641 -0.73 -11.29 -27.18
N ILE B 642 0.09 -12.23 -26.70
CA ILE B 642 1.15 -12.79 -27.53
C ILE B 642 0.81 -14.18 -28.05
N GLU B 643 0.92 -14.34 -29.36
CA GLU B 643 0.85 -15.66 -29.99
C GLU B 643 2.00 -15.78 -30.97
N VAL B 644 2.67 -16.92 -30.92
CA VAL B 644 3.73 -17.22 -31.87
C VAL B 644 3.12 -17.91 -33.08
N GLY B 645 3.40 -17.37 -34.26
CA GLY B 645 2.84 -17.88 -35.50
C GLY B 645 3.65 -18.96 -36.17
N ASP B 646 3.22 -19.31 -37.38
CA ASP B 646 3.77 -20.45 -38.10
C ASP B 646 5.17 -20.20 -38.70
N SER B 647 5.61 -18.95 -38.67
CA SER B 647 6.97 -18.60 -39.07
C SER B 647 7.87 -18.39 -37.84
N GLY B 648 7.37 -18.74 -36.66
CA GLY B 648 8.10 -18.51 -35.41
C GLY B 648 8.13 -17.05 -35.00
N GLN B 649 7.21 -16.26 -35.55
CA GLN B 649 7.13 -14.81 -35.34
C GLN B 649 6.10 -14.46 -34.28
N ILE B 650 6.24 -13.28 -33.66
CA ILE B 650 5.16 -12.71 -32.88
C ILE B 650 4.07 -12.27 -33.86
N LYS B 651 2.85 -12.81 -33.72
CA LYS B 651 1.76 -12.39 -34.60
C LYS B 651 1.44 -10.91 -34.39
N GLU B 652 1.22 -10.20 -35.49
CA GLU B 652 0.75 -8.82 -35.43
C GLU B 652 -0.78 -8.73 -35.36
N TRP B 653 -1.46 -9.70 -35.97
CA TRP B 653 -2.92 -9.82 -35.91
C TRP B 653 -3.31 -11.23 -35.45
N TYR B 654 -4.45 -11.35 -34.79
CA TYR B 654 -4.86 -12.64 -34.26
C TYR B 654 -5.35 -13.63 -35.32
N PHE B 655 -5.65 -13.12 -36.52
CA PHE B 655 -5.98 -14.02 -37.63
C PHE B 655 -4.77 -14.51 -38.42
N GLU B 656 -3.58 -14.09 -37.99
CA GLU B 656 -2.32 -14.41 -38.68
C GLU B 656 -1.93 -15.88 -38.51
N GLY B 657 -1.35 -16.46 -39.56
CA GLY B 657 -0.75 -17.78 -39.48
C GLY B 657 0.75 -17.63 -39.63
N ALA B 658 1.24 -17.89 -40.84
CA ALA B 658 2.61 -17.55 -41.19
C ALA B 658 2.73 -16.02 -41.30
N LEU B 659 3.95 -15.53 -41.31
CA LEU B 659 4.20 -14.09 -41.35
C LEU B 659 3.54 -13.45 -42.57
N GLY B 660 2.72 -12.44 -42.32
CA GLY B 660 2.03 -11.71 -43.38
C GLY B 660 0.89 -12.46 -44.06
N LYS B 661 0.49 -13.59 -43.47
CA LYS B 661 -0.56 -14.45 -44.05
C LYS B 661 -1.63 -14.78 -43.02
N LYS B 662 -2.84 -15.06 -43.49
CA LYS B 662 -3.90 -15.57 -42.62
C LYS B 662 -3.71 -17.07 -42.40
N LYS B 663 -4.48 -17.64 -41.47
CA LYS B 663 -4.40 -19.05 -41.12
C LYS B 663 -4.59 -19.97 -42.33
N ASP B 664 -5.43 -19.52 -43.27
CA ASP B 664 -5.71 -20.30 -44.49
C ASP B 664 -4.66 -20.14 -45.59
N GLY B 665 -3.63 -19.35 -45.32
CA GLY B 665 -2.52 -19.17 -46.25
C GLY B 665 -2.61 -17.95 -47.16
N SER B 666 -3.77 -17.29 -47.17
CA SER B 666 -3.98 -16.12 -48.00
C SER B 666 -3.31 -14.88 -47.42
N THR B 667 -3.00 -13.91 -48.26
CA THR B 667 -2.26 -12.73 -47.82
C THR B 667 -3.12 -11.83 -46.93
N ILE B 668 -2.48 -11.22 -45.94
CA ILE B 668 -3.11 -10.18 -45.14
C ILE B 668 -3.06 -8.90 -45.98
N SER B 669 -4.21 -8.45 -46.45
CA SER B 669 -4.26 -7.27 -47.32
C SER B 669 -3.65 -6.06 -46.62
N GLY B 670 -2.75 -5.39 -47.33
CA GLY B 670 -2.07 -4.22 -46.81
C GLY B 670 -0.79 -4.52 -46.03
N TYR B 671 -0.48 -5.80 -45.84
CA TYR B 671 0.80 -6.17 -45.24
C TYR B 671 1.92 -5.88 -46.23
N GLN B 672 2.99 -5.22 -45.77
CA GLN B 672 4.12 -4.91 -46.63
C GLN B 672 4.90 -6.19 -46.92
N ALA B 673 4.75 -6.68 -48.16
CA ALA B 673 5.17 -8.03 -48.56
C ALA B 673 6.65 -8.36 -48.36
N ASP B 674 7.53 -7.36 -48.47
CA ASP B 674 8.96 -7.60 -48.28
C ASP B 674 9.35 -7.78 -46.81
N ASN B 675 8.34 -7.73 -45.93
CA ASN B 675 8.50 -7.96 -44.48
C ASN B 675 9.16 -6.82 -43.71
N GLN B 676 9.50 -5.74 -44.40
CA GLN B 676 10.30 -4.67 -43.81
C GLN B 676 9.49 -3.40 -43.48
N HIS B 677 8.24 -3.58 -43.07
CA HIS B 677 7.44 -2.42 -42.67
C HIS B 677 8.14 -1.61 -41.59
N ARG B 678 8.06 -0.28 -41.71
CA ARG B 678 8.79 0.62 -40.82
C ARG B 678 8.34 0.55 -39.36
N HIS B 679 7.04 0.45 -39.14
CA HIS B 679 6.50 0.29 -37.79
C HIS B 679 6.65 -1.15 -37.33
N MET B 680 6.76 -1.33 -36.01
CA MET B 680 6.74 -2.64 -35.37
C MET B 680 5.78 -2.57 -34.18
N SER B 681 4.52 -2.28 -34.48
CA SER B 681 3.55 -1.95 -33.45
C SER B 681 3.23 -3.11 -32.51
N HIS B 682 3.44 -4.33 -33.01
CA HIS B 682 3.19 -5.54 -32.25
C HIS B 682 4.34 -5.95 -31.32
N LEU B 683 5.40 -5.16 -31.28
CA LEU B 683 6.55 -5.48 -30.43
C LEU B 683 6.70 -4.59 -29.19
N LEU B 684 5.67 -3.82 -28.88
CA LEU B 684 5.72 -2.94 -27.70
C LEU B 684 5.80 -3.72 -26.39
N GLY B 685 5.40 -4.98 -26.40
CA GLY B 685 5.57 -5.86 -25.24
C GLY B 685 7.01 -6.24 -24.96
N LEU B 686 7.86 -6.18 -26.00
CA LEU B 686 9.32 -6.36 -25.89
C LEU B 686 10.01 -5.10 -25.41
N PHE B 687 9.64 -3.97 -26.02
CA PHE B 687 10.08 -2.66 -25.56
C PHE B 687 8.97 -1.65 -25.83
N PRO B 688 8.57 -0.87 -24.82
CA PRO B 688 9.13 -0.77 -23.46
C PRO B 688 8.64 -1.79 -22.44
N GLY B 689 7.65 -2.61 -22.83
CA GLY B 689 6.96 -3.48 -21.89
C GLY B 689 7.75 -4.64 -21.29
N ASP B 690 7.03 -5.46 -20.52
CA ASP B 690 7.64 -6.65 -19.90
C ASP B 690 6.88 -7.91 -20.25
N LEU B 691 6.16 -7.86 -21.36
CA LEU B 691 5.42 -8.99 -21.88
C LEU B 691 6.36 -10.00 -22.56
N ILE B 692 7.42 -9.47 -23.18
CA ILE B 692 8.41 -10.29 -23.85
C ILE B 692 9.77 -9.89 -23.26
N THR B 693 10.36 -10.81 -22.52
CA THR B 693 11.62 -10.55 -21.84
C THR B 693 12.60 -11.71 -22.01
N ILE B 694 13.86 -11.43 -21.66
CA ILE B 694 14.93 -12.40 -21.75
C ILE B 694 14.63 -13.66 -20.92
N ASP B 695 13.76 -13.52 -19.92
CA ASP B 695 13.41 -14.63 -19.04
C ASP B 695 12.36 -15.58 -19.65
N ASN B 696 11.86 -15.24 -20.84
CA ASN B 696 10.92 -16.10 -21.55
C ASN B 696 11.45 -16.38 -22.94
N SER B 697 12.20 -17.47 -23.07
CA SER B 697 12.86 -17.79 -24.33
C SER B 697 11.89 -18.02 -25.49
N GLU B 698 10.75 -18.65 -25.22
CA GLU B 698 9.75 -18.87 -26.27
C GLU B 698 9.34 -17.56 -26.92
N TYR B 699 8.97 -16.59 -26.09
CA TYR B 699 8.55 -15.28 -26.58
C TYR B 699 9.73 -14.49 -27.16
N MET B 700 10.87 -14.51 -26.47
CA MET B 700 12.02 -13.74 -26.94
C MET B 700 12.55 -14.26 -28.28
N ASP B 701 12.59 -15.57 -28.46
CA ASP B 701 13.04 -16.14 -29.73
C ASP B 701 12.13 -15.67 -30.87
N ALA B 702 10.83 -15.65 -30.60
CA ALA B 702 9.85 -15.19 -31.58
C ALA B 702 10.00 -13.70 -31.88
N ALA B 703 10.25 -12.90 -30.84
CA ALA B 703 10.47 -11.46 -31.01
C ALA B 703 11.72 -11.19 -31.83
N LYS B 704 12.78 -11.95 -31.59
CA LYS B 704 14.01 -11.82 -32.38
C LYS B 704 13.75 -12.17 -33.85
N THR B 705 12.95 -13.20 -34.09
CA THR B 705 12.56 -13.56 -35.44
C THR B 705 11.80 -12.41 -36.10
N SER B 706 10.81 -11.86 -35.39
CA SER B 706 10.05 -10.71 -35.87
C SER B 706 10.96 -9.52 -36.20
N LEU B 707 11.89 -9.21 -35.30
CA LEU B 707 12.84 -8.13 -35.50
C LEU B 707 13.73 -8.35 -36.71
N ARG B 708 14.19 -9.58 -36.92
CA ARG B 708 15.07 -9.86 -38.05
C ARG B 708 14.37 -9.60 -39.38
N TYR B 709 13.13 -10.07 -39.51
CA TYR B 709 12.36 -9.82 -40.72
C TYR B 709 12.16 -8.33 -40.95
N ARG B 710 11.87 -7.58 -39.88
CA ARG B 710 11.63 -6.14 -40.02
C ARG B 710 12.89 -5.33 -40.33
N CYS B 711 14.03 -5.78 -39.80
CA CYS B 711 15.23 -4.95 -39.74
C CYS B 711 16.33 -5.27 -40.75
N PHE B 712 16.21 -6.41 -41.43
CA PHE B 712 17.21 -6.87 -42.38
C PHE B 712 16.65 -6.99 -43.80
N LYS B 713 17.49 -6.68 -44.78
CA LYS B 713 17.22 -7.02 -46.17
C LYS B 713 18.27 -8.06 -46.51
N GLY B 714 17.83 -9.30 -46.66
CA GLY B 714 18.74 -10.44 -46.72
C GLY B 714 19.48 -10.54 -45.40
N ASN B 715 20.81 -10.58 -45.47
CA ASN B 715 21.64 -10.61 -44.27
C ASN B 715 22.21 -9.24 -43.89
N VAL B 716 21.70 -8.18 -44.51
CA VAL B 716 22.21 -6.84 -44.29
C VAL B 716 21.27 -6.02 -43.39
N LEU B 717 21.77 -5.64 -42.23
CA LEU B 717 21.02 -4.79 -41.30
C LEU B 717 20.75 -3.44 -41.95
N GLN B 718 19.49 -3.02 -41.92
CA GLN B 718 19.08 -1.80 -42.60
C GLN B 718 19.10 -0.57 -41.70
N SER B 719 19.49 0.55 -42.29
CA SER B 719 19.41 1.84 -41.65
C SER B 719 17.96 2.26 -41.48
N ASN B 720 17.72 3.15 -40.52
CA ASN B 720 16.48 3.89 -40.46
C ASN B 720 16.74 5.21 -39.75
N THR B 721 15.68 5.97 -39.51
CA THR B 721 15.81 7.34 -39.03
C THR B 721 14.78 7.62 -37.96
N GLY B 722 14.97 8.73 -37.25
CA GLY B 722 13.98 9.25 -36.32
C GLY B 722 13.46 8.23 -35.32
N TRP B 723 12.15 8.24 -35.11
CA TRP B 723 11.54 7.35 -34.11
C TRP B 723 11.79 5.87 -34.43
N ALA B 724 11.91 5.53 -35.70
CA ALA B 724 12.03 4.12 -36.09
C ALA B 724 13.36 3.54 -35.63
N ILE B 725 14.45 4.28 -35.89
CA ILE B 725 15.74 3.81 -35.43
C ILE B 725 15.83 3.83 -33.89
N GLY B 726 15.25 4.85 -33.26
CA GLY B 726 15.21 4.91 -31.81
C GLY B 726 14.51 3.70 -31.21
N GLN B 727 13.35 3.35 -31.78
CA GLN B 727 12.62 2.17 -31.32
C GLN B 727 13.42 0.89 -31.53
N ARG B 728 14.05 0.76 -32.69
CA ARG B 728 14.80 -0.46 -33.01
C ARG B 728 16.00 -0.65 -32.09
N ILE B 729 16.73 0.42 -31.77
CA ILE B 729 17.84 0.32 -30.83
C ILE B 729 17.35 -0.23 -29.49
N ASN B 730 16.30 0.37 -28.94
CA ASN B 730 15.79 -0.06 -27.64
C ASN B 730 15.22 -1.48 -27.64
N SER B 731 14.55 -1.84 -28.73
CA SER B 731 13.96 -3.17 -28.89
C SER B 731 15.06 -4.23 -28.94
N TRP B 732 16.07 -4.00 -29.77
CA TRP B 732 17.17 -4.94 -29.85
C TRP B 732 17.95 -5.02 -28.54
N ALA B 733 18.09 -3.93 -27.80
CA ALA B 733 18.78 -3.99 -26.50
C ALA B 733 18.10 -5.00 -25.57
N ARG B 734 16.76 -5.01 -25.57
CA ARG B 734 16.00 -5.92 -24.71
C ARG B 734 16.21 -7.40 -25.06
N THR B 735 16.66 -7.68 -26.27
CA THR B 735 16.93 -9.06 -26.70
C THR B 735 18.24 -9.61 -26.14
N GLY B 736 19.10 -8.73 -25.64
CA GLY B 736 20.44 -9.14 -25.21
C GLY B 736 21.49 -9.14 -26.31
N ASP B 737 21.08 -8.88 -27.55
CA ASP B 737 22.02 -8.85 -28.67
C ASP B 737 22.65 -7.46 -28.78
N GLY B 738 23.71 -7.25 -28.00
CA GLY B 738 24.43 -6.00 -27.97
C GLY B 738 25.09 -5.64 -29.29
N ASN B 739 25.53 -6.63 -30.05
CA ASN B 739 26.19 -6.37 -31.32
C ASN B 739 25.25 -5.75 -32.34
N THR B 740 24.07 -6.34 -32.50
CA THR B 740 23.07 -5.78 -33.40
C THR B 740 22.59 -4.42 -32.91
N THR B 741 22.39 -4.30 -31.59
CA THR B 741 21.97 -3.02 -30.99
C THR B 741 22.99 -1.93 -31.32
N TYR B 742 24.27 -2.24 -31.11
CA TYR B 742 25.33 -1.29 -31.41
C TYR B 742 25.37 -0.93 -32.90
N GLN B 743 25.18 -1.92 -33.75
CA GLN B 743 25.16 -1.66 -35.18
C GLN B 743 24.05 -0.68 -35.57
N LEU B 744 22.93 -0.74 -34.85
CA LEU B 744 21.85 0.22 -35.06
C LEU B 744 22.21 1.61 -34.57
N VAL B 745 22.92 1.72 -33.46
CA VAL B 745 23.44 3.00 -32.98
C VAL B 745 24.36 3.62 -34.05
N GLU B 746 25.26 2.79 -34.58
CA GLU B 746 26.17 3.20 -35.65
C GLU B 746 25.38 3.75 -36.84
N LEU B 747 24.31 3.05 -37.21
CA LEU B 747 23.49 3.48 -38.35
C LEU B 747 22.76 4.77 -38.06
N GLN B 748 22.28 4.96 -36.84
CA GLN B 748 21.65 6.22 -36.46
C GLN B 748 22.62 7.38 -36.59
N LEU B 749 23.84 7.17 -36.11
CA LEU B 749 24.85 8.23 -36.16
C LEU B 749 25.25 8.55 -37.59
N LYS B 750 25.31 7.53 -38.46
CA LYS B 750 25.68 7.74 -39.85
C LYS B 750 24.56 8.34 -40.70
N ASN B 751 23.32 8.02 -40.37
CA ASN B 751 22.20 8.28 -41.27
C ASN B 751 21.05 9.10 -40.69
N ALA B 752 21.17 9.52 -39.44
CA ALA B 752 20.06 10.22 -38.79
C ALA B 752 20.47 11.30 -37.81
N MET B 753 21.70 11.81 -37.97
CA MET B 753 22.19 12.91 -37.15
C MET B 753 22.70 14.06 -38.02
N TYR B 754 22.21 15.27 -37.77
CA TYR B 754 22.73 16.45 -38.44
C TYR B 754 24.04 16.87 -37.78
N ALA B 755 24.70 17.88 -38.34
CA ALA B 755 26.00 18.36 -37.85
C ALA B 755 25.98 18.89 -36.43
N ASN B 756 24.81 19.39 -36.00
CA ASN B 756 24.59 19.83 -34.62
C ASN B 756 24.09 18.70 -33.70
N LEU B 757 24.15 17.47 -34.21
CA LEU B 757 23.71 16.25 -33.52
C LEU B 757 22.22 16.19 -33.20
N PHE B 758 21.42 17.01 -33.90
CA PHE B 758 19.98 16.82 -33.89
C PHE B 758 19.63 15.55 -34.68
N ASP B 759 18.82 14.71 -34.08
CA ASP B 759 18.26 13.54 -34.75
C ASP B 759 17.33 13.98 -35.86
N TYR B 760 17.33 13.24 -36.96
CA TYR B 760 16.42 13.55 -38.04
C TYR B 760 15.65 12.37 -38.58
N HIS B 761 14.49 12.72 -39.13
CA HIS B 761 13.52 11.79 -39.68
C HIS B 761 13.69 11.52 -41.21
N ALA B 762 14.01 12.50 -42.07
CA ALA B 762 14.04 13.95 -41.85
C ALA B 762 12.62 14.52 -41.81
N PRO B 763 12.43 15.76 -41.31
CA PRO B 763 13.40 16.71 -40.79
C PRO B 763 13.78 16.43 -39.33
N PHE B 764 14.40 17.41 -38.67
CA PHE B 764 14.73 17.30 -37.26
C PHE B 764 13.53 16.84 -36.45
N GLN B 765 13.74 15.77 -35.68
CA GLN B 765 12.76 15.24 -34.73
C GLN B 765 13.56 14.83 -33.50
N ILE B 766 13.21 15.38 -32.35
CA ILE B 766 14.01 15.14 -31.15
C ILE B 766 13.84 13.74 -30.57
N ASP B 767 12.74 13.07 -30.91
CA ASP B 767 12.46 11.73 -30.38
C ASP B 767 13.69 10.82 -30.42
N GLY B 768 14.33 10.71 -31.58
CA GLY B 768 15.49 9.84 -31.75
C GLY B 768 16.70 10.21 -30.90
N ASN B 769 16.83 11.50 -30.55
CA ASN B 769 17.89 11.90 -29.62
C ASN B 769 17.66 11.24 -28.28
N PHE B 770 16.42 11.32 -27.80
CA PHE B 770 16.06 10.71 -26.53
C PHE B 770 16.09 9.18 -26.60
N GLY B 771 15.68 8.65 -27.74
CA GLY B 771 15.72 7.21 -27.98
C GLY B 771 17.13 6.65 -27.94
N ASN B 772 18.09 7.41 -28.47
CA ASN B 772 19.48 7.00 -28.43
C ASN B 772 19.96 6.85 -26.98
N THR B 773 19.73 7.88 -26.17
CA THR B 773 20.14 7.85 -24.77
C THR B 773 19.52 6.67 -24.05
N SER B 774 18.23 6.44 -24.28
CA SER B 774 17.56 5.30 -23.65
C SER B 774 18.16 3.98 -24.12
N GLY B 775 18.46 3.86 -25.41
CA GLY B 775 18.98 2.63 -25.97
C GLY B 775 20.34 2.26 -25.39
N VAL B 776 21.21 3.24 -25.25
CA VAL B 776 22.50 3.03 -24.60
C VAL B 776 22.31 2.59 -23.14
N ASP B 777 21.41 3.27 -22.42
CA ASP B 777 21.09 2.84 -21.06
C ASP B 777 20.68 1.37 -21.03
N GLU B 778 19.78 0.97 -21.94
CA GLU B 778 19.27 -0.39 -21.95
C GLU B 778 20.34 -1.41 -22.32
N MET B 779 21.36 -1.03 -23.07
CA MET B 779 22.39 -2.03 -23.29
C MET B 779 23.33 -2.22 -22.08
N LEU B 780 23.43 -1.21 -21.23
CA LEU B 780 24.27 -1.26 -20.02
C LEU B 780 23.52 -1.69 -18.76
N LEU B 781 22.20 -1.48 -18.74
CA LEU B 781 21.39 -1.75 -17.57
C LEU B 781 19.95 -1.99 -17.97
N GLN B 782 19.38 -3.11 -17.53
CA GLN B 782 17.94 -3.32 -17.66
C GLN B 782 17.37 -3.61 -16.29
N SER B 783 16.10 -3.29 -16.08
CA SER B 783 15.49 -3.51 -14.77
C SER B 783 13.99 -3.77 -14.86
N ASN B 784 13.53 -4.20 -16.03
CA ASN B 784 12.10 -4.35 -16.28
C ASN B 784 11.58 -5.78 -16.19
N SER B 785 12.46 -6.76 -16.09
CA SER B 785 12.03 -8.14 -16.21
C SER B 785 11.77 -8.79 -14.86
N THR B 786 11.19 -9.98 -14.91
CA THR B 786 10.94 -10.81 -13.73
C THR B 786 11.66 -12.15 -13.91
N PHE B 787 12.46 -12.49 -12.90
CA PHE B 787 13.25 -13.72 -12.86
C PHE B 787 12.48 -14.75 -12.03
N THR B 788 12.50 -16.00 -12.49
CA THR B 788 11.88 -17.09 -11.72
C THR B 788 12.92 -18.16 -11.47
N ASP B 789 13.26 -18.39 -10.20
CA ASP B 789 14.24 -19.43 -9.91
C ASP B 789 13.59 -20.82 -10.01
N THR B 790 14.41 -21.87 -9.94
CA THR B 790 13.87 -23.22 -10.16
C THR B 790 12.91 -23.66 -9.05
N ALA B 791 12.97 -23.00 -7.88
CA ALA B 791 12.04 -23.27 -6.78
C ALA B 791 10.69 -22.54 -6.97
N GLY B 792 10.62 -21.70 -8.00
CA GLY B 792 9.39 -20.97 -8.31
C GLY B 792 9.31 -19.56 -7.75
N LYS B 793 10.36 -19.13 -7.07
CA LYS B 793 10.38 -17.79 -6.48
C LYS B 793 10.62 -16.74 -7.56
N LYS B 794 9.83 -15.66 -7.50
CA LYS B 794 9.92 -14.59 -8.48
C LYS B 794 10.61 -13.34 -7.93
N TYR B 795 11.41 -12.71 -8.77
CA TYR B 795 12.11 -11.48 -8.43
C TYR B 795 11.75 -10.47 -9.51
N VAL B 796 10.90 -9.52 -9.13
CA VAL B 796 10.31 -8.58 -10.05
C VAL B 796 11.20 -7.35 -10.18
N ASN B 797 11.40 -6.90 -11.41
CA ASN B 797 12.23 -5.73 -11.71
C ASN B 797 13.65 -5.89 -11.18
N TYR B 798 14.22 -7.08 -11.39
CA TYR B 798 15.59 -7.32 -10.97
C TYR B 798 16.56 -6.43 -11.76
N THR B 799 17.66 -6.07 -11.10
CA THR B 799 18.69 -5.23 -11.68
C THR B 799 19.58 -6.08 -12.57
N ASN B 800 19.62 -5.77 -13.86
CA ASN B 800 20.37 -6.56 -14.83
C ASN B 800 21.53 -5.77 -15.38
N ILE B 801 22.73 -6.16 -14.96
CA ILE B 801 23.97 -5.46 -15.29
C ILE B 801 24.51 -5.96 -16.62
N LEU B 802 24.76 -5.00 -17.53
CA LEU B 802 25.33 -5.27 -18.85
C LEU B 802 24.58 -6.33 -19.64
N PRO B 803 23.26 -6.14 -19.84
CA PRO B 803 22.43 -7.13 -20.52
C PRO B 803 22.64 -7.23 -22.04
N ALA B 804 23.18 -6.19 -22.66
CA ALA B 804 23.38 -6.18 -24.11
C ALA B 804 24.62 -5.36 -24.45
N LEU B 805 25.75 -5.81 -23.90
CA LEU B 805 27.02 -5.11 -24.07
C LEU B 805 27.62 -5.47 -25.42
N PRO B 806 27.86 -4.46 -26.28
CA PRO B 806 28.45 -4.79 -27.57
C PRO B 806 29.92 -5.18 -27.46
N ASP B 807 30.34 -6.10 -28.32
CA ASP B 807 31.76 -6.47 -28.42
C ASP B 807 32.63 -5.27 -28.77
N ALA B 808 32.06 -4.29 -29.45
CA ALA B 808 32.77 -3.05 -29.81
C ALA B 808 33.23 -2.25 -28.60
N TRP B 809 32.56 -2.44 -27.46
CA TRP B 809 32.94 -1.76 -26.22
C TRP B 809 33.52 -2.79 -25.25
N ALA B 810 34.77 -3.18 -25.49
CA ALA B 810 35.41 -4.25 -24.73
C ALA B 810 35.63 -3.90 -23.26
N GLY B 811 35.90 -2.63 -23.00
CA GLY B 811 36.09 -2.14 -21.65
C GLY B 811 35.48 -0.76 -21.50
N GLY B 812 35.15 -0.40 -20.28
CA GLY B 812 34.55 0.89 -20.02
C GLY B 812 33.97 0.99 -18.63
N SER B 813 33.32 2.12 -18.37
CA SER B 813 32.62 2.31 -17.13
C SER B 813 31.46 3.28 -17.33
N VAL B 814 30.47 3.14 -16.47
CA VAL B 814 29.35 4.06 -16.41
C VAL B 814 28.99 4.24 -14.93
N SER B 815 28.54 5.43 -14.58
CA SER B 815 28.08 5.68 -13.22
C SER B 815 26.84 6.54 -13.26
N GLY B 816 25.97 6.31 -12.29
CA GLY B 816 24.81 7.18 -12.07
C GLY B 816 23.53 6.79 -12.79
N LEU B 817 23.50 5.62 -13.44
CA LEU B 817 22.24 5.14 -14.02
C LEU B 817 21.29 4.74 -12.90
N VAL B 818 20.00 4.65 -13.22
CA VAL B 818 19.02 4.29 -12.20
C VAL B 818 18.24 3.05 -12.64
N ALA B 819 18.08 2.13 -11.71
CA ALA B 819 17.29 0.93 -11.89
C ALA B 819 15.97 1.02 -11.14
N ARG B 820 14.96 0.34 -11.66
CA ARG B 820 13.67 0.27 -11.00
C ARG B 820 13.84 -0.27 -9.58
N GLY B 821 13.01 0.22 -8.68
CA GLY B 821 13.18 -0.02 -7.24
C GLY B 821 14.01 1.09 -6.59
N ASN B 822 14.53 1.99 -7.43
CA ASN B 822 15.33 3.15 -7.02
C ASN B 822 16.71 2.74 -6.47
N PHE B 823 17.51 2.22 -7.38
CA PHE B 823 18.92 1.93 -7.12
C PHE B 823 19.74 2.72 -8.11
N THR B 824 20.78 3.38 -7.64
CA THR B 824 21.75 4.01 -8.53
C THR B 824 22.81 2.99 -8.86
N VAL B 825 23.18 2.91 -10.13
CA VAL B 825 24.03 1.83 -10.63
C VAL B 825 25.25 2.39 -11.34
N GLY B 826 26.42 1.90 -10.93
CA GLY B 826 27.67 2.11 -11.67
C GLY B 826 28.26 0.76 -11.98
N THR B 827 28.87 0.64 -13.15
CA THR B 827 29.53 -0.61 -13.52
C THR B 827 30.79 -0.32 -14.31
N THR B 828 31.83 -1.10 -14.02
CA THR B 828 33.05 -1.10 -14.79
C THR B 828 33.23 -2.48 -15.40
N TRP B 829 33.70 -2.52 -16.65
CA TRP B 829 33.94 -3.79 -17.32
C TRP B 829 35.24 -3.75 -18.10
N LYS B 830 35.83 -4.94 -18.25
CA LYS B 830 37.10 -5.13 -18.98
C LYS B 830 37.01 -6.48 -19.66
N ASN B 831 37.56 -6.57 -20.87
CA ASN B 831 37.54 -7.82 -21.63
C ASN B 831 36.14 -8.42 -21.71
N GLY B 832 35.15 -7.52 -21.86
CA GLY B 832 33.77 -7.90 -22.05
C GLY B 832 33.00 -8.38 -20.83
N LYS B 833 33.60 -8.26 -19.65
CA LYS B 833 32.98 -8.77 -18.42
C LYS B 833 33.09 -7.76 -17.29
N ALA B 834 32.04 -7.68 -16.47
CA ALA B 834 32.02 -6.76 -15.34
C ALA B 834 33.17 -7.04 -14.38
N THR B 835 33.87 -5.98 -13.99
CA THR B 835 34.89 -6.08 -12.95
C THR B 835 34.39 -5.47 -11.64
N GLU B 836 33.41 -4.57 -11.73
CA GLU B 836 32.84 -3.96 -10.53
C GLU B 836 31.42 -3.49 -10.81
N VAL B 837 30.56 -3.64 -9.81
CA VAL B 837 29.25 -3.01 -9.82
C VAL B 837 29.12 -2.26 -8.51
N ARG B 838 28.67 -1.01 -8.59
CA ARG B 838 28.35 -0.23 -7.42
C ARG B 838 26.84 0.02 -7.41
N LEU B 839 26.18 -0.52 -6.40
CA LEU B 839 24.73 -0.46 -6.30
C LEU B 839 24.33 0.35 -5.09
N THR B 840 23.81 1.56 -5.30
CA THR B 840 23.36 2.38 -4.21
C THR B 840 21.86 2.19 -4.04
N SER B 841 21.45 1.66 -2.90
CA SER B 841 20.03 1.49 -2.62
C SER B 841 19.46 2.80 -2.09
N ASN B 842 18.57 3.42 -2.84
CA ASN B 842 18.01 4.70 -2.40
C ASN B 842 16.75 4.57 -1.55
N LYS B 843 16.12 3.41 -1.60
CA LYS B 843 14.87 3.19 -0.89
C LYS B 843 14.87 1.96 0.02
N GLY B 844 15.99 1.22 0.05
CA GLY B 844 16.10 0.05 0.92
C GLY B 844 15.35 -1.18 0.45
N LYS B 845 15.03 -1.26 -0.84
CA LYS B 845 14.33 -2.42 -1.38
C LYS B 845 15.30 -3.60 -1.52
N GLN B 846 14.76 -4.82 -1.47
CA GLN B 846 15.57 -6.00 -1.70
C GLN B 846 16.31 -5.89 -3.02
N ALA B 847 17.60 -6.18 -2.99
CA ALA B 847 18.40 -6.24 -4.21
C ALA B 847 18.33 -7.63 -4.82
N ALA B 848 18.21 -7.67 -6.15
CA ALA B 848 18.25 -8.90 -6.92
C ALA B 848 19.01 -8.54 -8.19
N VAL B 849 20.23 -9.06 -8.31
CA VAL B 849 21.16 -8.58 -9.32
C VAL B 849 21.61 -9.70 -10.26
N LYS B 850 21.33 -9.53 -11.55
CA LYS B 850 21.88 -10.37 -12.60
C LYS B 850 23.10 -9.66 -13.16
N ILE B 851 24.15 -10.41 -13.43
CA ILE B 851 25.30 -9.87 -14.16
C ILE B 851 25.42 -10.67 -15.46
N THR B 852 24.88 -10.10 -16.52
CA THR B 852 24.83 -10.83 -17.79
C THR B 852 26.23 -11.02 -18.35
N ALA B 853 27.04 -9.96 -18.30
CA ALA B 853 28.43 -10.04 -18.73
C ALA B 853 29.30 -10.45 -17.55
N GLY B 854 29.26 -11.74 -17.21
CA GLY B 854 30.11 -12.30 -16.17
C GLY B 854 29.51 -13.42 -15.35
N GLY B 855 28.21 -13.38 -15.11
CA GLY B 855 27.50 -14.39 -14.33
C GLY B 855 27.58 -14.09 -12.85
N ALA B 856 26.46 -13.67 -12.27
CA ALA B 856 26.43 -13.20 -10.88
C ALA B 856 26.93 -14.22 -9.85
N GLN B 857 26.79 -15.50 -10.16
CA GLN B 857 27.26 -16.58 -9.29
C GLN B 857 28.78 -16.53 -9.07
N ASN B 858 29.48 -15.79 -9.94
CA ASN B 858 30.94 -15.66 -9.86
C ASN B 858 31.41 -14.46 -9.04
N TYR B 859 30.45 -13.72 -8.46
CA TYR B 859 30.73 -12.46 -7.79
C TYR B 859 30.36 -12.51 -6.33
N GLU B 860 30.87 -11.53 -5.57
CA GLU B 860 30.53 -11.38 -4.15
C GLU B 860 30.21 -9.92 -3.84
N VAL B 861 29.45 -9.71 -2.77
CA VAL B 861 28.93 -8.39 -2.42
C VAL B 861 29.53 -7.90 -1.10
N LYS B 862 29.98 -6.64 -1.11
CA LYS B 862 30.54 -6.03 0.08
C LYS B 862 29.89 -4.69 0.41
N ASN B 863 29.89 -4.37 1.70
CA ASN B 863 29.40 -3.11 2.22
C ASN B 863 30.39 -2.57 3.25
N VAL B 868 28.21 -8.96 3.18
CA VAL B 868 26.79 -8.95 2.82
C VAL B 868 26.29 -10.38 2.65
N ASN B 869 25.26 -10.73 3.42
CA ASN B 869 24.63 -12.06 3.39
C ASN B 869 23.86 -12.33 2.09
N ALA B 870 24.56 -12.31 0.97
CA ALA B 870 23.93 -12.49 -0.34
C ALA B 870 23.70 -13.96 -0.66
N LYS B 871 22.52 -14.25 -1.21
CA LYS B 871 22.18 -15.59 -1.67
C LYS B 871 22.23 -15.63 -3.20
N VAL B 872 22.62 -16.78 -3.74
CA VAL B 872 22.58 -16.99 -5.19
C VAL B 872 21.36 -17.86 -5.51
N VAL B 873 20.52 -17.36 -6.41
CA VAL B 873 19.39 -18.12 -6.92
C VAL B 873 19.58 -18.33 -8.42
N THR B 874 19.04 -19.42 -8.95
CA THR B 874 19.32 -19.83 -10.32
C THR B 874 18.05 -20.31 -10.99
N ASN B 875 17.87 -19.96 -12.27
CA ASN B 875 16.73 -20.44 -13.02
C ASN B 875 17.07 -21.69 -13.84
N ALA B 876 16.06 -22.22 -14.53
CA ALA B 876 16.21 -23.48 -15.26
C ALA B 876 17.27 -23.45 -16.35
N ASP B 877 17.58 -22.27 -16.87
CA ASP B 877 18.62 -22.17 -17.88
C ASP B 877 19.98 -21.73 -17.33
N GLY B 878 20.16 -21.81 -16.03
CA GLY B 878 21.45 -21.55 -15.42
C GLY B 878 21.83 -20.09 -15.23
N ALA B 879 20.89 -19.17 -15.43
CA ALA B 879 21.12 -17.76 -15.11
C ALA B 879 20.95 -17.58 -13.60
N SER B 880 21.78 -16.73 -13.01
CA SER B 880 21.76 -16.53 -11.57
C SER B 880 21.57 -15.07 -11.15
N LEU B 881 20.96 -14.88 -9.99
CA LEU B 881 20.91 -13.59 -9.32
C LEU B 881 21.61 -13.65 -7.98
N LEU B 882 22.22 -12.52 -7.60
CA LEU B 882 22.61 -12.27 -6.22
C LEU B 882 21.47 -11.54 -5.54
N VAL B 883 20.99 -12.09 -4.42
CA VAL B 883 19.84 -11.54 -3.73
C VAL B 883 20.24 -11.16 -2.31
N PHE B 884 19.99 -9.92 -1.93
CA PHE B 884 20.38 -9.44 -0.61
C PHE B 884 19.54 -8.27 -0.13
N ASP B 885 19.39 -8.17 1.18
CA ASP B 885 18.74 -7.03 1.80
C ASP B 885 19.57 -5.78 1.59
N THR B 886 18.90 -4.65 1.50
CA THR B 886 19.62 -3.38 1.49
C THR B 886 19.00 -2.40 2.47
N THR B 887 19.73 -1.33 2.72
CA THR B 887 19.29 -0.23 3.55
C THR B 887 19.46 1.05 2.76
N ALA B 888 18.43 1.90 2.78
CA ALA B 888 18.45 3.16 2.06
C ALA B 888 19.67 4.00 2.45
N GLY B 889 20.39 4.48 1.45
CA GLY B 889 21.59 5.28 1.66
C GLY B 889 22.90 4.54 1.52
N THR B 890 22.82 3.20 1.43
CA THR B 890 24.02 2.37 1.41
C THR B 890 24.40 1.94 -0.01
N THR B 891 25.69 1.97 -0.29
CA THR B 891 26.24 1.48 -1.55
C THR B 891 26.94 0.14 -1.35
N TYR B 892 26.57 -0.81 -2.22
CA TYR B 892 27.10 -2.16 -2.20
C TYR B 892 28.03 -2.35 -3.39
N THR B 893 29.19 -2.94 -3.14
CA THR B 893 30.19 -3.15 -4.16
C THR B 893 30.27 -4.63 -4.51
N ILE B 894 30.12 -4.94 -5.79
CA ILE B 894 30.09 -6.31 -6.28
C ILE B 894 31.30 -6.54 -7.18
N THR B 895 32.10 -7.55 -6.84
CA THR B 895 33.34 -7.85 -7.55
C THR B 895 33.51 -9.36 -7.75
N LYS B 896 34.36 -9.74 -8.71
CA LYS B 896 34.63 -11.14 -9.02
C LYS B 896 35.31 -11.85 -7.85
N LYS B 897 34.86 -13.06 -7.54
CA LYS B 897 35.52 -13.91 -6.56
C LYS B 897 36.87 -14.38 -7.10
#